data_1XN2
#
_entry.id   1XN2
#
_cell.length_a   86.223
_cell.length_b   130.784
_cell.length_c   88.744
_cell.angle_alpha   90.00
_cell.angle_beta   97.71
_cell.angle_gamma   90.00
#
_symmetry.space_group_name_H-M   'P 1 21 1'
#
loop_
_entity.id
_entity.type
_entity.pdbx_description
1 polymer 'Beta-secretase 1'
2 polymer OM03-4
3 water water
#
loop_
_entity_poly.entity_id
_entity_poly.type
_entity_poly.pdbx_seq_one_letter_code
_entity_poly.pdbx_strand_id
1 'polypeptide(L)'
;GSFVEMVDNLRGKSGQGYYVEMTVGSPPQTLNILVDTGSSNFAVGAAPHPFLHRYYQRQLSSTYRDLRKGVYVPYTQGKW
EGELGTDLVSIPHGPNVTVRANIAAITESDKFFINGSNWEGILGLAYAEIARPDDSLEPFFDSLVKQTHVPNLFSLQLCG
AGFPLNQSEVLASVGGSMIIGGIDHSLYTGSLWYTPIRREWYYEVIIVRVEINGQDLKMDCKEYNYDKSIVDSGTTNLRL
PKKVFEAAVKSIKAASSTEKFPDGFWLGEQLVCWQAGTTPWNIFPVISLYLMGEVTNQSFRITILPQQYLRPVEDVATSQ
DDCYKFAISQSSTGTVMGAVIMEGFYVVFDRARKRIGFAVSACHVHDEFRTAAVEGPFVTLDMEDCGYN
;
A,B,C,D
2 'polypeptide(L)' REWWSEVN(1OL)AEF E,F,G,H
#
loop_
_chem_comp.id
_chem_comp.type
_chem_comp.name
_chem_comp.formula
1OL peptide-like '(2R,4S,5S)-5-amino-4-hydroxy-2,7-dimethyloctanoic acid' 'C10 H21 N O3'
#
# COMPACT_ATOMS: atom_id res chain seq x y z
N GLY A 1 26.10 10.24 -42.50
CA GLY A 1 26.76 9.32 -41.51
C GLY A 1 25.93 8.09 -41.18
N SER A 2 26.54 7.16 -40.46
CA SER A 2 25.89 5.90 -40.08
C SER A 2 26.60 5.28 -38.86
N PHE A 3 26.01 5.43 -37.67
CA PHE A 3 26.56 4.92 -36.41
C PHE A 3 25.57 3.99 -35.71
N VAL A 4 25.23 2.89 -36.37
CA VAL A 4 24.25 1.93 -35.85
C VAL A 4 24.49 1.53 -34.40
N GLU A 5 25.76 1.50 -34.00
CA GLU A 5 26.13 1.13 -32.64
C GLU A 5 25.48 2.05 -31.60
N MET A 6 25.39 3.33 -31.91
CA MET A 6 24.80 4.30 -30.99
C MET A 6 23.31 4.57 -31.22
N VAL A 7 22.74 4.01 -32.28
CA VAL A 7 21.33 4.24 -32.56
C VAL A 7 20.53 3.56 -31.47
N ASP A 8 19.50 4.25 -30.98
CA ASP A 8 18.65 3.68 -29.94
C ASP A 8 19.39 3.40 -28.63
N ASN A 9 20.31 4.27 -28.24
CA ASN A 9 21.04 4.07 -26.99
C ASN A 9 20.46 4.87 -25.82
N LEU A 10 19.34 5.53 -26.07
CA LEU A 10 18.68 6.32 -25.02
C LEU A 10 17.37 5.70 -24.54
N ARG A 11 17.03 5.99 -23.30
CA ARG A 11 15.78 5.55 -22.70
C ARG A 11 15.23 6.73 -21.91
N GLY A 12 13.91 6.74 -21.65
CA GLY A 12 13.33 7.84 -20.88
C GLY A 12 12.14 8.48 -21.57
N LYS A 13 11.71 9.65 -21.10
CA LYS A 13 10.58 10.38 -21.70
C LYS A 13 10.73 11.81 -21.24
N SER A 14 10.02 12.74 -21.87
CA SER A 14 10.17 14.17 -21.59
C SER A 14 9.99 14.64 -20.15
N GLY A 15 9.07 14.01 -19.45
CA GLY A 15 8.81 14.41 -18.08
C GLY A 15 9.86 14.00 -17.07
N GLN A 16 10.62 12.96 -17.36
CA GLN A 16 11.66 12.45 -16.44
C GLN A 16 13.09 12.51 -16.97
N GLY A 17 13.25 12.93 -18.21
CA GLY A 17 14.56 13.01 -18.83
C GLY A 17 14.94 11.76 -19.62
N TYR A 18 15.88 11.92 -20.55
CA TYR A 18 16.38 10.83 -21.39
C TYR A 18 17.78 10.52 -20.89
N TYR A 19 18.11 9.24 -20.74
CA TYR A 19 19.40 8.88 -20.20
C TYR A 19 20.12 7.82 -21.03
N VAL A 20 21.43 7.75 -20.84
CA VAL A 20 22.29 6.83 -21.56
C VAL A 20 23.08 6.05 -20.52
N GLU A 21 23.44 4.82 -20.86
CA GLU A 21 24.20 3.99 -19.96
C GLU A 21 25.69 4.35 -20.02
N MET A 22 26.31 4.43 -18.85
CA MET A 22 27.74 4.74 -18.78
C MET A 22 28.35 3.83 -17.72
N THR A 23 29.67 3.70 -17.69
CA THR A 23 30.29 2.92 -16.61
C THR A 23 31.34 3.85 -16.07
N VAL A 24 31.54 3.82 -14.77
CA VAL A 24 32.55 4.66 -14.14
C VAL A 24 33.37 3.81 -13.20
N GLY A 25 34.67 4.10 -13.12
CA GLY A 25 35.52 3.36 -12.22
C GLY A 25 36.09 2.05 -12.66
N SER A 26 36.86 1.44 -11.75
CA SER A 26 37.52 0.16 -12.01
C SER A 26 37.38 -0.76 -10.80
N PRO A 27 36.70 -1.90 -10.95
CA PRO A 27 36.05 -2.38 -12.18
C PRO A 27 34.88 -1.44 -12.52
N PRO A 28 34.34 -1.52 -13.75
CA PRO A 28 33.24 -0.66 -14.17
C PRO A 28 31.98 -0.72 -13.32
N GLN A 29 31.45 0.43 -12.96
CA GLN A 29 30.20 0.49 -12.20
C GLN A 29 29.20 1.08 -13.22
N THR A 30 28.19 0.31 -13.59
CA THR A 30 27.21 0.79 -14.57
C THR A 30 26.23 1.74 -13.91
N LEU A 31 26.05 2.90 -14.54
CA LEU A 31 25.11 3.94 -14.06
C LEU A 31 24.37 4.56 -15.28
N ASN A 32 23.10 4.90 -15.09
CA ASN A 32 22.32 5.55 -16.15
C ASN A 32 22.45 7.04 -15.92
N ILE A 33 22.83 7.76 -16.99
CA ILE A 33 23.08 9.18 -16.89
C ILE A 33 22.18 10.01 -17.77
N LEU A 34 21.52 10.99 -17.15
CA LEU A 34 20.61 11.89 -17.85
C LEU A 34 21.39 12.80 -18.79
N VAL A 35 20.91 12.92 -20.03
CA VAL A 35 21.58 13.76 -21.03
C VAL A 35 21.03 15.17 -20.92
N ASP A 36 21.89 16.10 -20.45
CA ASP A 36 21.52 17.49 -20.19
C ASP A 36 22.30 18.58 -20.94
N THR A 37 21.74 19.08 -22.03
CA THR A 37 22.45 20.11 -22.78
C THR A 37 22.34 21.49 -22.10
N GLY A 38 21.58 21.59 -21.00
CA GLY A 38 21.46 22.88 -20.32
C GLY A 38 22.44 23.09 -19.15
N SER A 39 23.40 22.18 -18.98
CA SER A 39 24.38 22.32 -17.89
C SER A 39 25.73 21.75 -18.32
N SER A 40 26.74 21.92 -17.48
CA SER A 40 28.08 21.50 -17.86
C SER A 40 28.88 20.67 -16.88
N ASN A 41 28.20 20.12 -15.89
CA ASN A 41 28.86 19.26 -14.91
C ASN A 41 28.46 17.80 -15.04
N PHE A 42 29.45 16.91 -14.94
CA PHE A 42 29.17 15.47 -14.95
C PHE A 42 29.07 15.11 -13.46
N ALA A 43 27.92 14.61 -13.01
CA ALA A 43 27.79 14.25 -11.60
C ALA A 43 26.95 12.98 -11.45
N VAL A 44 27.24 12.21 -10.40
CA VAL A 44 26.50 10.98 -10.14
C VAL A 44 26.19 10.84 -8.67
N GLY A 45 25.07 10.20 -8.36
CA GLY A 45 24.70 9.94 -6.99
C GLY A 45 25.85 9.10 -6.44
N ALA A 46 26.29 9.40 -5.24
CA ALA A 46 27.41 8.67 -4.67
C ALA A 46 27.16 8.26 -3.24
N ALA A 47 25.88 8.26 -2.86
CA ALA A 47 25.46 7.89 -1.52
C ALA A 47 24.01 7.38 -1.61
N PRO A 48 23.61 6.48 -0.70
CA PRO A 48 22.22 6.03 -0.84
C PRO A 48 21.17 7.14 -0.87
N HIS A 49 20.08 6.85 -1.56
CA HIS A 49 18.99 7.79 -1.72
C HIS A 49 17.79 6.95 -2.10
N PRO A 50 16.59 7.33 -1.63
CA PRO A 50 15.31 6.65 -1.88
C PRO A 50 15.00 6.38 -3.35
N PHE A 51 15.45 7.28 -4.22
CA PHE A 51 15.19 7.15 -5.64
C PHE A 51 16.33 6.54 -6.47
N LEU A 52 17.41 6.12 -5.82
CA LEU A 52 18.52 5.49 -6.54
C LEU A 52 18.64 4.01 -6.24
N HIS A 53 18.60 3.17 -7.27
CA HIS A 53 18.73 1.71 -7.08
C HIS A 53 20.23 1.36 -7.05
N ARG A 54 21.06 2.31 -7.44
CA ARG A 54 22.49 2.13 -7.41
C ARG A 54 23.17 3.48 -7.45
N TYR A 55 24.42 3.52 -7.01
CA TYR A 55 25.13 4.76 -6.99
C TYR A 55 26.62 4.48 -7.10
N TYR A 56 27.38 5.53 -7.36
CA TYR A 56 28.82 5.45 -7.53
C TYR A 56 29.52 5.23 -6.19
N GLN A 57 30.25 4.13 -6.07
CA GLN A 57 30.97 3.81 -4.83
C GLN A 57 32.46 4.04 -5.05
N ARG A 58 32.93 5.24 -4.73
CA ARG A 58 34.32 5.57 -4.94
C ARG A 58 35.30 4.60 -4.26
N GLN A 59 34.97 4.13 -3.06
CA GLN A 59 35.86 3.23 -2.34
C GLN A 59 36.08 1.91 -3.08
N LEU A 60 35.21 1.59 -4.04
CA LEU A 60 35.35 0.33 -4.77
C LEU A 60 36.03 0.55 -6.12
N SER A 61 36.41 1.78 -6.43
CA SER A 61 37.08 2.04 -7.70
C SER A 61 38.56 2.30 -7.45
N SER A 62 39.40 1.46 -8.03
CA SER A 62 40.84 1.54 -7.84
C SER A 62 41.44 2.72 -8.57
N THR A 63 40.71 3.25 -9.55
CA THR A 63 41.21 4.36 -10.34
C THR A 63 40.64 5.72 -9.97
N TYR A 64 39.82 5.73 -8.92
CA TYR A 64 39.24 6.97 -8.44
C TYR A 64 40.34 7.91 -7.90
N ARG A 65 40.22 9.20 -8.22
CA ARG A 65 41.16 10.21 -7.76
C ARG A 65 40.39 11.34 -7.10
N ASP A 66 40.73 11.61 -5.85
CA ASP A 66 40.07 12.66 -5.07
C ASP A 66 40.69 14.01 -5.38
N LEU A 67 39.89 14.96 -5.82
CA LEU A 67 40.42 16.29 -6.11
C LEU A 67 40.33 17.22 -4.88
N ARG A 68 39.82 16.68 -3.77
CA ARG A 68 39.68 17.43 -2.51
C ARG A 68 39.07 18.80 -2.76
N LYS A 69 37.88 18.81 -3.34
CA LYS A 69 37.25 20.08 -3.65
C LYS A 69 35.74 19.83 -3.67
N GLY A 70 35.01 20.69 -2.96
CA GLY A 70 33.57 20.57 -2.90
C GLY A 70 32.96 21.26 -4.12
N VAL A 71 31.71 20.92 -4.44
CA VAL A 71 31.06 21.55 -5.58
C VAL A 71 29.58 21.57 -5.35
N TYR A 72 28.95 22.63 -5.85
CA TYR A 72 27.52 22.83 -5.67
C TYR A 72 26.91 23.27 -7.00
N VAL A 73 25.83 22.62 -7.43
CA VAL A 73 25.20 23.02 -8.68
C VAL A 73 23.68 23.20 -8.49
N PRO A 74 23.19 24.42 -8.73
CA PRO A 74 21.75 24.69 -8.59
C PRO A 74 21.20 24.77 -10.01
N TYR A 75 19.99 24.27 -10.20
CA TYR A 75 19.33 24.30 -11.51
C TYR A 75 17.99 25.02 -11.37
N THR A 76 17.36 25.32 -12.51
CA THR A 76 16.05 25.98 -12.43
C THR A 76 15.21 25.25 -11.38
N GLN A 77 15.23 23.94 -11.40
CA GLN A 77 14.52 23.18 -10.39
C GLN A 77 15.42 22.03 -9.96
N GLY A 78 15.76 21.99 -8.67
CA GLY A 78 16.64 20.96 -8.15
C GLY A 78 18.08 21.46 -7.95
N LYS A 79 18.83 20.74 -7.13
CA LYS A 79 20.22 21.08 -6.87
C LYS A 79 20.87 19.97 -6.09
N TRP A 80 22.20 19.98 -6.08
CA TRP A 80 22.93 18.95 -5.35
C TRP A 80 24.26 19.52 -4.93
N GLU A 81 24.87 18.86 -3.94
CA GLU A 81 26.19 19.26 -3.46
C GLU A 81 27.04 18.02 -3.54
N GLY A 82 28.32 18.19 -3.88
CA GLY A 82 29.15 17.00 -3.95
C GLY A 82 30.63 17.22 -3.82
N GLU A 83 31.38 16.16 -4.08
CA GLU A 83 32.84 16.20 -3.97
C GLU A 83 33.44 15.84 -5.33
N LEU A 84 34.38 16.66 -5.76
CA LEU A 84 35.03 16.46 -7.04
C LEU A 84 36.11 15.40 -7.01
N GLY A 85 36.27 14.73 -8.14
CA GLY A 85 37.28 13.71 -8.30
C GLY A 85 37.33 13.36 -9.77
N THR A 86 38.17 12.42 -10.15
CA THR A 86 38.19 11.99 -11.55
C THR A 86 38.23 10.47 -11.53
N ASP A 87 37.81 9.90 -12.64
CA ASP A 87 37.82 8.45 -12.76
C ASP A 87 37.68 8.10 -14.22
N LEU A 88 37.84 6.83 -14.53
CA LEU A 88 37.72 6.37 -15.90
C LEU A 88 36.23 6.18 -16.20
N VAL A 89 35.82 6.63 -17.38
CA VAL A 89 34.43 6.55 -17.80
C VAL A 89 34.36 5.97 -19.22
N SER A 90 33.36 5.11 -19.44
CA SER A 90 33.09 4.51 -20.75
C SER A 90 31.57 4.62 -21.02
N ILE A 91 31.21 4.56 -22.30
CA ILE A 91 29.82 4.63 -22.72
C ILE A 91 29.67 3.39 -23.55
N PRO A 92 29.04 2.34 -22.98
CA PRO A 92 28.82 1.05 -23.63
C PRO A 92 28.24 1.10 -25.05
N HIS A 93 27.25 1.96 -25.26
CA HIS A 93 26.65 2.09 -26.58
C HIS A 93 26.98 3.47 -27.14
N GLY A 94 28.27 3.80 -27.08
CA GLY A 94 28.76 5.06 -27.59
C GLY A 94 30.09 4.74 -28.27
N PRO A 95 30.95 5.72 -28.50
CA PRO A 95 32.23 5.41 -29.15
C PRO A 95 33.03 4.46 -28.24
N ASN A 96 33.86 3.60 -28.82
CA ASN A 96 34.60 2.68 -27.99
C ASN A 96 35.87 3.30 -27.43
N VAL A 97 35.69 4.22 -26.49
CA VAL A 97 36.81 4.91 -25.87
C VAL A 97 36.62 4.85 -24.37
N THR A 98 37.66 5.25 -23.64
CA THR A 98 37.61 5.31 -22.19
C THR A 98 38.30 6.61 -21.88
N VAL A 99 37.66 7.45 -21.09
CA VAL A 99 38.27 8.72 -20.79
C VAL A 99 38.35 8.96 -19.30
N ARG A 100 39.35 9.72 -18.87
CA ARG A 100 39.46 10.05 -17.45
C ARG A 100 38.78 11.40 -17.42
N ALA A 101 37.71 11.49 -16.65
CA ALA A 101 36.95 12.73 -16.62
C ALA A 101 36.67 13.23 -15.23
N ASN A 102 36.35 14.52 -15.13
CA ASN A 102 35.97 15.07 -13.87
C ASN A 102 34.61 14.47 -13.52
N ILE A 103 34.40 14.17 -12.23
CA ILE A 103 33.15 13.61 -11.75
C ILE A 103 32.77 14.22 -10.41
N ALA A 104 31.55 14.75 -10.31
CA ALA A 104 31.08 15.28 -9.04
C ALA A 104 30.30 14.13 -8.38
N ALA A 105 30.81 13.64 -7.26
CA ALA A 105 30.16 12.57 -6.53
C ALA A 105 29.10 13.27 -5.68
N ILE A 106 27.83 13.02 -5.97
CA ILE A 106 26.77 13.72 -5.24
C ILE A 106 26.57 13.15 -3.86
N THR A 107 26.74 14.03 -2.86
CA THR A 107 26.58 13.63 -1.46
C THR A 107 25.26 14.06 -0.82
N GLU A 108 24.72 15.19 -1.30
CA GLU A 108 23.46 15.75 -0.79
C GLU A 108 22.67 16.33 -1.99
N SER A 109 21.35 16.23 -1.96
CA SER A 109 20.57 16.78 -3.06
C SER A 109 19.12 17.07 -2.65
N ASP A 110 18.51 18.02 -3.34
CA ASP A 110 17.13 18.40 -3.08
C ASP A 110 16.31 18.51 -4.37
N LYS A 111 15.31 17.65 -4.52
CA LYS A 111 14.44 17.71 -5.70
C LYS A 111 15.21 17.60 -7.03
N PHE A 112 16.30 16.85 -6.99
CA PHE A 112 17.13 16.63 -8.15
C PHE A 112 16.76 15.25 -8.70
N PHE A 113 17.00 14.19 -7.92
CA PHE A 113 16.66 12.85 -8.39
C PHE A 113 15.17 12.73 -8.48
N ILE A 114 14.71 11.88 -9.39
CA ILE A 114 13.29 11.71 -9.63
C ILE A 114 12.89 10.26 -9.47
N ASN A 115 11.86 10.05 -8.68
CA ASN A 115 11.34 8.71 -8.42
C ASN A 115 10.91 8.03 -9.70
N GLY A 116 11.37 6.81 -9.94
CA GLY A 116 11.00 6.08 -11.14
C GLY A 116 11.71 6.44 -12.44
N SER A 117 12.55 7.47 -12.42
CA SER A 117 13.28 7.93 -13.61
C SER A 117 14.31 6.96 -14.16
N ASN A 118 14.87 6.14 -13.28
CA ASN A 118 15.89 5.15 -13.61
C ASN A 118 17.27 5.72 -13.98
N TRP A 119 17.50 7.02 -13.76
CA TRP A 119 18.82 7.57 -13.99
C TRP A 119 19.43 7.96 -12.64
N GLU A 120 20.75 7.87 -12.57
CA GLU A 120 21.53 8.10 -11.35
C GLU A 120 22.57 9.21 -11.37
N GLY A 121 22.66 9.91 -12.49
CA GLY A 121 23.61 10.97 -12.63
C GLY A 121 23.21 11.86 -13.77
N ILE A 122 24.03 12.86 -14.05
CA ILE A 122 23.73 13.79 -15.10
C ILE A 122 24.99 14.11 -15.88
N LEU A 123 24.82 14.23 -17.18
CA LEU A 123 25.92 14.55 -18.09
C LEU A 123 25.66 15.94 -18.69
N GLY A 124 26.28 16.96 -18.10
CA GLY A 124 26.16 18.33 -18.57
C GLY A 124 26.96 18.43 -19.85
N LEU A 125 26.28 18.70 -20.96
CA LEU A 125 26.90 18.71 -22.27
C LEU A 125 27.19 20.09 -22.81
N ALA A 126 26.90 21.12 -22.02
CA ALA A 126 27.14 22.50 -22.44
C ALA A 126 28.58 22.92 -22.12
N TYR A 127 28.87 24.20 -22.31
CA TYR A 127 30.22 24.71 -22.18
C TYR A 127 30.78 25.05 -20.81
N ALA A 128 32.10 25.03 -20.73
CA ALA A 128 32.82 25.30 -19.49
C ALA A 128 32.41 26.58 -18.79
N GLU A 129 32.05 27.60 -19.56
CA GLU A 129 31.67 28.89 -18.98
C GLU A 129 30.67 28.76 -17.86
N ILE A 130 29.80 27.74 -17.92
CA ILE A 130 28.80 27.59 -16.89
C ILE A 130 29.01 26.41 -15.93
N ALA A 131 30.16 25.76 -16.02
CA ALA A 131 30.46 24.65 -15.13
C ALA A 131 30.76 25.21 -13.74
N ARG A 132 30.46 24.43 -12.70
CA ARG A 132 30.73 24.80 -11.31
C ARG A 132 31.88 23.91 -10.87
N PRO A 133 32.77 24.40 -9.98
CA PRO A 133 32.83 25.70 -9.31
C PRO A 133 33.11 26.84 -10.28
N ASP A 134 33.79 26.54 -11.37
CA ASP A 134 34.12 27.56 -12.36
C ASP A 134 34.58 26.93 -13.66
N ASP A 135 34.82 27.76 -14.68
CA ASP A 135 35.22 27.23 -15.97
C ASP A 135 36.53 26.47 -16.09
N SER A 136 37.25 26.26 -14.99
CA SER A 136 38.47 25.47 -15.07
C SER A 136 38.11 23.97 -14.93
N LEU A 137 36.88 23.68 -14.48
CA LEU A 137 36.46 22.29 -14.39
C LEU A 137 36.04 21.80 -15.79
N GLU A 138 36.95 21.13 -16.48
CA GLU A 138 36.66 20.66 -17.83
C GLU A 138 35.45 19.73 -17.91
N PRO A 139 34.46 20.08 -18.76
CA PRO A 139 33.25 19.24 -18.90
C PRO A 139 33.58 17.91 -19.56
N PHE A 140 32.71 16.92 -19.37
CA PHE A 140 32.92 15.60 -19.96
C PHE A 140 33.22 15.59 -21.46
N PHE A 141 32.38 16.24 -22.24
CA PHE A 141 32.57 16.21 -23.69
C PHE A 141 33.92 16.83 -24.14
N ASP A 142 34.35 17.88 -23.44
CA ASP A 142 35.63 18.51 -23.76
C ASP A 142 36.75 17.50 -23.51
N SER A 143 36.66 16.72 -22.43
CA SER A 143 37.66 15.71 -22.11
C SER A 143 37.61 14.58 -23.14
N LEU A 144 36.41 14.21 -23.56
CA LEU A 144 36.26 13.14 -24.55
C LEU A 144 37.00 13.52 -25.83
N VAL A 145 36.72 14.73 -26.31
CA VAL A 145 37.36 15.24 -27.52
C VAL A 145 38.86 15.40 -27.38
N LYS A 146 39.31 15.95 -26.25
CA LYS A 146 40.76 16.13 -26.03
C LYS A 146 41.51 14.81 -25.91
N GLN A 147 40.92 13.84 -25.22
CA GLN A 147 41.59 12.57 -25.00
C GLN A 147 41.45 11.55 -26.10
N THR A 148 40.41 11.69 -26.92
CA THR A 148 40.16 10.75 -28.00
C THR A 148 40.09 11.63 -29.23
N HIS A 149 39.87 11.05 -30.39
CA HIS A 149 39.79 11.94 -31.54
C HIS A 149 38.37 12.05 -32.06
N VAL A 150 37.41 11.71 -31.19
CA VAL A 150 36.00 11.81 -31.54
C VAL A 150 35.70 13.21 -32.07
N PRO A 151 35.01 13.30 -33.21
CA PRO A 151 34.64 14.58 -33.83
C PRO A 151 33.95 15.45 -32.77
N ASN A 152 34.23 16.74 -32.76
CA ASN A 152 33.66 17.64 -31.77
C ASN A 152 32.19 18.02 -32.04
N LEU A 153 31.32 17.02 -31.98
CA LEU A 153 29.89 17.27 -32.12
C LEU A 153 29.11 16.04 -31.75
N PHE A 154 27.85 16.24 -31.36
CA PHE A 154 26.99 15.11 -31.03
C PHE A 154 25.59 15.45 -31.52
N SER A 155 24.76 14.44 -31.71
CA SER A 155 23.42 14.70 -32.17
C SER A 155 22.42 13.95 -31.31
N LEU A 156 21.23 14.51 -31.17
CA LEU A 156 20.22 13.88 -30.34
C LEU A 156 18.86 13.70 -31.03
N GLN A 157 18.33 12.49 -30.91
CA GLN A 157 17.01 12.20 -31.40
C GLN A 157 16.27 11.72 -30.16
N LEU A 158 15.44 12.57 -29.59
CA LEU A 158 14.67 12.18 -28.42
C LEU A 158 13.31 11.73 -28.92
N CYS A 159 12.90 10.52 -28.55
CA CYS A 159 11.61 10.02 -29.04
C CYS A 159 10.46 9.96 -28.04
N GLY A 160 9.47 10.82 -28.25
CA GLY A 160 8.28 10.81 -27.39
C GLY A 160 7.32 9.73 -27.90
N ALA A 161 6.66 9.02 -27.01
CA ALA A 161 5.73 7.96 -27.45
C ALA A 161 4.37 8.49 -27.96
N GLY A 162 3.95 9.63 -27.43
CA GLY A 162 2.65 10.18 -27.83
C GLY A 162 1.55 9.66 -26.91
N PHE A 163 1.92 8.82 -25.95
CA PHE A 163 0.99 8.26 -24.98
C PHE A 163 1.77 7.96 -23.70
N PRO A 164 1.07 7.74 -22.58
CA PRO A 164 1.80 7.47 -21.34
C PRO A 164 2.48 6.10 -21.34
N LEU A 165 3.63 6.04 -20.69
CA LEU A 165 4.39 4.79 -20.62
C LEU A 165 4.47 4.41 -19.17
N ASN A 166 4.20 3.16 -18.84
CA ASN A 166 4.32 2.77 -17.45
C ASN A 166 5.76 2.42 -17.16
N GLN A 167 6.08 2.11 -15.91
CA GLN A 167 7.44 1.82 -15.55
C GLN A 167 8.13 0.77 -16.42
N SER A 168 7.50 -0.38 -16.61
CA SER A 168 8.14 -1.40 -17.42
C SER A 168 8.31 -0.99 -18.88
N GLU A 169 7.33 -0.26 -19.41
CA GLU A 169 7.41 0.18 -20.79
C GLU A 169 8.55 1.15 -21.05
N VAL A 170 8.82 2.03 -20.07
CA VAL A 170 9.89 3.00 -20.20
C VAL A 170 11.22 2.27 -20.13
N LEU A 171 11.25 1.22 -19.33
CA LEU A 171 12.47 0.44 -19.21
C LEU A 171 12.74 -0.38 -20.46
N ALA A 172 11.68 -0.99 -20.98
CA ALA A 172 11.78 -1.87 -22.14
C ALA A 172 11.71 -1.20 -23.50
N SER A 173 11.52 0.10 -23.54
CA SER A 173 11.44 0.73 -24.85
C SER A 173 12.64 1.64 -25.14
N VAL A 174 12.84 1.95 -26.42
CA VAL A 174 13.94 2.81 -26.83
C VAL A 174 13.46 4.26 -26.83
N GLY A 175 14.13 5.11 -26.07
CA GLY A 175 13.72 6.50 -25.99
C GLY A 175 14.41 7.40 -26.98
N GLY A 176 15.35 6.86 -27.74
CA GLY A 176 16.01 7.70 -28.70
C GLY A 176 17.48 7.41 -28.89
N SER A 177 18.19 8.32 -29.55
CA SER A 177 19.61 8.16 -29.82
C SER A 177 20.46 9.38 -29.52
N MET A 178 21.67 9.13 -29.02
CA MET A 178 22.64 10.18 -28.83
C MET A 178 23.82 9.67 -29.67
N ILE A 179 24.08 10.33 -30.80
CA ILE A 179 25.17 9.91 -31.66
C ILE A 179 26.33 10.81 -31.29
N ILE A 180 27.38 10.19 -30.76
CA ILE A 180 28.56 10.92 -30.32
C ILE A 180 29.61 10.96 -31.42
N GLY A 181 29.90 12.16 -31.90
CA GLY A 181 30.90 12.32 -32.95
C GLY A 181 30.36 12.25 -34.36
N GLY A 182 29.03 12.32 -34.52
CA GLY A 182 28.50 12.23 -35.86
C GLY A 182 27.02 12.48 -35.97
N ILE A 183 26.53 12.30 -37.20
CA ILE A 183 25.15 12.49 -37.63
C ILE A 183 24.69 11.20 -38.31
N ASP A 184 23.53 10.66 -37.94
CA ASP A 184 23.06 9.43 -38.58
C ASP A 184 21.80 9.75 -39.40
N HIS A 185 21.94 9.67 -40.72
CA HIS A 185 20.83 9.99 -41.63
C HIS A 185 19.54 9.20 -41.46
N SER A 186 19.58 8.05 -40.79
CA SER A 186 18.37 7.30 -40.61
C SER A 186 17.46 7.95 -39.54
N LEU A 187 17.97 8.94 -38.81
CA LEU A 187 17.22 9.57 -37.72
C LEU A 187 16.36 10.78 -38.09
N TYR A 188 16.40 11.20 -39.36
CA TYR A 188 15.63 12.35 -39.78
C TYR A 188 15.23 12.27 -41.23
N THR A 189 14.33 13.17 -41.63
CA THR A 189 13.91 13.24 -43.03
C THR A 189 14.11 14.69 -43.47
N GLY A 190 14.12 14.92 -44.77
CA GLY A 190 14.30 16.27 -45.26
C GLY A 190 15.71 16.70 -44.98
N SER A 191 15.99 18.00 -45.07
CA SER A 191 17.34 18.46 -44.82
C SER A 191 17.56 19.14 -43.47
N LEU A 192 18.83 19.27 -43.09
CA LEU A 192 19.21 19.91 -41.85
C LEU A 192 19.41 21.40 -42.06
N TRP A 193 18.84 22.20 -41.18
CA TRP A 193 19.00 23.64 -41.24
C TRP A 193 19.74 24.02 -39.99
N TYR A 194 20.75 24.87 -40.14
CA TYR A 194 21.57 25.29 -39.03
C TYR A 194 21.36 26.71 -38.57
N THR A 195 21.41 26.89 -37.25
CA THR A 195 21.31 28.22 -36.68
C THR A 195 22.63 28.37 -35.92
N PRO A 196 23.15 29.61 -35.78
CA PRO A 196 24.42 29.76 -35.06
C PRO A 196 24.30 29.74 -33.55
N ILE A 197 25.31 29.19 -32.89
CA ILE A 197 25.34 29.20 -31.44
C ILE A 197 25.83 30.63 -31.20
N ARG A 198 25.03 31.43 -30.52
CA ARG A 198 25.40 32.83 -30.30
C ARG A 198 26.63 32.97 -29.41
N ARG A 199 26.66 32.21 -28.32
CA ARG A 199 27.80 32.26 -27.40
C ARG A 199 27.97 30.87 -26.85
N GLU A 200 29.21 30.45 -26.64
CA GLU A 200 29.44 29.13 -26.07
C GLU A 200 29.35 29.09 -24.55
N TRP A 201 28.13 29.02 -24.01
CA TRP A 201 27.95 28.86 -22.56
C TRP A 201 26.84 27.83 -22.45
N TYR A 202 25.59 28.28 -22.62
CA TYR A 202 24.47 27.35 -22.72
C TYR A 202 24.52 27.17 -24.25
N TYR A 203 23.65 26.33 -24.83
CA TYR A 203 23.65 26.27 -26.28
C TYR A 203 22.66 27.39 -26.66
N GLU A 204 23.17 28.62 -26.73
CA GLU A 204 22.32 29.77 -27.00
C GLU A 204 22.06 30.04 -28.49
N VAL A 205 20.80 30.35 -28.80
CA VAL A 205 20.39 30.63 -30.16
C VAL A 205 19.53 31.90 -30.21
N ILE A 206 19.18 32.31 -31.41
CA ILE A 206 18.32 33.48 -31.54
C ILE A 206 17.06 33.19 -32.37
N ILE A 207 15.93 33.42 -31.73
CA ILE A 207 14.62 33.26 -32.33
C ILE A 207 14.29 34.64 -32.87
N VAL A 208 13.86 34.71 -34.13
CA VAL A 208 13.55 36.00 -34.74
C VAL A 208 12.09 36.24 -35.09
N ARG A 209 11.24 35.22 -34.92
CA ARG A 209 9.82 35.37 -35.24
C ARG A 209 9.10 34.14 -34.69
N VAL A 210 7.87 34.34 -34.25
CA VAL A 210 7.03 33.27 -33.73
C VAL A 210 5.64 33.38 -34.40
N GLU A 211 5.11 32.24 -34.85
CA GLU A 211 3.77 32.18 -35.46
C GLU A 211 2.94 31.11 -34.78
N ILE A 212 1.64 31.34 -34.72
CA ILE A 212 0.69 30.36 -34.15
C ILE A 212 -0.27 30.12 -35.34
N ASN A 213 -0.22 28.93 -35.95
CA ASN A 213 -1.04 28.65 -37.14
C ASN A 213 -0.84 29.74 -38.23
N GLY A 214 0.42 30.07 -38.49
CA GLY A 214 0.74 31.06 -39.50
C GLY A 214 0.55 32.52 -39.10
N GLN A 215 -0.07 32.78 -37.95
CA GLN A 215 -0.29 34.16 -37.55
C GLN A 215 0.86 34.66 -36.68
N ASP A 216 1.49 35.73 -37.15
CA ASP A 216 2.64 36.35 -36.48
C ASP A 216 2.26 36.84 -35.09
N LEU A 217 3.05 36.46 -34.10
CA LEU A 217 2.81 36.91 -32.73
C LEU A 217 3.04 38.42 -32.76
N LYS A 218 3.91 38.86 -33.65
CA LYS A 218 4.14 40.28 -33.82
C LYS A 218 4.68 41.03 -32.59
N MET A 219 5.66 40.45 -31.90
CA MET A 219 6.25 41.14 -30.76
C MET A 219 7.64 41.60 -31.21
N ASP A 220 8.23 42.56 -30.50
CA ASP A 220 9.59 42.99 -30.79
C ASP A 220 10.38 41.69 -30.63
N CYS A 221 11.19 41.30 -31.60
CA CYS A 221 11.90 40.03 -31.48
C CYS A 221 12.85 39.90 -30.28
N LYS A 222 13.35 41.01 -29.75
CA LYS A 222 14.23 40.92 -28.58
C LYS A 222 13.47 40.22 -27.46
N GLU A 223 12.14 40.36 -27.45
CA GLU A 223 11.33 39.73 -26.41
C GLU A 223 11.41 38.20 -26.41
N TYR A 224 11.55 37.60 -27.59
CA TYR A 224 11.61 36.13 -27.69
C TYR A 224 12.90 35.58 -27.09
N ASN A 225 13.93 36.42 -27.04
CA ASN A 225 15.21 36.00 -26.50
C ASN A 225 15.50 36.79 -25.25
N TYR A 226 14.43 37.32 -24.66
CA TYR A 226 14.58 38.14 -23.48
C TYR A 226 15.25 37.38 -22.39
N ASP A 227 16.53 37.76 -22.30
CA ASP A 227 17.52 37.26 -21.40
C ASP A 227 18.38 36.37 -22.29
N LYS A 228 17.78 35.27 -22.76
CA LYS A 228 18.50 34.33 -23.63
C LYS A 228 17.51 33.28 -24.14
N SER A 229 17.95 32.51 -25.13
CA SER A 229 17.15 31.43 -25.72
C SER A 229 18.09 30.25 -25.83
N ILE A 230 17.78 29.13 -25.17
CA ILE A 230 18.67 27.98 -25.22
C ILE A 230 17.97 26.67 -25.60
N VAL A 231 18.77 25.66 -25.96
CA VAL A 231 18.23 24.36 -26.32
C VAL A 231 18.67 23.51 -25.15
N ASP A 232 17.70 22.88 -24.48
CA ASP A 232 17.97 22.08 -23.29
C ASP A 232 17.17 20.79 -23.20
N SER A 233 17.86 19.68 -23.48
CA SER A 233 17.27 18.35 -23.44
C SER A 233 16.87 17.98 -22.02
N GLY A 234 17.44 18.67 -21.02
CA GLY A 234 17.10 18.40 -19.63
C GLY A 234 15.91 19.19 -19.11
N THR A 235 15.20 19.87 -20.00
CA THR A 235 14.00 20.62 -19.59
C THR A 235 12.83 20.01 -20.36
N THR A 236 11.77 19.64 -19.64
CA THR A 236 10.62 19.00 -20.25
C THR A 236 9.90 19.94 -21.24
N ASN A 237 9.50 21.12 -20.75
CA ASN A 237 8.69 22.06 -21.54
C ASN A 237 9.35 23.01 -22.52
N LEU A 238 8.49 23.61 -23.35
CA LEU A 238 8.90 24.68 -24.21
C LEU A 238 8.65 25.79 -23.18
N ARG A 239 9.68 26.55 -22.75
CA ARG A 239 9.47 27.62 -21.78
C ARG A 239 9.68 28.98 -22.45
N LEU A 240 8.79 29.92 -22.17
CA LEU A 240 8.84 31.22 -22.81
C LEU A 240 8.90 32.38 -21.82
N PRO A 241 9.59 33.48 -22.19
CA PRO A 241 9.68 34.66 -21.32
C PRO A 241 8.23 35.07 -21.00
N LYS A 242 7.98 35.59 -19.81
CA LYS A 242 6.62 35.93 -19.40
C LYS A 242 5.74 36.65 -20.43
N LYS A 243 6.25 37.70 -21.08
CA LYS A 243 5.43 38.42 -22.06
C LYS A 243 5.08 37.58 -23.29
N VAL A 244 6.05 36.79 -23.76
CA VAL A 244 5.86 35.93 -24.92
C VAL A 244 4.87 34.83 -24.55
N PHE A 245 5.05 34.26 -23.37
CA PHE A 245 4.14 33.24 -22.88
C PHE A 245 2.71 33.76 -22.85
N GLU A 246 2.49 34.98 -22.34
CA GLU A 246 1.11 35.48 -22.29
C GLU A 246 0.54 35.69 -23.68
N ALA A 247 1.32 36.26 -24.58
CA ALA A 247 0.83 36.45 -25.94
C ALA A 247 0.57 35.10 -26.64
N ALA A 248 1.49 34.15 -26.45
CA ALA A 248 1.35 32.85 -27.08
C ALA A 248 0.11 32.13 -26.58
N VAL A 249 -0.12 32.15 -25.27
CA VAL A 249 -1.28 31.46 -24.72
C VAL A 249 -2.57 32.10 -25.19
N LYS A 250 -2.60 33.42 -25.25
CA LYS A 250 -3.80 34.13 -25.70
C LYS A 250 -4.15 33.65 -27.14
N SER A 251 -3.11 33.54 -27.97
CA SER A 251 -3.31 33.11 -29.35
C SER A 251 -3.69 31.61 -29.48
N ILE A 252 -3.10 30.74 -28.66
CA ILE A 252 -3.47 29.32 -28.71
C ILE A 252 -4.90 29.13 -28.19
N LYS A 253 -5.27 29.87 -27.15
CA LYS A 253 -6.64 29.80 -26.61
C LYS A 253 -7.63 30.21 -27.71
N ALA A 254 -7.31 31.28 -28.44
CA ALA A 254 -8.21 31.75 -29.49
C ALA A 254 -8.37 30.71 -30.62
N ALA A 255 -7.28 30.06 -31.00
CA ALA A 255 -7.34 29.04 -32.05
C ALA A 255 -8.12 27.79 -31.61
N SER A 256 -8.10 27.49 -30.31
CA SER A 256 -8.78 26.31 -29.81
C SER A 256 -10.10 26.61 -29.10
N SER A 257 -10.59 27.84 -29.21
CA SER A 257 -11.81 28.24 -28.50
C SER A 257 -13.08 27.42 -28.70
N THR A 258 -13.13 26.53 -29.70
CA THR A 258 -14.33 25.71 -29.88
C THR A 258 -14.47 24.78 -28.69
N GLU A 259 -13.42 24.71 -27.87
CA GLU A 259 -13.48 23.93 -26.66
C GLU A 259 -12.88 24.80 -25.58
N LYS A 260 -13.44 24.72 -24.38
CA LYS A 260 -12.91 25.55 -23.29
C LYS A 260 -12.23 24.64 -22.28
N PHE A 261 -11.11 25.11 -21.75
CA PHE A 261 -10.36 24.35 -20.78
C PHE A 261 -10.17 25.23 -19.54
N PRO A 262 -10.11 24.60 -18.36
CA PRO A 262 -9.93 25.42 -17.16
C PRO A 262 -8.61 26.21 -17.20
N ASP A 263 -8.57 27.33 -16.49
CA ASP A 263 -7.36 28.16 -16.44
C ASP A 263 -6.17 27.31 -15.96
N GLY A 264 -6.45 26.40 -15.03
CA GLY A 264 -5.39 25.55 -14.52
C GLY A 264 -4.67 24.76 -15.60
N PHE A 265 -5.39 24.42 -16.67
CA PHE A 265 -4.77 23.65 -17.74
C PHE A 265 -3.67 24.48 -18.38
N TRP A 266 -4.02 25.71 -18.76
CA TRP A 266 -3.08 26.61 -19.38
C TRP A 266 -1.91 26.98 -18.48
N LEU A 267 -2.06 26.79 -17.17
CA LEU A 267 -0.97 27.11 -16.24
C LEU A 267 -0.17 25.84 -15.97
N GLY A 268 -0.54 24.76 -16.65
CA GLY A 268 0.16 23.51 -16.48
C GLY A 268 -0.11 22.95 -15.11
N GLU A 269 -1.23 23.35 -14.54
CA GLU A 269 -1.58 22.87 -13.22
C GLU A 269 -2.53 21.71 -13.24
N GLN A 270 -3.23 21.51 -14.35
CA GLN A 270 -4.13 20.36 -14.41
C GLN A 270 -4.17 19.74 -15.79
N LEU A 271 -4.61 18.49 -15.85
CA LEU A 271 -4.64 17.84 -17.14
C LEU A 271 -5.98 17.96 -17.85
N VAL A 272 -5.99 17.69 -19.14
CA VAL A 272 -7.27 17.71 -19.85
C VAL A 272 -7.36 16.31 -20.40
N CYS A 273 -8.56 15.74 -20.35
CA CYS A 273 -8.77 14.38 -20.82
C CYS A 273 -9.89 14.26 -21.84
N TRP A 274 -9.68 13.38 -22.80
CA TRP A 274 -10.69 13.16 -23.81
C TRP A 274 -10.94 11.66 -23.85
N GLN A 275 -12.15 11.29 -24.23
CA GLN A 275 -12.49 9.89 -24.33
C GLN A 275 -11.55 9.23 -25.35
N ALA A 276 -11.22 7.97 -25.08
CA ALA A 276 -10.29 7.17 -25.88
C ALA A 276 -10.27 7.45 -27.36
N GLY A 277 -9.11 7.92 -27.84
CA GLY A 277 -8.94 8.18 -29.26
C GLY A 277 -9.55 9.43 -29.86
N THR A 278 -10.23 10.24 -29.05
CA THR A 278 -10.90 11.42 -29.56
C THR A 278 -10.23 12.77 -29.32
N THR A 279 -8.96 12.75 -28.91
CA THR A 279 -8.24 14.01 -28.71
C THR A 279 -8.41 14.79 -30.01
N PRO A 280 -8.94 16.02 -29.93
CA PRO A 280 -9.17 16.87 -31.11
C PRO A 280 -7.92 17.66 -31.50
N TRP A 281 -6.89 16.94 -31.93
CA TRP A 281 -5.65 17.59 -32.33
C TRP A 281 -5.88 18.74 -33.29
N ASN A 282 -6.74 18.52 -34.28
CA ASN A 282 -7.01 19.52 -35.31
C ASN A 282 -7.42 20.87 -34.75
N ILE A 283 -8.05 20.93 -33.58
CA ILE A 283 -8.42 22.27 -33.10
C ILE A 283 -7.24 23.08 -32.55
N PHE A 284 -6.16 22.39 -32.16
CA PHE A 284 -4.98 23.10 -31.65
C PHE A 284 -4.07 23.53 -32.79
N PRO A 285 -3.47 24.73 -32.69
CA PRO A 285 -2.60 25.27 -33.72
C PRO A 285 -1.18 24.72 -33.71
N VAL A 286 -0.52 24.84 -34.85
CA VAL A 286 0.87 24.44 -34.93
C VAL A 286 1.62 25.71 -34.45
N ILE A 287 2.86 25.58 -34.00
CA ILE A 287 3.65 26.72 -33.52
C ILE A 287 4.95 26.69 -34.30
N SER A 288 5.30 27.81 -34.90
CA SER A 288 6.52 27.93 -35.67
C SER A 288 7.45 28.92 -34.99
N LEU A 289 8.70 28.50 -34.83
CA LEU A 289 9.72 29.36 -34.28
C LEU A 289 10.71 29.52 -35.42
N TYR A 290 10.99 30.77 -35.78
CA TYR A 290 11.95 31.07 -36.84
C TYR A 290 13.29 31.33 -36.18
N LEU A 291 14.33 30.70 -36.70
CA LEU A 291 15.67 30.80 -36.17
C LEU A 291 16.57 31.49 -37.16
N MET A 292 17.51 32.27 -36.65
CA MET A 292 18.49 32.97 -37.48
C MET A 292 19.28 31.89 -38.25
N GLY A 293 19.50 32.11 -39.54
CA GLY A 293 20.23 31.16 -40.34
C GLY A 293 21.73 31.42 -40.34
N GLU A 294 22.49 30.60 -41.07
CA GLU A 294 23.93 30.80 -41.15
C GLU A 294 24.25 31.85 -42.21
N VAL A 295 23.36 32.00 -43.19
CA VAL A 295 23.53 32.98 -44.27
C VAL A 295 22.98 34.33 -43.84
N THR A 296 23.68 35.41 -44.21
CA THR A 296 23.26 36.75 -43.82
C THR A 296 21.81 37.00 -44.24
N ASN A 297 21.05 37.68 -43.38
CA ASN A 297 19.65 38.00 -43.66
C ASN A 297 18.80 36.81 -44.08
N GLN A 298 19.11 35.65 -43.54
CA GLN A 298 18.35 34.47 -43.89
C GLN A 298 17.94 33.77 -42.59
N SER A 299 16.72 33.22 -42.57
CA SER A 299 16.25 32.49 -41.40
C SER A 299 15.51 31.25 -41.90
N PHE A 300 15.14 30.37 -40.98
CA PHE A 300 14.38 29.18 -41.32
C PHE A 300 13.44 28.95 -40.16
N ARG A 301 12.48 28.05 -40.31
CA ARG A 301 11.57 27.83 -39.20
C ARG A 301 11.40 26.38 -38.85
N ILE A 302 11.07 26.12 -37.60
CA ILE A 302 10.78 24.76 -37.20
C ILE A 302 9.35 24.88 -36.72
N THR A 303 8.52 23.93 -37.09
CA THR A 303 7.10 23.95 -36.71
C THR A 303 6.76 22.68 -35.93
N ILE A 304 6.11 22.87 -34.78
CA ILE A 304 5.70 21.74 -33.97
C ILE A 304 4.19 21.69 -33.89
N LEU A 305 3.71 20.51 -33.55
CA LEU A 305 2.32 20.22 -33.48
C LEU A 305 1.89 20.11 -32.04
N PRO A 306 0.56 20.06 -31.84
CA PRO A 306 0.06 19.91 -30.48
C PRO A 306 0.54 18.54 -29.96
N GLN A 307 0.80 17.59 -30.85
CA GLN A 307 1.32 16.30 -30.38
C GLN A 307 2.67 16.48 -29.68
N GLN A 308 3.34 17.60 -29.92
CA GLN A 308 4.57 17.89 -29.22
C GLN A 308 4.29 18.71 -27.93
N TYR A 309 3.50 19.78 -28.02
CA TYR A 309 3.28 20.61 -26.81
C TYR A 309 2.18 20.17 -25.82
N LEU A 310 1.45 19.11 -26.13
CA LEU A 310 0.49 18.54 -25.18
C LEU A 310 1.14 17.21 -24.78
N ARG A 311 1.65 17.17 -23.55
CA ARG A 311 2.35 16.01 -23.02
C ARG A 311 1.41 14.94 -22.46
N PRO A 312 1.48 13.70 -22.97
CA PRO A 312 0.64 12.61 -22.51
C PRO A 312 0.97 12.29 -21.06
N VAL A 313 -0.07 12.08 -20.25
CA VAL A 313 0.13 11.75 -18.84
C VAL A 313 -0.94 10.74 -18.49
N GLU A 314 -0.61 9.78 -17.64
CA GLU A 314 -1.60 8.79 -17.29
C GLU A 314 -2.68 9.39 -16.42
N ASP A 315 -3.84 8.78 -16.47
CA ASP A 315 -4.98 9.19 -15.68
C ASP A 315 -5.02 8.09 -14.63
N VAL A 316 -4.55 8.38 -13.42
CA VAL A 316 -4.60 7.33 -12.38
C VAL A 316 -6.10 7.06 -12.25
N ALA A 317 -6.92 8.08 -12.52
CA ALA A 317 -8.36 7.92 -12.49
C ALA A 317 -8.59 6.76 -13.44
N THR A 318 -9.21 5.69 -12.94
CA THR A 318 -9.45 4.49 -13.76
C THR A 318 -10.38 4.72 -14.96
N SER A 319 -9.79 4.75 -16.15
CA SER A 319 -10.56 4.97 -17.38
C SER A 319 -9.66 4.74 -18.60
N GLN A 320 -10.26 4.72 -19.79
CA GLN A 320 -9.48 4.56 -21.00
C GLN A 320 -9.29 5.93 -21.68
N ASP A 321 -9.45 7.03 -20.94
CA ASP A 321 -9.27 8.36 -21.52
C ASP A 321 -7.81 8.64 -21.90
N ASP A 322 -7.63 9.52 -22.87
CA ASP A 322 -6.30 9.97 -23.27
C ASP A 322 -6.18 11.35 -22.61
N CYS A 323 -5.19 11.50 -21.72
CA CYS A 323 -5.03 12.74 -20.97
C CYS A 323 -3.71 13.41 -21.25
N TYR A 324 -3.67 14.73 -21.05
CA TYR A 324 -2.47 15.51 -21.36
C TYR A 324 -2.32 16.71 -20.48
N LYS A 325 -1.07 17.20 -20.42
CA LYS A 325 -0.74 18.41 -19.69
C LYS A 325 -0.22 19.39 -20.74
N PHE A 326 -0.48 20.68 -20.55
CA PHE A 326 -0.02 21.72 -21.47
C PHE A 326 1.47 21.87 -21.16
N ALA A 327 2.33 21.61 -22.13
CA ALA A 327 3.77 21.63 -21.88
C ALA A 327 4.51 22.87 -22.36
N ILE A 328 3.86 24.02 -22.25
CA ILE A 328 4.48 25.31 -22.54
C ILE A 328 4.25 26.07 -21.24
N SER A 329 5.29 26.72 -20.71
CA SER A 329 5.13 27.48 -19.47
C SER A 329 5.98 28.73 -19.47
N GLN A 330 5.74 29.61 -18.50
CA GLN A 330 6.54 30.82 -18.50
C GLN A 330 7.87 30.62 -17.83
N SER A 331 8.82 31.46 -18.22
CA SER A 331 10.16 31.44 -17.71
C SER A 331 10.53 32.86 -17.29
N SER A 332 11.41 32.97 -16.32
CA SER A 332 11.86 34.29 -15.88
C SER A 332 13.35 34.30 -16.19
N THR A 333 13.79 33.29 -16.92
CA THR A 333 15.19 33.19 -17.32
C THR A 333 15.38 32.97 -18.82
N GLY A 334 14.42 33.44 -19.61
CA GLY A 334 14.53 33.30 -21.05
C GLY A 334 13.83 32.09 -21.65
N THR A 335 13.99 31.92 -22.96
CA THR A 335 13.37 30.81 -23.66
C THR A 335 14.16 29.51 -23.49
N VAL A 336 13.44 28.41 -23.26
CA VAL A 336 14.07 27.11 -23.17
C VAL A 336 13.35 26.17 -24.17
N MET A 337 14.07 25.75 -25.20
CA MET A 337 13.51 24.80 -26.16
C MET A 337 13.83 23.44 -25.54
N GLY A 338 12.85 22.95 -24.79
CA GLY A 338 12.99 21.71 -24.08
C GLY A 338 12.67 20.45 -24.85
N ALA A 339 12.58 19.35 -24.13
CA ALA A 339 12.34 18.04 -24.72
C ALA A 339 11.10 18.01 -25.59
N VAL A 340 10.07 18.74 -25.17
CA VAL A 340 8.83 18.75 -25.90
C VAL A 340 9.09 19.20 -27.34
N ILE A 341 9.95 20.20 -27.49
CA ILE A 341 10.34 20.71 -28.78
C ILE A 341 11.37 19.77 -29.47
N MET A 342 12.37 19.30 -28.75
CA MET A 342 13.36 18.39 -29.32
C MET A 342 12.76 17.06 -29.80
N GLU A 343 11.63 16.66 -29.23
CA GLU A 343 11.00 15.42 -29.67
C GLU A 343 10.50 15.52 -31.10
N GLY A 344 10.36 16.72 -31.63
CA GLY A 344 9.89 16.84 -32.99
C GLY A 344 11.04 16.79 -33.99
N PHE A 345 12.27 17.00 -33.52
CA PHE A 345 13.41 17.08 -34.41
C PHE A 345 14.67 16.30 -34.06
N TYR A 346 15.51 16.13 -35.07
CA TYR A 346 16.81 15.51 -34.87
C TYR A 346 17.61 16.80 -34.70
N VAL A 347 18.36 16.92 -33.59
CA VAL A 347 19.11 18.13 -33.30
C VAL A 347 20.60 17.82 -33.27
N VAL A 348 21.33 18.56 -34.07
CA VAL A 348 22.77 18.36 -34.21
C VAL A 348 23.48 19.50 -33.52
N PHE A 349 24.27 19.15 -32.50
CA PHE A 349 25.04 20.12 -31.72
C PHE A 349 26.43 20.08 -32.32
N ASP A 350 26.62 20.88 -33.37
CA ASP A 350 27.88 20.95 -34.11
C ASP A 350 28.76 21.98 -33.42
N ARG A 351 29.39 21.56 -32.33
CA ARG A 351 30.27 22.44 -31.57
C ARG A 351 31.45 22.93 -32.43
N ALA A 352 31.96 22.04 -33.28
CA ALA A 352 33.08 22.33 -34.17
C ALA A 352 32.81 23.56 -35.05
N ARG A 353 31.61 23.63 -35.64
CA ARG A 353 31.26 24.76 -36.49
C ARG A 353 30.37 25.77 -35.77
N LYS A 354 30.31 25.64 -34.45
CA LYS A 354 29.53 26.54 -33.61
C LYS A 354 28.12 26.78 -34.17
N ARG A 355 27.38 25.70 -34.37
CA ARG A 355 26.03 25.80 -34.91
C ARG A 355 25.18 24.61 -34.45
N ILE A 356 23.86 24.80 -34.46
CA ILE A 356 22.92 23.76 -34.06
C ILE A 356 22.04 23.48 -35.28
N GLY A 357 21.96 22.22 -35.69
CA GLY A 357 21.15 21.85 -36.84
C GLY A 357 19.83 21.21 -36.42
N PHE A 358 18.78 21.43 -37.21
CA PHE A 358 17.46 20.85 -36.95
C PHE A 358 16.93 20.19 -38.22
N ALA A 359 16.38 19.00 -38.08
CA ALA A 359 15.73 18.30 -39.19
C ALA A 359 14.51 17.66 -38.56
N VAL A 360 13.52 17.33 -39.39
CA VAL A 360 12.33 16.67 -38.88
C VAL A 360 12.75 15.28 -38.38
N SER A 361 12.37 14.95 -37.15
CA SER A 361 12.73 13.66 -36.59
C SER A 361 11.94 12.53 -37.21
N ALA A 362 12.62 11.43 -37.49
CA ALA A 362 11.98 10.26 -38.06
C ALA A 362 11.09 9.55 -37.02
N CYS A 363 11.14 9.97 -35.77
CA CYS A 363 10.28 9.34 -34.77
C CYS A 363 9.29 10.37 -34.14
N HIS A 364 9.06 11.51 -34.76
CA HIS A 364 8.16 12.44 -34.10
C HIS A 364 6.71 11.98 -34.18
N VAL A 365 5.92 12.38 -33.17
CA VAL A 365 4.53 11.98 -33.11
C VAL A 365 3.68 12.95 -33.95
N HIS A 366 2.79 12.41 -34.78
CA HIS A 366 1.94 13.28 -35.59
C HIS A 366 0.68 12.52 -35.96
N ASP A 367 -0.17 13.09 -36.79
CA ASP A 367 -1.38 12.39 -37.23
C ASP A 367 -1.31 12.34 -38.77
N GLU A 368 -2.34 11.81 -39.41
CA GLU A 368 -2.36 11.72 -40.86
C GLU A 368 -2.47 13.08 -41.57
N PHE A 369 -2.86 14.12 -40.84
CA PHE A 369 -3.08 15.40 -41.48
C PHE A 369 -1.99 16.43 -41.44
N ARG A 370 -1.17 16.37 -40.38
CA ARG A 370 -0.11 17.34 -40.18
C ARG A 370 1.17 16.67 -39.70
N THR A 371 2.33 17.24 -40.03
CA THR A 371 3.61 16.72 -39.52
C THR A 371 4.48 17.91 -39.07
N ALA A 372 5.42 17.69 -38.17
CA ALA A 372 6.32 18.75 -37.77
C ALA A 372 7.07 19.10 -39.06
N ALA A 373 7.74 20.24 -39.09
CA ALA A 373 8.47 20.63 -40.29
C ALA A 373 9.68 21.51 -39.98
N VAL A 374 10.63 21.54 -40.91
CA VAL A 374 11.78 22.41 -40.81
C VAL A 374 11.85 23.01 -42.21
N GLU A 375 11.64 24.31 -42.31
CA GLU A 375 11.59 24.94 -43.62
C GLU A 375 12.37 26.23 -43.75
N GLY A 376 12.92 26.42 -44.94
CA GLY A 376 13.67 27.64 -45.20
C GLY A 376 13.93 27.77 -46.69
N PRO A 377 14.51 28.88 -47.12
CA PRO A 377 14.93 29.99 -46.25
C PRO A 377 13.91 31.12 -46.30
N PHE A 378 14.01 32.08 -45.40
CA PHE A 378 13.14 33.26 -45.37
C PHE A 378 14.05 34.47 -45.26
N VAL A 379 13.73 35.53 -46.00
CA VAL A 379 14.54 36.74 -45.93
C VAL A 379 14.10 37.57 -44.72
N THR A 380 14.95 37.59 -43.70
CA THR A 380 14.71 38.32 -42.48
C THR A 380 15.87 39.29 -42.25
N LEU A 381 15.54 40.54 -41.92
CA LEU A 381 16.57 41.57 -41.69
C LEU A 381 16.79 41.91 -40.22
N ASP A 382 17.92 42.59 -39.95
CA ASP A 382 18.33 43.03 -38.61
C ASP A 382 18.16 42.02 -37.47
N MET A 383 18.28 40.74 -37.79
CA MET A 383 18.12 39.68 -36.80
C MET A 383 19.04 39.77 -35.57
N GLU A 384 20.29 40.15 -35.78
CA GLU A 384 21.22 40.25 -34.64
C GLU A 384 20.60 41.14 -33.56
N ASP A 385 19.68 42.01 -33.98
CA ASP A 385 18.98 42.93 -33.07
C ASP A 385 18.02 42.21 -32.16
N CYS A 386 17.73 40.95 -32.48
CA CYS A 386 16.82 40.14 -31.69
C CYS A 386 17.52 39.65 -30.44
N GLY A 387 18.84 39.67 -30.47
CA GLY A 387 19.60 39.23 -29.33
C GLY A 387 19.54 40.23 -28.20
N TYR A 388 19.47 39.73 -26.98
CA TYR A 388 19.43 40.58 -25.80
C TYR A 388 20.86 40.70 -25.28
N ASN A 389 21.20 41.87 -24.75
CA ASN A 389 22.53 42.11 -24.20
C ASN A 389 22.44 42.63 -22.77
N GLY B 1 -25.66 -1.10 46.02
CA GLY B 1 -24.29 -1.20 45.48
C GLY B 1 -23.21 -1.34 46.54
N SER B 2 -23.54 -2.00 47.65
CA SER B 2 -22.58 -2.18 48.74
C SER B 2 -22.88 -3.41 49.60
N PHE B 3 -22.10 -4.47 49.40
CA PHE B 3 -22.25 -5.74 50.11
C PHE B 3 -20.90 -6.12 50.72
N VAL B 4 -20.42 -5.29 51.64
CA VAL B 4 -19.11 -5.52 52.26
C VAL B 4 -18.94 -6.91 52.83
N GLU B 5 -20.03 -7.49 53.31
CA GLU B 5 -20.00 -8.84 53.87
C GLU B 5 -19.42 -9.84 52.86
N MET B 6 -19.67 -9.59 51.57
CA MET B 6 -19.22 -10.48 50.52
C MET B 6 -17.91 -10.08 49.81
N VAL B 7 -17.42 -8.88 50.11
CA VAL B 7 -16.16 -8.43 49.50
C VAL B 7 -15.00 -9.30 50.00
N ASP B 8 -14.12 -9.68 49.08
CA ASP B 8 -12.98 -10.50 49.44
C ASP B 8 -13.34 -11.86 50.02
N ASN B 9 -14.37 -12.51 49.46
CA ASN B 9 -14.79 -13.83 49.93
C ASN B 9 -14.23 -14.96 49.06
N LEU B 10 -13.38 -14.60 48.09
CA LEU B 10 -12.74 -15.57 47.21
C LEU B 10 -11.23 -15.72 47.46
N ARG B 11 -10.71 -16.91 47.16
CA ARG B 11 -9.28 -17.17 47.29
C ARG B 11 -8.90 -17.93 46.04
N GLY B 12 -7.60 -18.00 45.72
CA GLY B 12 -7.19 -18.74 44.54
C GLY B 12 -6.37 -17.89 43.60
N LYS B 13 -6.17 -18.40 42.38
CA LYS B 13 -5.40 -17.73 41.34
C LYS B 13 -5.84 -18.36 40.01
N SER B 14 -5.52 -17.70 38.89
CA SER B 14 -6.00 -18.14 37.58
C SER B 14 -5.63 -19.55 37.18
N GLY B 15 -4.43 -19.96 37.57
CA GLY B 15 -3.96 -21.27 37.22
C GLY B 15 -4.63 -22.44 37.92
N GLN B 16 -5.22 -22.22 39.09
CA GLN B 16 -5.87 -23.31 39.84
C GLN B 16 -7.33 -23.06 40.14
N GLY B 17 -7.82 -21.88 39.77
CA GLY B 17 -9.22 -21.55 40.00
C GLY B 17 -9.43 -20.72 41.24
N TYR B 18 -10.56 -20.01 41.29
CA TYR B 18 -10.92 -19.17 42.43
C TYR B 18 -12.08 -19.88 43.13
N TYR B 19 -12.06 -19.92 44.45
CA TYR B 19 -13.07 -20.67 45.17
C TYR B 19 -13.68 -19.88 46.32
N VAL B 20 -14.85 -20.33 46.77
CA VAL B 20 -15.58 -19.65 47.84
C VAL B 20 -15.91 -20.74 48.87
N GLU B 21 -15.96 -20.35 50.12
CA GLU B 21 -16.31 -21.29 51.16
C GLU B 21 -17.83 -21.54 51.13
N MET B 22 -18.22 -22.79 51.29
CA MET B 22 -19.64 -23.15 51.36
C MET B 22 -19.80 -24.20 52.47
N THR B 23 -21.02 -24.41 52.96
CA THR B 23 -21.22 -25.50 53.90
C THR B 23 -22.34 -26.34 53.32
N VAL B 24 -22.24 -27.65 53.50
CA VAL B 24 -23.25 -28.56 53.02
C VAL B 24 -23.63 -29.52 54.14
N GLY B 25 -24.92 -29.86 54.20
CA GLY B 25 -25.37 -30.81 55.20
C GLY B 25 -25.69 -30.28 56.58
N SER B 26 -26.11 -31.22 57.43
CA SER B 26 -26.48 -30.97 58.81
C SER B 26 -25.91 -32.07 59.70
N PRO B 27 -24.98 -31.73 60.59
CA PRO B 27 -24.44 -30.38 60.83
C PRO B 27 -23.61 -29.93 59.61
N PRO B 28 -23.39 -28.61 59.48
CA PRO B 28 -22.63 -28.06 58.35
C PRO B 28 -21.23 -28.62 58.13
N GLN B 29 -20.95 -29.07 56.92
CA GLN B 29 -19.61 -29.54 56.57
C GLN B 29 -19.01 -28.42 55.68
N THR B 30 -17.93 -27.81 56.14
CA THR B 30 -17.31 -26.75 55.37
C THR B 30 -16.49 -27.32 54.21
N LEU B 31 -16.71 -26.75 53.01
CA LEU B 31 -16.00 -27.13 51.80
C LEU B 31 -15.68 -25.90 50.97
N ASN B 32 -14.53 -25.95 50.29
CA ASN B 32 -14.11 -24.87 49.40
C ASN B 32 -14.56 -25.29 48.01
N ILE B 33 -15.27 -24.38 47.35
CA ILE B 33 -15.89 -24.67 46.07
C ILE B 33 -15.47 -23.73 44.95
N LEU B 34 -14.94 -24.32 43.87
CA LEU B 34 -14.49 -23.57 42.69
C LEU B 34 -15.67 -22.81 42.06
N VAL B 35 -15.46 -21.55 41.71
CA VAL B 35 -16.53 -20.79 41.07
C VAL B 35 -16.35 -20.99 39.57
N ASP B 36 -17.32 -21.66 38.93
CA ASP B 36 -17.23 -21.99 37.50
C ASP B 36 -18.42 -21.49 36.66
N THR B 37 -18.23 -20.40 35.92
CA THR B 37 -19.35 -19.92 35.12
C THR B 37 -19.46 -20.70 33.81
N GLY B 38 -18.56 -21.67 33.59
CA GLY B 38 -18.58 -22.44 32.35
C GLY B 38 -19.33 -23.76 32.44
N SER B 39 -19.96 -24.03 33.57
CA SER B 39 -20.72 -25.27 33.77
C SER B 39 -21.93 -25.04 34.66
N SER B 40 -22.75 -26.07 34.84
CA SER B 40 -23.97 -25.86 35.61
C SER B 40 -24.30 -26.90 36.67
N ASN B 41 -23.33 -27.71 37.03
CA ASN B 41 -23.52 -28.70 38.06
C ASN B 41 -22.78 -28.34 39.33
N PHE B 42 -23.45 -28.53 40.45
CA PHE B 42 -22.83 -28.32 41.76
C PHE B 42 -22.40 -29.74 42.20
N ALA B 43 -21.09 -29.94 42.38
CA ALA B 43 -20.54 -31.23 42.79
C ALA B 43 -19.40 -31.08 43.77
N VAL B 44 -19.27 -32.04 44.66
CA VAL B 44 -18.21 -32.04 45.64
C VAL B 44 -17.58 -33.43 45.78
N GLY B 45 -16.27 -33.46 46.08
CA GLY B 45 -15.59 -34.72 46.32
C GLY B 45 -16.35 -35.39 47.47
N ALA B 46 -16.65 -36.68 47.32
CA ALA B 46 -17.43 -37.37 48.33
C ALA B 46 -16.75 -38.63 48.88
N ALA B 47 -15.47 -38.77 48.61
CA ALA B 47 -14.69 -39.92 49.07
C ALA B 47 -13.24 -39.46 49.13
N PRO B 48 -12.43 -40.07 50.01
CA PRO B 48 -11.03 -39.65 50.09
C PRO B 48 -10.32 -39.65 48.73
N HIS B 49 -9.35 -38.75 48.62
CA HIS B 49 -8.59 -38.56 47.37
C HIS B 49 -7.26 -37.91 47.76
N PRO B 50 -6.16 -38.33 47.11
CA PRO B 50 -4.83 -37.77 47.40
C PRO B 50 -4.80 -36.23 47.45
N PHE B 51 -5.52 -35.59 46.52
CA PHE B 51 -5.57 -34.13 46.44
C PHE B 51 -6.58 -33.40 47.33
N LEU B 52 -7.46 -34.13 48.00
CA LEU B 52 -8.47 -33.49 48.84
C LEU B 52 -8.15 -33.51 50.34
N HIS B 53 -8.20 -32.35 50.99
CA HIS B 53 -7.93 -32.31 52.43
C HIS B 53 -9.21 -32.73 53.15
N ARG B 54 -10.35 -32.48 52.51
CA ARG B 54 -11.63 -32.86 53.09
C ARG B 54 -12.65 -33.18 52.01
N TYR B 55 -13.74 -33.83 52.39
CA TYR B 55 -14.75 -34.18 51.42
C TYR B 55 -16.11 -34.32 52.06
N TYR B 56 -17.14 -34.36 51.23
CA TYR B 56 -18.52 -34.46 51.69
C TYR B 56 -18.84 -35.86 52.19
N GLN B 57 -19.27 -35.94 53.45
CA GLN B 57 -19.63 -37.23 54.05
C GLN B 57 -21.16 -37.32 54.20
N ARG B 58 -21.81 -37.88 53.19
CA ARG B 58 -23.26 -38.00 53.20
C ARG B 58 -23.87 -38.72 54.44
N GLN B 59 -23.17 -39.73 54.94
CA GLN B 59 -23.65 -40.48 56.09
C GLN B 59 -23.72 -39.61 57.33
N LEU B 60 -22.95 -38.53 57.39
CA LEU B 60 -22.97 -37.66 58.56
C LEU B 60 -23.96 -36.51 58.41
N SER B 61 -24.71 -36.48 57.33
CA SER B 61 -25.66 -35.39 57.17
C SER B 61 -27.06 -35.93 57.33
N SER B 62 -27.78 -35.39 58.31
CA SER B 62 -29.14 -35.84 58.59
C SER B 62 -30.15 -35.35 57.56
N THR B 63 -29.78 -34.32 56.82
CA THR B 63 -30.66 -33.73 55.81
C THR B 63 -30.35 -34.19 54.39
N TYR B 64 -29.36 -35.05 54.25
CA TYR B 64 -29.01 -35.56 52.94
C TYR B 64 -30.15 -36.41 52.36
N ARG B 65 -30.43 -36.26 51.08
CA ARG B 65 -31.47 -37.03 50.38
C ARG B 65 -30.86 -37.68 49.15
N ASP B 66 -30.94 -39.00 49.10
CA ASP B 66 -30.38 -39.78 48.01
C ASP B 66 -31.36 -39.88 46.82
N LEU B 67 -31.02 -39.31 45.66
CA LEU B 67 -31.91 -39.36 44.52
C LEU B 67 -31.75 -40.63 43.68
N ARG B 68 -30.88 -41.54 44.11
CA ARG B 68 -30.68 -42.80 43.41
C ARG B 68 -30.48 -42.62 41.92
N LYS B 69 -29.59 -41.72 41.54
CA LYS B 69 -29.36 -41.50 40.13
C LYS B 69 -27.90 -41.09 39.96
N GLY B 70 -27.25 -41.66 38.96
CA GLY B 70 -25.85 -41.35 38.73
C GLY B 70 -25.76 -40.14 37.81
N VAL B 71 -24.55 -39.62 37.67
CA VAL B 71 -24.33 -38.46 36.83
C VAL B 71 -22.88 -38.44 36.40
N TYR B 72 -22.65 -37.96 35.19
CA TYR B 72 -21.32 -37.88 34.61
C TYR B 72 -21.13 -36.51 33.99
N VAL B 73 -20.02 -35.84 34.32
CA VAL B 73 -19.76 -34.56 33.71
C VAL B 73 -18.36 -34.44 33.14
N PRO B 74 -18.25 -34.27 31.81
CA PRO B 74 -16.94 -34.12 31.16
C PRO B 74 -16.75 -32.61 30.90
N TYR B 75 -15.51 -32.14 31.05
CA TYR B 75 -15.19 -30.72 30.82
C TYR B 75 -14.13 -30.66 29.71
N THR B 76 -13.77 -29.46 29.27
CA THR B 76 -12.76 -29.36 28.24
C THR B 76 -11.57 -30.18 28.66
N GLN B 77 -11.22 -30.08 29.93
CA GLN B 77 -10.14 -30.83 30.52
C GLN B 77 -10.60 -31.28 31.89
N GLY B 78 -10.70 -32.59 32.10
CA GLY B 78 -11.11 -33.10 33.40
C GLY B 78 -12.51 -33.68 33.33
N LYS B 79 -12.79 -34.65 34.20
CA LYS B 79 -14.12 -35.26 34.21
C LYS B 79 -14.34 -36.02 35.53
N TRP B 80 -15.60 -36.17 35.93
CA TRP B 80 -15.92 -36.91 37.14
C TRP B 80 -17.28 -37.60 37.00
N GLU B 81 -17.48 -38.60 37.87
CA GLU B 81 -18.70 -39.38 37.97
C GLU B 81 -19.13 -39.31 39.41
N GLY B 82 -20.44 -39.27 39.62
CA GLY B 82 -20.92 -39.22 40.98
C GLY B 82 -22.35 -39.68 41.11
N GLU B 83 -22.90 -39.41 42.29
CA GLU B 83 -24.26 -39.81 42.66
C GLU B 83 -24.99 -38.55 43.08
N LEU B 84 -26.20 -38.41 42.56
CA LEU B 84 -27.03 -37.26 42.83
C LEU B 84 -27.84 -37.37 44.10
N GLY B 85 -27.99 -36.24 44.78
CA GLY B 85 -28.77 -36.18 45.98
C GLY B 85 -29.06 -34.71 46.19
N THR B 86 -29.69 -34.38 47.31
CA THR B 86 -29.94 -32.99 47.60
C THR B 86 -29.57 -32.83 49.07
N ASP B 87 -29.20 -31.63 49.46
CA ASP B 87 -28.88 -31.35 50.84
C ASP B 87 -29.00 -29.83 51.05
N LEU B 88 -28.86 -29.40 52.29
CA LEU B 88 -28.95 -27.98 52.60
C LEU B 88 -27.58 -27.37 52.41
N VAL B 89 -27.56 -26.20 51.79
CA VAL B 89 -26.33 -25.48 51.48
C VAL B 89 -26.40 -24.04 51.96
N SER B 90 -25.28 -23.57 52.51
CA SER B 90 -25.13 -22.18 52.96
C SER B 90 -23.77 -21.65 52.44
N ILE B 91 -23.62 -20.33 52.44
CA ILE B 91 -22.37 -19.68 52.00
C ILE B 91 -22.06 -18.70 53.12
N PRO B 92 -21.13 -19.08 53.99
CA PRO B 92 -20.74 -18.23 55.13
C PRO B 92 -20.44 -16.78 54.80
N HIS B 93 -19.76 -16.52 53.68
CA HIS B 93 -19.48 -15.14 53.33
C HIS B 93 -20.28 -14.72 52.13
N GLY B 94 -21.55 -15.07 52.15
CA GLY B 94 -22.46 -14.71 51.09
C GLY B 94 -23.75 -14.32 51.77
N PRO B 95 -24.88 -14.30 51.05
CA PRO B 95 -26.12 -13.92 51.74
C PRO B 95 -26.42 -14.89 52.90
N ASN B 96 -27.15 -14.40 53.88
CA ASN B 96 -27.47 -15.21 55.03
C ASN B 96 -28.67 -16.09 54.76
N VAL B 97 -28.46 -17.18 54.03
CA VAL B 97 -29.57 -18.05 53.71
C VAL B 97 -29.16 -19.51 53.66
N THR B 98 -30.15 -20.38 53.62
CA THR B 98 -29.90 -21.80 53.53
C THR B 98 -30.86 -22.32 52.47
N VAL B 99 -30.34 -23.00 51.46
CA VAL B 99 -31.21 -23.53 50.43
C VAL B 99 -31.01 -25.02 50.22
N ARG B 100 -32.07 -25.71 49.78
CA ARG B 100 -31.94 -27.14 49.49
C ARG B 100 -31.58 -27.21 48.02
N ALA B 101 -30.44 -27.80 47.71
CA ALA B 101 -30.00 -27.83 46.33
C ALA B 101 -29.56 -29.21 45.86
N ASN B 102 -29.48 -29.37 44.55
CA ASN B 102 -28.98 -30.60 43.97
C ASN B 102 -27.48 -30.63 44.20
N ILE B 103 -26.96 -31.80 44.57
CA ILE B 103 -25.54 -31.96 44.80
C ILE B 103 -25.07 -33.29 44.23
N ALA B 104 -24.06 -33.22 43.39
CA ALA B 104 -23.47 -34.45 42.86
C ALA B 104 -22.33 -34.80 43.82
N ALA B 105 -22.36 -36.02 44.36
CA ALA B 105 -21.32 -36.49 45.27
C ALA B 105 -20.35 -37.22 44.37
N ILE B 106 -19.17 -36.64 44.19
CA ILE B 106 -18.19 -37.20 43.28
C ILE B 106 -17.52 -38.45 43.84
N THR B 107 -17.66 -39.56 43.13
CA THR B 107 -17.07 -40.82 43.59
C THR B 107 -15.84 -41.25 42.79
N GLU B 108 -15.71 -40.74 41.57
CA GLU B 108 -14.55 -41.04 40.74
C GLU B 108 -14.29 -39.85 39.83
N SER B 109 -13.02 -39.58 39.55
CA SER B 109 -12.69 -38.44 38.69
C SER B 109 -11.36 -38.62 38.01
N ASP B 110 -11.12 -37.79 37.00
CA ASP B 110 -9.86 -37.85 36.28
C ASP B 110 -9.46 -36.45 35.84
N LYS B 111 -8.27 -36.05 36.27
CA LYS B 111 -7.72 -34.74 35.93
C LYS B 111 -8.67 -33.61 36.31
N PHE B 112 -9.54 -33.86 37.30
CA PHE B 112 -10.47 -32.83 37.74
C PHE B 112 -9.87 -32.11 38.93
N PHE B 113 -9.68 -32.81 40.05
CA PHE B 113 -9.09 -32.17 41.22
C PHE B 113 -7.65 -31.79 40.95
N ILE B 114 -7.21 -30.69 41.56
CA ILE B 114 -5.88 -30.16 41.38
C ILE B 114 -5.09 -30.12 42.67
N ASN B 115 -3.97 -30.81 42.66
CA ASN B 115 -3.08 -30.87 43.81
C ASN B 115 -2.68 -29.47 44.30
N GLY B 116 -3.01 -29.16 45.55
CA GLY B 116 -2.68 -27.86 46.12
C GLY B 116 -3.64 -26.70 45.86
N SER B 117 -4.72 -26.94 45.12
CA SER B 117 -5.68 -25.89 44.80
C SER B 117 -6.51 -25.45 46.01
N ASN B 118 -6.64 -26.34 46.98
CA ASN B 118 -7.41 -26.08 48.19
C ASN B 118 -8.95 -26.06 47.97
N TRP B 119 -9.45 -26.55 46.83
CA TRP B 119 -10.90 -26.63 46.65
C TRP B 119 -11.29 -28.10 46.46
N GLU B 120 -12.50 -28.43 46.92
CA GLU B 120 -13.01 -29.81 46.95
C GLU B 120 -14.27 -30.06 46.12
N GLY B 121 -14.78 -29.02 45.46
CA GLY B 121 -15.98 -29.16 44.67
C GLY B 121 -16.09 -28.01 43.71
N ILE B 122 -17.13 -28.01 42.90
CA ILE B 122 -17.30 -26.99 41.88
C ILE B 122 -18.74 -26.49 41.90
N LEU B 123 -18.91 -25.18 41.71
CA LEU B 123 -20.22 -24.57 41.68
C LEU B 123 -20.47 -24.09 40.23
N GLY B 124 -21.22 -24.86 39.47
CA GLY B 124 -21.49 -24.49 38.09
C GLY B 124 -22.53 -23.40 38.12
N LEU B 125 -22.18 -22.20 37.65
CA LEU B 125 -23.08 -21.05 37.70
C LEU B 125 -23.84 -20.78 36.41
N ALA B 126 -23.65 -21.63 35.40
CA ALA B 126 -24.32 -21.45 34.12
C ALA B 126 -25.73 -22.04 34.14
N TYR B 127 -26.37 -22.01 32.99
CA TYR B 127 -27.75 -22.45 32.90
C TYR B 127 -28.09 -23.92 32.78
N ALA B 128 -29.33 -24.25 33.12
CA ALA B 128 -29.79 -25.64 33.12
C ALA B 128 -29.60 -26.37 31.80
N GLU B 129 -29.65 -25.63 30.70
CA GLU B 129 -29.49 -26.27 29.41
C GLU B 129 -28.26 -27.14 29.31
N ILE B 130 -27.16 -26.74 29.97
CA ILE B 130 -25.95 -27.58 29.88
C ILE B 130 -25.66 -28.45 31.12
N ALA B 131 -26.63 -28.53 32.02
CA ALA B 131 -26.44 -29.36 33.21
C ALA B 131 -26.54 -30.85 32.84
N ARG B 132 -25.89 -31.70 33.63
CA ARG B 132 -25.97 -33.15 33.44
C ARG B 132 -26.79 -33.65 34.64
N PRO B 133 -27.58 -34.73 34.48
CA PRO B 133 -27.76 -35.56 33.28
C PRO B 133 -28.52 -34.83 32.19
N ASP B 134 -29.36 -33.88 32.58
CA ASP B 134 -30.13 -33.13 31.61
C ASP B 134 -30.61 -31.82 32.23
N ASP B 135 -31.32 -31.00 31.46
CA ASP B 135 -31.78 -29.71 31.96
C ASP B 135 -32.82 -29.73 33.06
N SER B 136 -33.25 -30.93 33.45
CA SER B 136 -34.23 -31.01 34.52
C SER B 136 -33.52 -30.94 35.89
N LEU B 137 -32.19 -31.00 35.90
CA LEU B 137 -31.46 -30.93 37.17
C LEU B 137 -31.20 -29.45 37.49
N GLU B 138 -32.04 -28.88 38.34
CA GLU B 138 -31.90 -27.47 38.69
C GLU B 138 -30.54 -27.07 39.24
N PRO B 139 -29.87 -26.09 38.58
CA PRO B 139 -28.55 -25.61 39.02
C PRO B 139 -28.65 -24.86 40.35
N PHE B 140 -27.53 -24.76 41.06
CA PHE B 140 -27.55 -24.10 42.34
C PHE B 140 -28.12 -22.69 42.34
N PHE B 141 -27.66 -21.86 41.41
CA PHE B 141 -28.13 -20.48 41.42
C PHE B 141 -29.64 -20.35 41.23
N ASP B 142 -30.20 -21.20 40.38
CA ASP B 142 -31.63 -21.17 40.13
C ASP B 142 -32.34 -21.57 41.42
N SER B 143 -31.77 -22.52 42.15
CA SER B 143 -32.39 -22.96 43.42
C SER B 143 -32.33 -21.82 44.41
N LEU B 144 -31.17 -21.16 44.47
CA LEU B 144 -30.99 -20.04 45.39
C LEU B 144 -32.04 -18.93 45.16
N VAL B 145 -32.16 -18.51 43.90
CA VAL B 145 -33.10 -17.46 43.55
C VAL B 145 -34.55 -17.87 43.85
N LYS B 146 -34.89 -19.12 43.55
CA LYS B 146 -36.24 -19.61 43.80
C LYS B 146 -36.60 -19.68 45.26
N GLN B 147 -35.63 -19.98 46.10
CA GLN B 147 -35.88 -20.18 47.53
C GLN B 147 -35.60 -19.02 48.45
N THR B 148 -35.09 -17.92 47.92
CA THR B 148 -34.76 -16.77 48.75
C THR B 148 -35.11 -15.47 48.03
N HIS B 149 -34.77 -14.36 48.65
CA HIS B 149 -35.02 -13.07 48.02
C HIS B 149 -33.75 -12.57 47.30
N VAL B 150 -32.71 -13.39 47.27
CA VAL B 150 -31.49 -12.99 46.54
C VAL B 150 -31.84 -12.65 45.08
N PRO B 151 -31.49 -11.45 44.60
CA PRO B 151 -31.82 -11.12 43.22
C PRO B 151 -31.11 -12.05 42.21
N ASN B 152 -31.71 -12.20 41.04
CA ASN B 152 -31.19 -13.06 40.00
C ASN B 152 -29.97 -12.50 39.24
N LEU B 153 -28.87 -12.32 39.97
CA LEU B 153 -27.64 -11.89 39.35
C LEU B 153 -26.49 -11.97 40.34
N PHE B 154 -25.29 -12.09 39.82
CA PHE B 154 -24.12 -12.15 40.68
C PHE B 154 -22.99 -11.46 39.92
N SER B 155 -21.95 -11.07 40.64
CA SER B 155 -20.86 -10.40 39.97
C SER B 155 -19.57 -10.97 40.50
N LEU B 156 -18.53 -10.93 39.68
CA LEU B 156 -17.23 -11.50 40.05
C LEU B 156 -16.10 -10.54 39.79
N GLN B 157 -15.23 -10.42 40.79
CA GLN B 157 -14.03 -9.62 40.70
C GLN B 157 -12.94 -10.62 41.04
N LEU B 158 -12.28 -11.18 40.03
CA LEU B 158 -11.19 -12.11 40.31
C LEU B 158 -9.90 -11.28 40.37
N CYS B 159 -9.11 -11.44 41.43
CA CYS B 159 -7.90 -10.64 41.58
C CYS B 159 -6.59 -11.43 41.43
N GLY B 160 -5.89 -11.16 40.33
CA GLY B 160 -4.61 -11.80 40.08
C GLY B 160 -3.54 -10.97 40.75
N ALA B 161 -2.50 -11.60 41.27
CA ALA B 161 -1.46 -10.86 41.98
C ALA B 161 -0.42 -10.24 41.05
N GLY B 162 -0.22 -10.82 39.86
CA GLY B 162 0.78 -10.26 38.96
C GLY B 162 2.18 -10.82 39.26
N PHE B 163 2.25 -11.69 40.26
CA PHE B 163 3.50 -12.36 40.63
C PHE B 163 3.09 -13.70 41.23
N PRO B 164 4.04 -14.66 41.31
CA PRO B 164 3.76 -15.99 41.86
C PRO B 164 3.46 -15.91 43.35
N LEU B 165 2.50 -16.71 43.78
CA LEU B 165 2.11 -16.75 45.19
C LEU B 165 2.56 -18.05 45.81
N ASN B 166 3.18 -18.01 46.98
CA ASN B 166 3.59 -19.28 47.60
C ASN B 166 2.36 -19.85 48.31
N GLN B 167 2.53 -21.02 48.92
CA GLN B 167 1.38 -21.68 49.55
C GLN B 167 0.64 -20.85 50.59
N SER B 168 1.35 -20.20 51.50
CA SER B 168 0.68 -19.42 52.52
C SER B 168 0.02 -18.16 51.97
N GLU B 169 0.64 -17.54 50.96
CA GLU B 169 0.08 -16.33 50.37
C GLU B 169 -1.23 -16.64 49.64
N VAL B 170 -1.25 -17.76 48.93
CA VAL B 170 -2.44 -18.15 48.17
C VAL B 170 -3.59 -18.49 49.11
N LEU B 171 -3.26 -18.88 50.34
CA LEU B 171 -4.28 -19.23 51.32
C LEU B 171 -4.68 -18.05 52.18
N ALA B 172 -3.68 -17.23 52.52
CA ALA B 172 -3.85 -16.09 53.41
C ALA B 172 -4.24 -14.79 52.73
N SER B 173 -4.10 -14.74 51.41
CA SER B 173 -4.48 -13.53 50.71
C SER B 173 -5.94 -13.72 50.21
N VAL B 174 -6.54 -12.61 49.78
CA VAL B 174 -7.88 -12.65 49.26
C VAL B 174 -7.88 -12.48 47.73
N GLY B 175 -8.34 -13.53 47.07
CA GLY B 175 -8.36 -13.52 45.63
C GLY B 175 -9.48 -12.81 44.93
N GLY B 176 -10.34 -12.12 45.65
CA GLY B 176 -11.42 -11.43 44.96
C GLY B 176 -12.78 -11.53 45.64
N SER B 177 -13.81 -11.20 44.88
CA SER B 177 -15.15 -11.21 45.42
C SER B 177 -16.22 -11.78 44.50
N MET B 178 -17.14 -12.53 45.09
CA MET B 178 -18.30 -12.99 44.35
C MET B 178 -19.43 -12.30 45.11
N ILE B 179 -20.05 -11.30 44.51
CA ILE B 179 -21.16 -10.60 45.16
C ILE B 179 -22.39 -11.32 44.65
N ILE B 180 -23.06 -11.99 45.57
CA ILE B 180 -24.24 -12.77 45.24
C ILE B 180 -25.49 -11.92 45.44
N GLY B 181 -26.19 -11.63 44.35
CA GLY B 181 -27.40 -10.84 44.44
C GLY B 181 -27.24 -9.34 44.16
N GLY B 182 -26.04 -8.92 43.76
CA GLY B 182 -25.87 -7.50 43.52
C GLY B 182 -24.55 -7.09 42.92
N ILE B 183 -24.31 -5.79 42.96
CA ILE B 183 -23.15 -5.13 42.41
C ILE B 183 -22.56 -4.24 43.50
N ASP B 184 -21.24 -4.34 43.75
CA ASP B 184 -20.61 -3.51 44.76
C ASP B 184 -19.71 -2.49 44.07
N HIS B 185 -20.03 -1.22 44.23
CA HIS B 185 -19.31 -0.14 43.56
C HIS B 185 -17.84 0.04 43.90
N SER B 186 -17.39 -0.46 45.04
CA SER B 186 -15.97 -0.33 45.36
C SER B 186 -15.09 -1.30 44.54
N LEU B 187 -15.69 -2.23 43.81
CA LEU B 187 -14.91 -3.21 43.07
C LEU B 187 -14.49 -2.80 41.66
N TYR B 188 -14.97 -1.65 41.19
CA TYR B 188 -14.62 -1.22 39.84
C TYR B 188 -14.50 0.30 39.74
N THR B 189 -14.00 0.77 38.60
CA THR B 189 -13.93 2.21 38.35
C THR B 189 -14.53 2.44 36.96
N GLY B 190 -14.96 3.67 36.71
CA GLY B 190 -15.54 3.98 35.41
C GLY B 190 -16.93 3.40 35.25
N SER B 191 -17.40 3.29 34.02
CA SER B 191 -18.73 2.79 33.78
C SER B 191 -18.79 1.31 33.48
N LEU B 192 -19.96 0.73 33.76
CA LEU B 192 -20.24 -0.65 33.47
C LEU B 192 -20.89 -0.67 32.09
N TRP B 193 -20.38 -1.52 31.20
CA TRP B 193 -20.95 -1.63 29.85
C TRP B 193 -21.47 -3.06 29.70
N TYR B 194 -22.68 -3.19 29.18
CA TYR B 194 -23.31 -4.51 29.02
C TYR B 194 -23.43 -5.06 27.61
N THR B 195 -23.25 -6.38 27.51
CA THR B 195 -23.38 -7.09 26.25
C THR B 195 -24.49 -8.12 26.49
N PRO B 196 -25.33 -8.38 25.48
CA PRO B 196 -26.40 -9.35 25.67
C PRO B 196 -25.93 -10.79 25.79
N ILE B 197 -26.63 -11.58 26.59
CA ILE B 197 -26.33 -13.00 26.70
C ILE B 197 -27.07 -13.50 25.47
N ARG B 198 -26.35 -14.14 24.55
CA ARG B 198 -26.98 -14.59 23.32
C ARG B 198 -28.01 -15.70 23.54
N ARG B 199 -27.66 -16.66 24.39
CA ARG B 199 -28.53 -17.80 24.68
C ARG B 199 -28.16 -18.23 26.08
N GLU B 200 -29.16 -18.63 26.86
CA GLU B 200 -28.91 -19.07 28.22
C GLU B 200 -28.52 -20.55 28.30
N TRP B 201 -27.24 -20.85 28.09
CA TRP B 201 -26.71 -22.20 28.23
C TRP B 201 -25.41 -21.90 28.91
N TYR B 202 -24.36 -21.59 28.14
CA TYR B 202 -23.13 -21.10 28.74
C TYR B 202 -23.47 -19.59 28.80
N TYR B 203 -22.58 -18.79 29.39
CA TYR B 203 -22.80 -17.36 29.35
C TYR B 203 -22.18 -16.96 27.99
N GLU B 204 -22.99 -17.11 26.94
CA GLU B 204 -22.52 -16.84 25.59
C GLU B 204 -22.69 -15.39 25.17
N VAL B 205 -21.65 -14.86 24.54
CA VAL B 205 -21.64 -13.48 24.07
C VAL B 205 -21.16 -13.43 22.62
N ILE B 206 -21.19 -12.24 22.03
CA ILE B 206 -20.74 -12.09 20.66
C ILE B 206 -19.68 -11.00 20.59
N ILE B 207 -18.50 -11.38 20.08
CA ILE B 207 -17.34 -10.49 19.87
C ILE B 207 -17.49 -10.01 18.43
N VAL B 208 -17.38 -8.70 18.22
CA VAL B 208 -17.57 -8.19 16.88
C VAL B 208 -16.34 -7.60 16.20
N ARG B 209 -15.22 -7.54 16.90
CA ARG B 209 -13.98 -6.98 16.32
C ARG B 209 -12.86 -7.27 17.33
N VAL B 210 -11.65 -7.48 16.84
CA VAL B 210 -10.52 -7.68 17.73
C VAL B 210 -9.35 -6.81 17.25
N GLU B 211 -8.71 -6.13 18.19
CA GLU B 211 -7.55 -5.27 17.87
C GLU B 211 -6.34 -5.65 18.71
N ILE B 212 -5.15 -5.48 18.14
CA ILE B 212 -3.89 -5.73 18.86
C ILE B 212 -3.23 -4.35 18.77
N ASN B 213 -3.06 -3.68 19.89
CA ASN B 213 -2.53 -2.32 19.89
C ASN B 213 -3.26 -1.40 18.87
N GLY B 214 -4.59 -1.51 18.86
CA GLY B 214 -5.43 -0.72 17.97
C GLY B 214 -5.50 -1.22 16.53
N GLN B 215 -4.65 -2.18 16.19
CA GLN B 215 -4.67 -2.66 14.83
C GLN B 215 -5.66 -3.81 14.69
N ASP B 216 -6.62 -3.63 13.78
CA ASP B 216 -7.69 -4.60 13.52
C ASP B 216 -7.14 -5.92 13.00
N LEU B 217 -7.56 -7.03 13.62
CA LEU B 217 -7.15 -8.36 13.19
C LEU B 217 -7.79 -8.57 11.83
N LYS B 218 -8.91 -7.90 11.62
CA LYS B 218 -9.61 -7.91 10.34
C LYS B 218 -10.03 -9.26 9.78
N MET B 219 -10.70 -10.08 10.58
CA MET B 219 -11.19 -11.36 10.08
C MET B 219 -12.69 -11.21 10.03
N ASP B 220 -13.36 -12.12 9.35
CA ASP B 220 -14.82 -12.11 9.29
C ASP B 220 -15.21 -12.30 10.75
N CYS B 221 -16.03 -11.40 11.31
CA CYS B 221 -16.36 -11.50 12.72
C CYS B 221 -16.93 -12.85 13.18
N LYS B 222 -17.49 -13.62 12.24
CA LYS B 222 -18.02 -14.94 12.59
C LYS B 222 -16.86 -15.81 13.10
N GLU B 223 -15.65 -15.55 12.62
CA GLU B 223 -14.50 -16.34 13.04
C GLU B 223 -14.21 -16.21 14.53
N TYR B 224 -14.51 -15.03 15.08
CA TYR B 224 -14.26 -14.77 16.51
C TYR B 224 -15.18 -15.56 17.44
N ASN B 225 -16.33 -15.95 16.92
CA ASN B 225 -17.35 -16.67 17.69
C ASN B 225 -17.56 -18.06 17.11
N TYR B 226 -16.52 -18.54 16.41
CA TYR B 226 -16.65 -19.81 15.73
C TYR B 226 -16.76 -20.92 16.69
N ASP B 227 -18.03 -21.31 16.68
CA ASP B 227 -18.66 -22.29 17.45
C ASP B 227 -19.45 -21.43 18.44
N LYS B 228 -18.74 -20.75 19.33
CA LYS B 228 -19.37 -19.90 20.34
C LYS B 228 -18.29 -19.12 21.09
N SER B 229 -18.71 -18.10 21.85
CA SER B 229 -17.78 -17.32 22.68
C SER B 229 -18.47 -17.28 24.05
N ILE B 230 -17.75 -17.70 25.08
CA ILE B 230 -18.35 -17.69 26.43
C ILE B 230 -17.43 -17.04 27.47
N VAL B 231 -17.98 -16.70 28.62
CA VAL B 231 -17.19 -16.13 29.69
C VAL B 231 -17.11 -17.27 30.70
N ASP B 232 -15.89 -17.70 31.03
CA ASP B 232 -15.70 -18.83 31.94
C ASP B 232 -14.63 -18.61 33.01
N SER B 233 -15.07 -18.40 34.25
CA SER B 233 -14.15 -18.17 35.34
C SER B 233 -13.35 -19.44 35.67
N GLY B 234 -13.81 -20.59 35.20
CA GLY B 234 -13.11 -21.83 35.50
C GLY B 234 -12.07 -22.21 34.44
N THR B 235 -11.77 -21.27 33.54
CA THR B 235 -10.75 -21.51 32.52
C THR B 235 -9.65 -20.49 32.75
N THR B 236 -8.40 -20.95 32.78
CA THR B 236 -7.30 -20.05 33.05
C THR B 236 -7.09 -19.04 31.95
N ASN B 237 -6.92 -19.54 30.74
CA ASN B 237 -6.58 -18.70 29.60
C ASN B 237 -7.67 -18.01 28.81
N LEU B 238 -7.21 -17.13 27.92
CA LEU B 238 -8.07 -16.52 26.95
C LEU B 238 -7.85 -17.59 25.87
N ARG B 239 -8.89 -18.32 25.48
CA ARG B 239 -8.72 -19.31 24.42
C ARG B 239 -9.42 -18.82 23.18
N LEU B 240 -8.76 -19.00 22.04
CA LEU B 240 -9.32 -18.49 20.80
C LEU B 240 -9.42 -19.57 19.70
N PRO B 241 -10.44 -19.48 18.84
CA PRO B 241 -10.59 -20.46 17.76
C PRO B 241 -9.26 -20.51 16.97
N LYS B 242 -8.87 -21.68 16.50
CA LYS B 242 -7.62 -21.85 15.77
C LYS B 242 -7.21 -20.73 14.79
N LYS B 243 -8.06 -20.36 13.85
CA LYS B 243 -7.76 -19.29 12.89
C LYS B 243 -7.46 -17.93 13.56
N VAL B 244 -8.26 -17.60 14.56
CA VAL B 244 -8.11 -16.35 15.28
C VAL B 244 -6.84 -16.40 16.11
N PHE B 245 -6.60 -17.53 16.79
CA PHE B 245 -5.40 -17.67 17.60
C PHE B 245 -4.17 -17.43 16.73
N GLU B 246 -4.10 -18.07 15.57
CA GLU B 246 -2.93 -17.90 14.71
C GLU B 246 -2.75 -16.45 14.27
N ALA B 247 -3.85 -15.81 13.87
CA ALA B 247 -3.77 -14.42 13.44
C ALA B 247 -3.38 -13.51 14.60
N ALA B 248 -3.84 -13.85 15.81
CA ALA B 248 -3.53 -13.02 16.98
C ALA B 248 -2.06 -13.14 17.38
N VAL B 249 -1.56 -14.37 17.38
CA VAL B 249 -0.16 -14.60 17.75
C VAL B 249 0.77 -13.92 16.74
N LYS B 250 0.42 -13.99 15.47
CA LYS B 250 1.26 -13.34 14.46
C LYS B 250 1.36 -11.85 14.75
N SER B 251 0.23 -11.25 15.09
CA SER B 251 0.24 -9.83 15.38
C SER B 251 0.96 -9.49 16.69
N ILE B 252 0.74 -10.28 17.74
CA ILE B 252 1.42 -10.01 19.02
C ILE B 252 2.94 -10.18 18.84
N LYS B 253 3.35 -11.16 18.04
CA LYS B 253 4.78 -11.37 17.79
C LYS B 253 5.37 -10.17 17.06
N ALA B 254 4.63 -9.61 16.11
CA ALA B 254 5.12 -8.46 15.35
C ALA B 254 5.25 -7.23 16.26
N ALA B 255 4.25 -7.00 17.13
CA ALA B 255 4.30 -5.86 18.05
C ALA B 255 5.46 -5.97 19.05
N SER B 256 5.84 -7.18 19.41
CA SER B 256 6.92 -7.41 20.40
C SER B 256 8.24 -7.90 19.81
N SER B 257 8.41 -7.71 18.50
CA SER B 257 9.60 -8.21 17.83
C SER B 257 10.96 -7.69 18.32
N THR B 258 10.99 -6.62 19.12
CA THR B 258 12.29 -6.14 19.60
C THR B 258 12.94 -7.17 20.52
N GLU B 259 12.15 -8.14 20.99
CA GLU B 259 12.71 -9.22 21.78
C GLU B 259 12.21 -10.50 21.13
N LYS B 260 13.02 -11.56 21.13
CA LYS B 260 12.58 -12.81 20.51
C LYS B 260 12.36 -13.88 21.58
N PHE B 261 11.36 -14.71 21.37
CA PHE B 261 11.04 -15.75 22.33
C PHE B 261 10.98 -17.10 21.61
N PRO B 262 11.37 -18.18 22.29
CA PRO B 262 11.30 -19.49 21.62
C PRO B 262 9.89 -19.78 21.13
N ASP B 263 9.74 -20.80 20.28
CA ASP B 263 8.41 -21.13 19.78
C ASP B 263 7.57 -21.68 20.92
N GLY B 264 8.23 -22.43 21.79
CA GLY B 264 7.53 -23.02 22.91
C GLY B 264 6.82 -21.97 23.73
N PHE B 265 7.33 -20.74 23.72
CA PHE B 265 6.69 -19.73 24.52
C PHE B 265 5.27 -19.43 24.01
N TRP B 266 5.16 -19.17 22.71
CA TRP B 266 3.87 -18.86 22.10
C TRP B 266 2.88 -20.02 22.13
N LEU B 267 3.42 -21.22 22.33
CA LEU B 267 2.58 -22.40 22.38
C LEU B 267 2.13 -22.69 23.82
N GLY B 268 2.71 -21.96 24.77
CA GLY B 268 2.37 -22.19 26.17
C GLY B 268 3.20 -23.35 26.73
N GLU B 269 4.30 -23.67 26.06
CA GLU B 269 5.14 -24.78 26.48
C GLU B 269 6.28 -24.39 27.42
N GLN B 270 6.70 -23.13 27.39
CA GLN B 270 7.76 -22.72 28.29
C GLN B 270 7.63 -21.29 28.70
N LEU B 271 8.31 -20.97 29.80
CA LEU B 271 8.27 -19.63 30.33
C LEU B 271 9.28 -18.73 29.72
N VAL B 272 9.10 -17.44 29.95
CA VAL B 272 10.07 -16.47 29.53
C VAL B 272 10.32 -15.79 30.86
N CYS B 273 11.57 -15.47 31.11
CA CYS B 273 11.97 -14.83 32.35
C CYS B 273 12.80 -13.57 32.10
N TRP B 274 12.76 -12.66 33.06
CA TRP B 274 13.52 -11.43 32.99
C TRP B 274 14.09 -11.20 34.38
N GLN B 275 15.23 -10.54 34.45
CA GLN B 275 15.81 -10.26 35.76
C GLN B 275 14.75 -9.53 36.55
N ALA B 276 14.68 -9.80 37.86
CA ALA B 276 13.67 -9.17 38.72
C ALA B 276 13.40 -7.69 38.43
N GLY B 277 12.13 -7.35 38.28
CA GLY B 277 11.73 -5.97 38.05
C GLY B 277 11.90 -5.42 36.64
N THR B 278 12.49 -6.19 35.74
CA THR B 278 12.74 -5.67 34.39
C THR B 278 11.83 -6.18 33.27
N THR B 279 10.73 -6.84 33.60
CA THR B 279 9.83 -7.31 32.56
C THR B 279 9.49 -6.09 31.65
N PRO B 280 9.75 -6.18 30.35
CA PRO B 280 9.44 -5.03 29.47
C PRO B 280 7.97 -5.02 29.04
N TRP B 281 7.09 -4.67 29.97
CA TRP B 281 5.67 -4.65 29.68
C TRP B 281 5.34 -3.81 28.45
N ASN B 282 5.96 -2.63 28.35
CA ASN B 282 5.68 -1.71 27.26
C ASN B 282 5.89 -2.28 25.84
N ILE B 283 6.69 -3.34 25.68
CA ILE B 283 6.90 -3.83 24.32
C ILE B 283 5.76 -4.73 23.86
N PHE B 284 4.98 -5.25 24.81
CA PHE B 284 3.82 -6.10 24.51
C PHE B 284 2.62 -5.22 24.26
N PRO B 285 1.78 -5.63 23.30
CA PRO B 285 0.59 -4.87 22.95
C PRO B 285 -0.62 -5.11 23.83
N VAL B 286 -1.53 -4.13 23.81
CA VAL B 286 -2.75 -4.34 24.55
C VAL B 286 -3.65 -5.12 23.57
N ILE B 287 -4.66 -5.82 24.09
CA ILE B 287 -5.59 -6.55 23.24
C ILE B 287 -6.99 -6.03 23.54
N SER B 288 -7.74 -5.62 22.51
CA SER B 288 -9.12 -5.14 22.72
C SER B 288 -10.11 -6.10 22.09
N LEU B 289 -11.17 -6.43 22.82
CA LEU B 289 -12.21 -7.30 22.28
C LEU B 289 -13.43 -6.41 22.26
N TYR B 290 -14.09 -6.29 21.11
CA TYR B 290 -15.29 -5.45 21.01
C TYR B 290 -16.46 -6.40 21.16
N LEU B 291 -17.44 -5.99 21.96
CA LEU B 291 -18.60 -6.81 22.24
C LEU B 291 -19.85 -6.08 21.78
N MET B 292 -20.85 -6.86 21.37
CA MET B 292 -22.13 -6.31 20.93
C MET B 292 -22.74 -5.58 22.11
N GLY B 293 -23.27 -4.39 21.88
CA GLY B 293 -23.87 -3.63 22.96
C GLY B 293 -25.37 -3.94 23.04
N GLU B 294 -26.06 -3.27 23.97
CA GLU B 294 -27.50 -3.47 24.15
C GLU B 294 -28.31 -2.61 23.16
N VAL B 295 -27.73 -1.49 22.73
CA VAL B 295 -28.41 -0.60 21.77
C VAL B 295 -28.10 -1.05 20.35
N THR B 296 -29.09 -1.03 19.49
CA THR B 296 -28.87 -1.45 18.11
C THR B 296 -27.67 -0.75 17.46
N ASN B 297 -26.90 -1.51 16.71
CA ASN B 297 -25.73 -0.99 16.01
C ASN B 297 -24.67 -0.35 16.91
N GLN B 298 -24.68 -0.75 18.18
CA GLN B 298 -23.70 -0.20 19.10
C GLN B 298 -22.90 -1.32 19.74
N SER B 299 -21.60 -1.10 19.88
CA SER B 299 -20.72 -2.05 20.54
C SER B 299 -19.80 -1.28 21.50
N PHE B 300 -19.09 -1.99 22.38
CA PHE B 300 -18.14 -1.35 23.27
C PHE B 300 -16.93 -2.28 23.27
N ARG B 301 -15.83 -1.88 23.89
CA ARG B 301 -14.66 -2.75 23.89
C ARG B 301 -14.03 -2.87 25.25
N ILE B 302 -13.39 -4.00 25.49
CA ILE B 302 -12.66 -4.20 26.73
C ILE B 302 -11.21 -4.38 26.27
N THR B 303 -10.29 -3.73 26.97
CA THR B 303 -8.88 -3.82 26.59
C THR B 303 -8.06 -4.39 27.75
N ILE B 304 -7.26 -5.42 27.49
CA ILE B 304 -6.43 -5.99 28.54
C ILE B 304 -4.97 -5.72 28.20
N LEU B 305 -4.14 -5.83 29.22
CA LEU B 305 -2.74 -5.56 29.09
C LEU B 305 -1.95 -6.85 29.13
N PRO B 306 -0.66 -6.77 28.81
CA PRO B 306 0.15 -7.98 28.88
C PRO B 306 0.18 -8.46 30.37
N GLN B 307 -0.06 -7.54 31.33
CA GLN B 307 -0.06 -7.97 32.74
C GLN B 307 -1.23 -8.96 33.01
N GLN B 308 -2.20 -8.99 32.10
CA GLN B 308 -3.30 -9.94 32.19
C GLN B 308 -2.96 -11.22 31.36
N TYR B 309 -2.45 -11.09 30.13
CA TYR B 309 -2.23 -12.31 29.35
C TYR B 309 -0.87 -13.04 29.48
N LEU B 310 0.02 -12.48 30.28
CA LEU B 310 1.31 -13.12 30.60
C LEU B 310 1.07 -13.54 32.04
N ARG B 311 0.98 -14.84 32.28
CA ARG B 311 0.68 -15.32 33.61
C ARG B 311 1.92 -15.61 34.44
N PRO B 312 2.05 -14.96 35.62
CA PRO B 312 3.22 -15.19 36.48
C PRO B 312 3.32 -16.64 36.93
N VAL B 313 4.51 -17.21 36.81
CA VAL B 313 4.76 -18.58 37.28
C VAL B 313 6.10 -18.55 38.01
N GLU B 314 6.23 -19.36 39.05
CA GLU B 314 7.45 -19.39 39.83
C GLU B 314 8.62 -19.84 38.98
N ASP B 315 9.76 -19.20 39.21
CA ASP B 315 10.96 -19.50 38.45
C ASP B 315 11.42 -20.93 38.67
N VAL B 316 11.76 -21.60 37.58
CA VAL B 316 12.26 -22.97 37.60
C VAL B 316 13.64 -22.97 38.31
N ALA B 317 14.45 -21.97 37.98
CA ALA B 317 15.77 -21.79 38.59
C ALA B 317 15.51 -20.94 39.84
N THR B 318 16.36 -21.03 40.85
CA THR B 318 16.13 -20.25 42.08
C THR B 318 16.46 -18.77 42.00
N SER B 319 16.52 -18.20 40.79
CA SER B 319 16.85 -16.79 40.64
C SER B 319 15.75 -15.86 41.16
N GLN B 320 16.03 -14.56 41.13
CA GLN B 320 15.06 -13.55 41.55
C GLN B 320 14.19 -13.20 40.37
N ASP B 321 14.49 -13.84 39.24
CA ASP B 321 13.78 -13.61 38.00
C ASP B 321 12.25 -13.67 38.03
N ASP B 322 11.63 -12.78 37.25
CA ASP B 322 10.18 -12.74 37.12
C ASP B 322 9.89 -13.49 35.82
N CYS B 323 9.16 -14.59 35.95
CA CYS B 323 8.83 -15.43 34.81
C CYS B 323 7.35 -15.48 34.52
N TYR B 324 7.02 -15.74 33.26
CA TYR B 324 5.62 -15.81 32.82
C TYR B 324 5.41 -16.83 31.73
N LYS B 325 4.16 -17.31 31.67
CA LYS B 325 3.74 -18.22 30.61
C LYS B 325 2.74 -17.40 29.80
N PHE B 326 2.68 -17.66 28.49
CA PHE B 326 1.76 -16.97 27.59
C PHE B 326 0.40 -17.62 27.84
N ALA B 327 -0.53 -16.82 28.36
CA ALA B 327 -1.85 -17.32 28.73
C ALA B 327 -2.97 -17.13 27.70
N ILE B 328 -2.61 -17.25 26.43
CA ILE B 328 -3.57 -17.19 25.34
C ILE B 328 -3.31 -18.51 24.58
N SER B 329 -4.35 -19.27 24.29
CA SER B 329 -4.13 -20.53 23.57
C SER B 329 -5.25 -20.83 22.60
N GLN B 330 -5.02 -21.81 21.73
CA GLN B 330 -6.03 -22.14 20.76
C GLN B 330 -7.14 -22.99 21.38
N SER B 331 -8.28 -23.00 20.70
CA SER B 331 -9.46 -23.73 21.15
C SER B 331 -10.15 -24.37 19.95
N SER B 332 -10.72 -25.54 20.17
CA SER B 332 -11.45 -26.20 19.10
C SER B 332 -12.94 -26.05 19.43
N THR B 333 -13.25 -25.33 20.51
CA THR B 333 -14.64 -25.14 20.91
C THR B 333 -15.03 -23.68 21.13
N GLY B 334 -14.46 -22.80 20.32
CA GLY B 334 -14.85 -21.42 20.41
C GLY B 334 -13.98 -20.60 21.33
N THR B 335 -14.34 -19.34 21.46
CA THR B 335 -13.59 -18.44 22.31
C THR B 335 -13.97 -18.66 23.76
N VAL B 336 -12.98 -18.58 24.62
CA VAL B 336 -13.25 -18.70 26.05
C VAL B 336 -12.58 -17.51 26.73
N MET B 337 -13.39 -16.62 27.31
CA MET B 337 -12.84 -15.48 28.02
C MET B 337 -12.64 -15.98 29.45
N GLY B 338 -11.44 -16.49 29.72
CA GLY B 338 -11.14 -17.04 31.03
C GLY B 338 -10.65 -16.08 32.08
N ALA B 339 -10.08 -16.63 33.16
CA ALA B 339 -9.59 -15.85 34.29
C ALA B 339 -8.66 -14.73 33.88
N VAL B 340 -7.84 -15.00 32.87
CA VAL B 340 -6.87 -14.04 32.35
C VAL B 340 -7.56 -12.74 31.95
N ILE B 341 -8.74 -12.88 31.36
CA ILE B 341 -9.52 -11.73 30.95
C ILE B 341 -10.28 -11.17 32.15
N MET B 342 -10.97 -12.05 32.88
CA MET B 342 -11.75 -11.62 34.04
C MET B 342 -10.93 -10.88 35.10
N GLU B 343 -9.63 -11.18 35.21
CA GLU B 343 -8.82 -10.50 36.21
C GLU B 343 -8.69 -9.02 35.89
N GLY B 344 -8.98 -8.65 34.66
CA GLY B 344 -8.87 -7.25 34.31
C GLY B 344 -10.14 -6.46 34.60
N PHE B 345 -11.23 -7.19 34.77
CA PHE B 345 -12.53 -6.54 34.93
C PHE B 345 -13.43 -7.07 36.03
N TYR B 346 -14.39 -6.23 36.40
CA TYR B 346 -15.42 -6.60 37.37
C TYR B 346 -16.47 -7.06 36.39
N VAL B 347 -16.96 -8.28 36.51
CA VAL B 347 -17.92 -8.81 35.56
C VAL B 347 -19.25 -9.10 36.24
N VAL B 348 -20.32 -8.55 35.68
CA VAL B 348 -21.67 -8.68 36.23
C VAL B 348 -22.50 -9.64 35.39
N PHE B 349 -22.91 -10.73 36.00
CA PHE B 349 -23.73 -11.74 35.31
C PHE B 349 -25.18 -11.40 35.72
N ASP B 350 -25.76 -10.50 34.94
CA ASP B 350 -27.12 -10.01 35.18
C ASP B 350 -28.09 -10.94 34.48
N ARG B 351 -28.36 -12.07 35.11
CA ARG B 351 -29.26 -13.06 34.52
C ARG B 351 -30.69 -12.52 34.38
N ALA B 352 -31.07 -11.67 35.32
CA ALA B 352 -32.43 -11.10 35.29
C ALA B 352 -32.67 -10.31 34.01
N ARG B 353 -31.65 -9.61 33.52
CA ARG B 353 -31.81 -8.84 32.30
C ARG B 353 -31.07 -9.46 31.12
N LYS B 354 -30.71 -10.73 31.25
CA LYS B 354 -30.05 -11.46 30.19
C LYS B 354 -28.86 -10.67 29.59
N ARG B 355 -27.98 -10.18 30.45
CA ARG B 355 -26.84 -9.40 29.96
C ARG B 355 -25.66 -9.58 30.88
N ILE B 356 -24.47 -9.28 30.36
CA ILE B 356 -23.26 -9.40 31.13
C ILE B 356 -22.58 -8.05 31.10
N GLY B 357 -22.21 -7.53 32.27
CA GLY B 357 -21.59 -6.22 32.33
C GLY B 357 -20.09 -6.26 32.64
N PHE B 358 -19.34 -5.31 32.05
CA PHE B 358 -17.90 -5.20 32.27
C PHE B 358 -17.51 -3.77 32.66
N ALA B 359 -16.64 -3.67 33.66
CA ALA B 359 -16.10 -2.41 34.11
C ALA B 359 -14.65 -2.75 34.47
N VAL B 360 -13.78 -1.75 34.39
CA VAL B 360 -12.38 -1.94 34.76
C VAL B 360 -12.32 -2.32 36.24
N SER B 361 -11.57 -3.39 36.53
CA SER B 361 -11.45 -3.86 37.90
C SER B 361 -10.58 -2.98 38.77
N ALA B 362 -11.04 -2.74 39.99
CA ALA B 362 -10.27 -1.94 40.96
C ALA B 362 -9.03 -2.73 41.43
N CYS B 363 -8.94 -4.03 41.10
CA CYS B 363 -7.74 -4.77 41.50
C CYS B 363 -6.92 -5.28 40.30
N HIS B 364 -7.14 -4.75 39.11
CA HIS B 364 -6.35 -5.28 38.00
C HIS B 364 -4.90 -4.87 38.10
N VAL B 365 -4.01 -5.71 37.59
CA VAL B 365 -2.58 -5.43 37.62
C VAL B 365 -2.25 -4.56 36.42
N HIS B 366 -1.52 -3.47 36.65
CA HIS B 366 -1.12 -2.60 35.55
C HIS B 366 0.21 -1.91 35.88
N ASP B 367 0.61 -0.92 35.09
CA ASP B 367 1.85 -0.21 35.37
C ASP B 367 1.50 1.28 35.34
N GLU B 368 2.49 2.15 35.46
CA GLU B 368 2.10 3.54 35.50
C GLU B 368 1.65 4.14 34.18
N PHE B 369 1.98 3.48 33.08
CA PHE B 369 1.65 4.03 31.77
C PHE B 369 0.39 3.57 31.07
N ARG B 370 -0.12 2.40 31.47
CA ARG B 370 -1.31 1.81 30.85
C ARG B 370 -2.17 1.09 31.89
N THR B 371 -3.48 1.09 31.64
CA THR B 371 -4.42 0.36 32.50
C THR B 371 -5.38 -0.37 31.55
N ALA B 372 -6.10 -1.36 32.06
CA ALA B 372 -7.09 -2.06 31.26
C ALA B 372 -8.21 -1.02 31.09
N ALA B 373 -9.10 -1.22 30.12
CA ALA B 373 -10.15 -0.25 29.88
C ALA B 373 -11.44 -0.88 29.39
N VAL B 374 -12.54 -0.15 29.56
CA VAL B 374 -13.85 -0.56 29.03
C VAL B 374 -14.36 0.76 28.48
N GLU B 375 -14.52 0.83 27.16
CA GLU B 375 -14.88 2.08 26.50
C GLU B 375 -15.94 1.90 25.41
N GLY B 376 -16.72 2.95 25.17
CA GLY B 376 -17.72 2.87 24.13
C GLY B 376 -18.47 4.18 24.04
N PRO B 377 -19.47 4.31 23.15
CA PRO B 377 -19.93 3.27 22.23
C PRO B 377 -19.24 3.41 20.88
N PHE B 378 -19.29 2.37 20.07
CA PHE B 378 -18.74 2.42 18.71
C PHE B 378 -19.87 2.04 17.78
N VAL B 379 -20.08 2.79 16.71
CA VAL B 379 -21.13 2.39 15.79
C VAL B 379 -20.60 1.16 15.05
N THR B 380 -21.35 0.06 15.16
CA THR B 380 -20.98 -1.21 14.54
C THR B 380 -22.23 -1.79 13.85
N LEU B 381 -22.05 -2.29 12.64
CA LEU B 381 -23.18 -2.83 11.87
C LEU B 381 -23.22 -4.34 11.75
N ASP B 382 -24.42 -4.84 11.45
CA ASP B 382 -24.64 -6.27 11.23
C ASP B 382 -23.99 -7.18 12.29
N MET B 383 -23.90 -6.70 13.52
CA MET B 383 -23.28 -7.49 14.57
C MET B 383 -23.94 -8.86 14.77
N GLU B 384 -25.25 -8.92 14.54
CA GLU B 384 -25.99 -10.17 14.68
C GLU B 384 -25.30 -11.23 13.80
N ASP B 385 -24.83 -10.81 12.63
CA ASP B 385 -24.18 -11.72 11.69
C ASP B 385 -22.87 -12.30 12.19
N CYS B 386 -22.37 -11.79 13.30
CA CYS B 386 -21.13 -12.28 13.88
C CYS B 386 -21.35 -13.58 14.62
N GLY B 387 -22.60 -13.86 14.94
CA GLY B 387 -22.91 -15.07 15.66
C GLY B 387 -22.91 -16.27 14.74
N TYR B 388 -22.36 -17.38 15.23
CA TYR B 388 -22.29 -18.60 14.44
C TYR B 388 -23.51 -19.46 14.74
N ASN B 389 -24.02 -20.13 13.70
CA ASN B 389 -25.20 -21.00 13.86
C ASN B 389 -24.90 -22.42 13.41
N GLY C 1 -12.24 30.97 29.68
CA GLY C 1 -13.06 32.14 29.26
C GLY C 1 -13.83 31.98 27.96
N SER C 2 -14.16 33.12 27.35
CA SER C 2 -14.92 33.16 26.09
C SER C 2 -14.54 34.43 25.31
N PHE C 3 -14.00 34.25 24.10
CA PHE C 3 -13.59 35.35 23.24
C PHE C 3 -14.10 35.07 21.83
N VAL C 4 -15.42 34.96 21.69
CA VAL C 4 -16.04 34.65 20.41
C VAL C 4 -15.65 35.53 19.24
N GLU C 5 -15.24 36.77 19.50
CA GLU C 5 -14.83 37.64 18.41
C GLU C 5 -13.58 37.11 17.73
N MET C 6 -12.73 36.38 18.46
CA MET C 6 -11.49 35.85 17.90
C MET C 6 -11.58 34.39 17.43
N VAL C 7 -12.63 33.68 17.83
CA VAL C 7 -12.77 32.29 17.42
C VAL C 7 -12.84 32.24 15.89
N ASP C 8 -12.16 31.25 15.30
CA ASP C 8 -12.14 31.09 13.86
C ASP C 8 -11.56 32.26 13.06
N ASN C 9 -10.57 32.95 13.64
CA ASN C 9 -9.94 34.05 12.95
C ASN C 9 -8.71 33.62 12.14
N LEU C 10 -8.46 32.32 12.03
CA LEU C 10 -7.32 31.86 11.22
C LEU C 10 -7.77 31.08 10.00
N ARG C 11 -6.88 31.05 9.00
CA ARG C 11 -7.10 30.34 7.77
C ARG C 11 -5.75 29.73 7.41
N GLY C 12 -5.78 28.75 6.51
CA GLY C 12 -4.57 28.10 6.08
C GLY C 12 -4.60 26.61 6.36
N LYS C 13 -3.44 25.98 6.22
CA LYS C 13 -3.31 24.55 6.45
C LYS C 13 -1.84 24.30 6.82
N SER C 14 -1.56 23.13 7.36
CA SER C 14 -0.20 22.82 7.83
C SER C 14 0.94 23.00 6.82
N GLY C 15 0.71 22.60 5.58
CA GLY C 15 1.75 22.69 4.57
C GLY C 15 2.18 24.09 4.15
N GLN C 16 1.26 25.06 4.22
CA GLN C 16 1.57 26.45 3.84
C GLN C 16 1.47 27.46 5.00
N GLY C 17 1.05 26.98 6.15
CA GLY C 17 0.96 27.83 7.34
C GLY C 17 -0.43 28.38 7.60
N TYR C 18 -0.66 28.81 8.83
CA TYR C 18 -1.94 29.36 9.24
C TYR C 18 -1.71 30.87 9.42
N TYR C 19 -2.63 31.68 8.92
CA TYR C 19 -2.48 33.12 9.00
C TYR C 19 -3.71 33.84 9.54
N VAL C 20 -3.47 35.05 10.05
CA VAL C 20 -4.49 35.90 10.63
C VAL C 20 -4.51 37.22 9.85
N GLU C 21 -5.66 37.87 9.81
CA GLU C 21 -5.74 39.13 9.08
C GLU C 21 -5.25 40.29 9.98
N MET C 22 -4.44 41.18 9.42
CA MET C 22 -3.96 42.33 10.18
C MET C 22 -4.00 43.57 9.27
N THR C 23 -3.93 44.76 9.85
CA THR C 23 -3.88 45.95 9.02
C THR C 23 -2.67 46.72 9.51
N VAL C 24 -1.95 47.34 8.60
CA VAL C 24 -0.80 48.15 8.96
C VAL C 24 -0.91 49.52 8.28
N GLY C 25 -0.42 50.56 8.95
CA GLY C 25 -0.42 51.89 8.38
C GLY C 25 -1.73 52.66 8.44
N SER C 26 -1.69 53.91 7.97
CA SER C 26 -2.87 54.78 7.96
C SER C 26 -2.97 55.45 6.61
N PRO C 27 -4.06 55.22 5.86
CA PRO C 27 -5.20 54.36 6.20
C PRO C 27 -4.72 52.90 6.30
N PRO C 28 -5.51 52.05 6.99
CA PRO C 28 -5.14 50.64 7.18
C PRO C 28 -4.96 49.86 5.89
N GLN C 29 -3.85 49.15 5.79
CA GLN C 29 -3.58 48.32 4.62
C GLN C 29 -3.77 46.91 5.15
N THR C 30 -4.74 46.18 4.59
CA THR C 30 -5.01 44.82 5.05
C THR C 30 -4.01 43.84 4.49
N LEU C 31 -3.48 43.00 5.38
CA LEU C 31 -2.49 42.01 5.02
C LEU C 31 -2.73 40.72 5.81
N ASN C 32 -2.47 39.57 5.19
CA ASN C 32 -2.61 38.27 5.85
C ASN C 32 -1.22 37.92 6.36
N ILE C 33 -1.15 37.61 7.64
CA ILE C 33 0.10 37.34 8.31
C ILE C 33 0.19 35.96 8.95
N LEU C 34 1.24 35.23 8.58
CA LEU C 34 1.47 33.88 9.09
C LEU C 34 1.79 33.95 10.59
N VAL C 35 1.18 33.04 11.34
CA VAL C 35 1.39 32.99 12.77
C VAL C 35 2.54 32.03 12.97
N ASP C 36 3.67 32.56 13.50
CA ASP C 36 4.91 31.81 13.69
C ASP C 36 5.46 31.89 15.10
N THR C 37 5.28 30.84 15.91
CA THR C 37 5.79 30.90 17.25
C THR C 37 7.28 30.54 17.28
N GLY C 38 7.86 30.20 16.13
CA GLY C 38 9.27 29.85 16.10
C GLY C 38 10.23 31.01 15.78
N SER C 39 9.69 32.22 15.69
CA SER C 39 10.53 33.38 15.41
C SER C 39 9.98 34.61 16.15
N SER C 40 10.70 35.72 16.09
CA SER C 40 10.34 36.92 16.84
C SER C 40 10.28 38.25 16.08
N ASN C 41 10.32 38.17 14.76
CA ASN C 41 10.24 39.38 13.94
C ASN C 41 8.92 39.48 13.23
N PHE C 42 8.34 40.69 13.25
CA PHE C 42 7.09 40.96 12.51
C PHE C 42 7.62 41.53 11.20
N ALA C 43 7.29 40.87 10.09
CA ALA C 43 7.80 41.31 8.80
C ALA C 43 6.75 41.12 7.74
N VAL C 44 6.72 42.04 6.78
CA VAL C 44 5.74 41.95 5.71
C VAL C 44 6.37 42.29 4.37
N GLY C 45 5.92 41.61 3.32
CA GLY C 45 6.41 41.91 1.99
C GLY C 45 6.13 43.39 1.76
N ALA C 46 7.12 44.11 1.25
CA ALA C 46 6.96 45.54 1.02
C ALA C 46 7.28 45.96 -0.40
N ALA C 47 7.37 44.99 -1.30
CA ALA C 47 7.65 45.29 -2.70
C ALA C 47 6.98 44.19 -3.49
N PRO C 48 6.81 44.38 -4.81
CA PRO C 48 6.15 43.29 -5.54
C PRO C 48 6.99 42.01 -5.57
N HIS C 49 6.30 40.88 -5.63
CA HIS C 49 6.95 39.58 -5.68
C HIS C 49 5.99 38.71 -6.46
N PRO C 50 6.52 37.74 -7.23
CA PRO C 50 5.64 36.87 -8.01
C PRO C 50 4.55 36.17 -7.20
N PHE C 51 4.82 35.89 -5.92
CA PHE C 51 3.86 35.19 -5.08
C PHE C 51 2.95 36.05 -4.19
N LEU C 52 3.13 37.36 -4.23
CA LEU C 52 2.33 38.26 -3.40
C LEU C 52 1.25 38.99 -4.21
N HIS C 53 0.01 38.92 -3.74
CA HIS C 53 -1.06 39.62 -4.45
C HIS C 53 -1.03 41.05 -3.95
N ARG C 54 -0.58 41.24 -2.71
CA ARG C 54 -0.48 42.58 -2.17
C ARG C 54 0.71 42.71 -1.24
N TYR C 55 1.03 43.95 -0.89
CA TYR C 55 2.15 44.18 -0.01
C TYR C 55 2.09 45.57 0.64
N TYR C 56 2.90 45.73 1.67
CA TYR C 56 2.95 46.94 2.46
C TYR C 56 3.55 48.08 1.65
N GLN C 57 2.76 49.12 1.44
CA GLN C 57 3.22 50.30 0.71
C GLN C 57 3.52 51.41 1.72
N ARG C 58 4.77 51.50 2.15
CA ARG C 58 5.15 52.49 3.15
C ARG C 58 4.85 53.93 2.78
N GLN C 59 5.04 54.26 1.51
CA GLN C 59 4.80 55.62 1.03
C GLN C 59 3.35 56.04 1.17
N LEU C 60 2.46 55.08 1.32
CA LEU C 60 1.03 55.40 1.44
C LEU C 60 0.55 55.46 2.88
N SER C 61 1.44 55.23 3.83
CA SER C 61 1.05 55.26 5.22
C SER C 61 1.56 56.52 5.86
N SER C 62 0.64 57.33 6.40
CA SER C 62 1.02 58.58 7.03
C SER C 62 1.68 58.39 8.38
N THR C 63 1.56 57.18 8.94
CA THR C 63 2.13 56.90 10.26
C THR C 63 3.40 56.07 10.24
N TYR C 64 3.86 55.75 9.04
CA TYR C 64 5.10 55.00 8.89
C TYR C 64 6.26 55.82 9.42
N ARG C 65 7.18 55.17 10.15
CA ARG C 65 8.37 55.80 10.70
C ARG C 65 9.57 54.94 10.27
N ASP C 66 10.48 55.55 9.52
CA ASP C 66 11.66 54.83 9.04
C ASP C 66 12.79 54.80 10.09
N LEU C 67 13.16 53.60 10.53
CA LEU C 67 14.20 53.46 11.51
C LEU C 67 15.61 53.48 10.92
N ARG C 68 15.71 53.56 9.59
CA ARG C 68 17.01 53.61 8.91
C ARG C 68 17.99 52.52 9.33
N LYS C 69 17.52 51.29 9.43
CA LYS C 69 18.37 50.17 9.83
C LYS C 69 17.94 48.93 9.06
N GLY C 70 18.91 48.21 8.52
CA GLY C 70 18.58 47.00 7.78
C GLY C 70 18.37 45.84 8.75
N VAL C 71 17.80 44.76 8.23
CA VAL C 71 17.56 43.58 9.05
C VAL C 71 17.53 42.37 8.12
N TYR C 72 18.05 41.25 8.61
CA TYR C 72 18.09 40.04 7.81
C TYR C 72 17.68 38.91 8.74
N VAL C 73 16.75 38.08 8.30
CA VAL C 73 16.30 36.96 9.10
C VAL C 73 16.33 35.66 8.32
N PRO C 74 17.18 34.72 8.71
CA PRO C 74 17.29 33.43 8.04
C PRO C 74 16.52 32.43 8.90
N TYR C 75 15.79 31.51 8.27
CA TYR C 75 15.02 30.49 8.98
C TYR C 75 15.56 29.12 8.59
N THR C 76 15.01 28.06 9.18
CA THR C 76 15.43 26.71 8.84
C THR C 76 15.33 26.59 7.32
N GLN C 77 14.22 27.05 6.75
CA GLN C 77 14.08 27.05 5.29
C GLN C 77 13.50 28.41 4.95
N GLY C 78 14.22 29.18 4.13
CA GLY C 78 13.74 30.50 3.74
C GLY C 78 14.46 31.63 4.44
N LYS C 79 14.53 32.79 3.79
CA LYS C 79 15.22 33.93 4.39
C LYS C 79 14.79 35.20 3.68
N TRP C 80 14.99 36.34 4.33
CA TRP C 80 14.63 37.62 3.74
C TRP C 80 15.46 38.73 4.36
N GLU C 81 15.51 39.86 3.63
CA GLU C 81 16.22 41.05 4.09
C GLU C 81 15.24 42.19 3.93
N GLY C 82 15.35 43.18 4.81
CA GLY C 82 14.44 44.28 4.71
C GLY C 82 14.90 45.50 5.47
N GLU C 83 13.97 46.43 5.64
CA GLU C 83 14.24 47.70 6.29
C GLU C 83 13.31 47.89 7.47
N LEU C 84 13.88 48.20 8.61
CA LEU C 84 13.10 48.41 9.83
C LEU C 84 12.39 49.75 9.88
N GLY C 85 11.20 49.75 10.48
CA GLY C 85 10.41 50.95 10.64
C GLY C 85 9.34 50.62 11.66
N THR C 86 8.50 51.59 11.98
CA THR C 86 7.40 51.30 12.90
C THR C 86 6.15 51.87 12.24
N ASP C 87 4.99 51.37 12.65
CA ASP C 87 3.72 51.84 12.12
C ASP C 87 2.61 51.31 13.02
N LEU C 88 1.41 51.82 12.82
CA LEU C 88 0.27 51.39 13.60
C LEU C 88 -0.23 50.06 13.00
N VAL C 89 -0.57 49.13 13.89
CA VAL C 89 -1.02 47.81 13.47
C VAL C 89 -2.25 47.42 14.26
N SER C 90 -3.19 46.78 13.57
CA SER C 90 -4.42 46.30 14.19
C SER C 90 -4.71 44.88 13.75
N ILE C 91 -5.55 44.20 14.51
CA ILE C 91 -5.96 42.82 14.19
C ILE C 91 -7.49 42.88 14.23
N PRO C 92 -8.12 42.98 13.06
CA PRO C 92 -9.57 43.06 12.90
C PRO C 92 -10.34 42.04 13.73
N HIS C 93 -9.88 40.80 13.74
CA HIS C 93 -10.55 39.77 14.53
C HIS C 93 -9.71 39.40 15.74
N GLY C 94 -9.24 40.43 16.44
CA GLY C 94 -8.44 40.24 17.63
C GLY C 94 -8.89 41.31 18.60
N PRO C 95 -8.09 41.62 19.62
CA PRO C 95 -8.56 42.66 20.54
C PRO C 95 -8.82 43.96 19.79
N ASN C 96 -9.65 44.82 20.37
CA ASN C 96 -9.95 46.08 19.71
C ASN C 96 -8.92 47.12 20.15
N VAL C 97 -7.72 47.01 19.61
CA VAL C 97 -6.66 47.94 19.94
C VAL C 97 -5.78 48.19 18.73
N THR C 98 -5.00 49.25 18.81
CA THR C 98 -4.07 49.61 17.74
C THR C 98 -2.77 49.83 18.48
N VAL C 99 -1.69 49.28 17.97
CA VAL C 99 -0.43 49.45 18.65
C VAL C 99 0.68 49.86 17.70
N ARG C 100 1.68 50.59 18.18
CA ARG C 100 2.78 50.97 17.31
C ARG C 100 3.81 49.89 17.52
N ALA C 101 4.10 49.18 16.44
CA ALA C 101 5.01 48.06 16.46
C ALA C 101 6.14 48.15 15.45
N ASN C 102 7.21 47.40 15.71
CA ASN C 102 8.34 47.34 14.81
C ASN C 102 7.89 46.49 13.65
N ILE C 103 8.25 46.91 12.45
CA ILE C 103 7.90 46.19 11.25
C ILE C 103 9.08 46.15 10.29
N ALA C 104 9.43 44.94 9.85
CA ALA C 104 10.50 44.82 8.88
C ALA C 104 9.83 44.75 7.52
N ALA C 105 10.17 45.72 6.68
CA ALA C 105 9.63 45.82 5.33
C ALA C 105 10.51 44.95 4.46
N ILE C 106 10.01 43.79 4.07
CA ILE C 106 10.79 42.84 3.27
C ILE C 106 11.01 43.36 1.85
N THR C 107 12.27 43.52 1.50
CA THR C 107 12.68 44.03 0.18
C THR C 107 13.29 42.94 -0.72
N GLU C 108 13.91 41.92 -0.12
CA GLU C 108 14.48 40.81 -0.90
C GLU C 108 14.19 39.52 -0.11
N SER C 109 14.01 38.41 -0.80
CA SER C 109 13.73 37.17 -0.06
C SER C 109 14.09 35.97 -0.90
N ASP C 110 14.28 34.84 -0.22
CA ASP C 110 14.62 33.61 -0.92
C ASP C 110 13.93 32.44 -0.25
N LYS C 111 13.05 31.78 -1.02
CA LYS C 111 12.30 30.62 -0.56
C LYS C 111 11.51 30.85 0.72
N PHE C 112 11.02 32.07 0.89
CA PHE C 112 10.25 32.45 2.07
C PHE C 112 8.76 32.47 1.72
N PHE C 113 8.35 33.33 0.78
CA PHE C 113 6.94 33.38 0.39
C PHE C 113 6.58 32.11 -0.35
N ILE C 114 5.33 31.67 -0.20
CA ILE C 114 4.90 30.45 -0.84
C ILE C 114 3.78 30.73 -1.81
N ASN C 115 3.94 30.22 -3.02
CA ASN C 115 2.93 30.44 -4.04
C ASN C 115 1.57 29.88 -3.60
N GLY C 116 0.55 30.75 -3.56
CA GLY C 116 -0.79 30.32 -3.20
C GLY C 116 -1.10 30.16 -1.73
N SER C 117 -0.20 30.58 -0.85
CA SER C 117 -0.39 30.45 0.59
C SER C 117 -1.39 31.51 1.11
N ASN C 118 -1.56 32.57 0.34
CA ASN C 118 -2.43 33.70 0.67
C ASN C 118 -1.91 34.58 1.83
N TRP C 119 -0.66 34.42 2.25
CA TRP C 119 -0.14 35.31 3.29
C TRP C 119 1.05 36.11 2.73
N GLU C 120 1.22 37.32 3.29
CA GLU C 120 2.20 38.30 2.84
C GLU C 120 3.20 38.77 3.88
N GLY C 121 3.06 38.28 5.11
CA GLY C 121 3.98 38.67 6.15
C GLY C 121 4.06 37.58 7.20
N ILE C 122 4.86 37.80 8.22
CA ILE C 122 5.02 36.81 9.29
C ILE C 122 4.99 37.51 10.65
N LEU C 123 4.32 36.90 11.61
CA LEU C 123 4.24 37.45 12.96
C LEU C 123 5.01 36.49 13.87
N GLY C 124 6.24 36.87 14.20
CA GLY C 124 7.10 36.06 15.07
C GLY C 124 6.60 36.29 16.49
N LEU C 125 6.10 35.22 17.10
CA LEU C 125 5.49 35.33 18.42
C LEU C 125 6.38 34.94 19.57
N ALA C 126 7.60 34.55 19.24
CA ALA C 126 8.56 34.14 20.25
C ALA C 126 9.19 35.39 20.92
N TYR C 127 10.22 35.16 21.73
CA TYR C 127 10.88 36.20 22.50
C TYR C 127 12.01 36.99 21.84
N ALA C 128 12.26 38.16 22.42
CA ALA C 128 13.27 39.07 21.90
C ALA C 128 14.67 38.47 21.74
N GLU C 129 15.04 37.52 22.60
CA GLU C 129 16.38 36.95 22.51
C GLU C 129 16.75 36.49 21.12
N ILE C 130 15.79 35.99 20.36
CA ILE C 130 16.08 35.51 19.01
C ILE C 130 15.65 36.47 17.89
N ALA C 131 15.27 37.69 18.24
CA ALA C 131 14.89 38.69 17.24
C ALA C 131 16.13 39.22 16.53
N ARG C 132 15.98 39.61 15.26
CA ARG C 132 17.06 40.22 14.49
C ARG C 132 16.70 41.70 14.35
N PRO C 133 17.70 42.60 14.29
CA PRO C 133 19.14 42.35 14.34
C PRO C 133 19.64 41.88 15.69
N ASP C 134 18.95 42.27 16.76
CA ASP C 134 19.34 41.85 18.11
C ASP C 134 18.15 41.92 19.03
N ASP C 135 18.35 41.54 20.28
CA ASP C 135 17.25 41.55 21.24
C ASP C 135 16.71 42.91 21.65
N SER C 136 17.21 43.99 21.04
CA SER C 136 16.69 45.31 21.38
C SER C 136 15.45 45.63 20.54
N LEU C 137 15.19 44.85 19.49
CA LEU C 137 14.03 45.09 18.64
C LEU C 137 12.79 44.43 19.25
N GLU C 138 11.98 45.20 19.96
CA GLU C 138 10.80 44.68 20.64
C GLU C 138 9.86 43.89 19.70
N PRO C 139 9.60 42.60 20.01
CA PRO C 139 8.71 41.80 19.16
C PRO C 139 7.28 42.30 19.28
N PHE C 140 6.45 41.99 18.28
CA PHE C 140 5.08 42.48 18.29
C PHE C 140 4.28 42.24 19.58
N PHE C 141 4.27 41.00 20.05
CA PHE C 141 3.47 40.66 21.23
C PHE C 141 3.88 41.45 22.48
N ASP C 142 5.18 41.69 22.64
CA ASP C 142 5.70 42.49 23.76
C ASP C 142 5.15 43.92 23.65
N SER C 143 5.10 44.46 22.44
CA SER C 143 4.57 45.81 22.23
C SER C 143 3.09 45.86 22.57
N LEU C 144 2.38 44.84 22.13
CA LEU C 144 0.96 44.73 22.38
C LEU C 144 0.68 44.77 23.88
N VAL C 145 1.42 43.96 24.65
CA VAL C 145 1.24 43.89 26.09
C VAL C 145 1.62 45.21 26.79
N LYS C 146 2.74 45.80 26.37
CA LYS C 146 3.22 47.04 26.96
C LYS C 146 2.30 48.23 26.68
N GLN C 147 1.64 48.24 25.52
CA GLN C 147 0.79 49.36 25.15
C GLN C 147 -0.68 49.21 25.43
N THR C 148 -1.11 48.02 25.86
CA THR C 148 -2.53 47.81 26.10
C THR C 148 -2.74 47.02 27.38
N HIS C 149 -3.99 46.72 27.68
CA HIS C 149 -4.24 45.92 28.88
C HIS C 149 -4.41 44.44 28.52
N VAL C 150 -4.01 44.07 27.31
CA VAL C 150 -4.11 42.69 26.88
C VAL C 150 -3.22 41.82 27.76
N PRO C 151 -3.79 40.78 28.38
CA PRO C 151 -2.99 39.91 29.24
C PRO C 151 -1.87 39.28 28.43
N ASN C 152 -0.78 38.98 29.11
CA ASN C 152 0.41 38.40 28.51
C ASN C 152 0.31 36.90 28.23
N LEU C 153 -0.47 36.55 27.21
CA LEU C 153 -0.60 35.18 26.75
C LEU C 153 -1.55 35.09 25.59
N PHE C 154 -1.40 34.02 24.82
CA PHE C 154 -2.27 33.79 23.69
C PHE C 154 -2.39 32.29 23.57
N SER C 155 -3.36 31.85 22.80
CA SER C 155 -3.56 30.42 22.63
C SER C 155 -3.88 30.19 21.18
N LEU C 156 -3.49 29.01 20.70
CA LEU C 156 -3.69 28.69 19.31
C LEU C 156 -4.41 27.37 19.12
N GLN C 157 -5.41 27.35 18.25
CA GLN C 157 -6.11 26.11 17.90
C GLN C 157 -5.95 26.02 16.38
N LEU C 158 -5.03 25.19 15.91
CA LEU C 158 -4.86 25.02 14.48
C LEU C 158 -5.75 23.85 14.03
N CYS C 159 -6.57 24.07 13.02
CA CYS C 159 -7.46 23.01 12.56
C CYS C 159 -7.14 22.42 11.21
N GLY C 160 -6.68 21.17 11.22
CA GLY C 160 -6.38 20.46 9.98
C GLY C 160 -7.68 19.82 9.49
N ALA C 161 -7.85 19.71 8.19
CA ALA C 161 -9.10 19.15 7.68
C ALA C 161 -9.14 17.63 7.67
N GLY C 162 -7.97 17.01 7.50
CA GLY C 162 -7.93 15.55 7.44
C GLY C 162 -8.10 15.08 5.99
N PHE C 163 -8.20 16.02 5.05
CA PHE C 163 -8.32 15.71 3.63
C PHE C 163 -7.83 16.92 2.85
N PRO C 164 -7.53 16.77 1.55
CA PRO C 164 -7.05 17.93 0.78
C PRO C 164 -8.08 19.02 0.52
N LEU C 165 -7.68 20.27 0.67
CA LEU C 165 -8.57 21.41 0.44
C LEU C 165 -8.22 22.09 -0.88
N ASN C 166 -9.22 22.35 -1.72
CA ASN C 166 -8.87 23.04 -2.95
C ASN C 166 -8.73 24.52 -2.63
N GLN C 167 -8.32 25.29 -3.63
CA GLN C 167 -8.11 26.73 -3.47
C GLN C 167 -9.29 27.49 -2.83
N SER C 168 -10.52 27.25 -3.28
CA SER C 168 -11.63 27.98 -2.69
C SER C 168 -11.95 27.50 -1.29
N GLU C 169 -11.71 26.22 -1.01
CA GLU C 169 -11.98 25.68 0.32
C GLU C 169 -10.99 26.23 1.35
N VAL C 170 -9.72 26.33 0.97
CA VAL C 170 -8.72 26.83 1.91
C VAL C 170 -8.92 28.31 2.19
N LEU C 171 -9.59 29.00 1.27
CA LEU C 171 -9.89 30.42 1.43
C LEU C 171 -11.23 30.57 2.13
N ALA C 172 -12.17 29.72 1.71
CA ALA C 172 -13.53 29.72 2.23
C ALA C 172 -13.68 28.90 3.51
N SER C 173 -12.59 28.38 4.06
CA SER C 173 -12.74 27.62 5.29
C SER C 173 -12.01 28.29 6.47
N VAL C 174 -12.41 27.87 7.67
CA VAL C 174 -11.84 28.37 8.91
C VAL C 174 -10.74 27.45 9.40
N GLY C 175 -9.52 27.98 9.39
CA GLY C 175 -8.37 27.22 9.78
C GLY C 175 -8.04 27.13 11.25
N GLY C 176 -8.83 27.78 12.10
CA GLY C 176 -8.54 27.72 13.51
C GLY C 176 -8.69 29.04 14.22
N SER C 177 -8.12 29.12 15.43
CA SER C 177 -8.22 30.33 16.23
C SER C 177 -6.97 30.69 16.99
N MET C 178 -6.73 32.00 17.04
CA MET C 178 -5.64 32.52 17.82
C MET C 178 -6.36 33.46 18.79
N ILE C 179 -6.46 33.04 20.05
CA ILE C 179 -7.12 33.86 21.04
C ILE C 179 -6.03 34.71 21.66
N ILE C 180 -6.14 36.02 21.47
CA ILE C 180 -5.13 36.92 22.00
C ILE C 180 -5.55 37.45 23.35
N GLY C 181 -4.76 37.14 24.38
CA GLY C 181 -5.06 37.63 25.71
C GLY C 181 -5.85 36.68 26.60
N GLY C 182 -6.15 35.48 26.10
CA GLY C 182 -6.92 34.56 26.92
C GLY C 182 -7.05 33.15 26.37
N ILE C 183 -7.94 32.40 27.00
CA ILE C 183 -8.22 30.99 26.71
C ILE C 183 -9.72 30.79 26.48
N ASP C 184 -10.10 30.22 25.34
CA ASP C 184 -11.52 30.00 25.07
C ASP C 184 -11.88 28.53 25.27
N HIS C 185 -12.68 28.26 26.29
CA HIS C 185 -13.06 26.89 26.64
C HIS C 185 -13.77 26.07 25.59
N SER C 186 -14.33 26.72 24.57
CA SER C 186 -14.99 25.98 23.51
C SER C 186 -14.01 25.33 22.52
N LEU C 187 -12.72 25.66 22.63
CA LEU C 187 -11.71 25.12 21.69
C LEU C 187 -11.05 23.81 22.12
N TYR C 188 -11.34 23.35 23.33
CA TYR C 188 -10.74 22.10 23.79
C TYR C 188 -11.69 21.31 24.68
N THR C 189 -11.32 20.07 24.95
CA THR C 189 -12.11 19.22 25.84
C THR C 189 -11.14 18.68 26.88
N GLY C 190 -11.68 18.13 27.97
CA GLY C 190 -10.80 17.58 29.00
C GLY C 190 -10.02 18.68 29.68
N SER C 191 -8.90 18.35 30.31
CA SER C 191 -8.15 19.36 31.01
C SER C 191 -6.86 19.83 30.32
N LEU C 192 -6.42 21.02 30.72
CA LEU C 192 -5.20 21.64 30.23
C LEU C 192 -4.04 21.21 31.14
N TRP C 193 -2.99 20.67 30.55
CA TRP C 193 -1.79 20.25 31.29
C TRP C 193 -0.65 21.16 30.85
N TYR C 194 0.08 21.70 31.81
CA TYR C 194 1.17 22.61 31.49
C TYR C 194 2.58 22.09 31.66
N THR C 195 3.45 22.49 30.74
CA THR C 195 4.86 22.14 30.79
C THR C 195 5.62 23.49 30.89
N PRO C 196 6.72 23.53 31.66
CA PRO C 196 7.50 24.78 31.83
C PRO C 196 8.14 25.28 30.56
N ILE C 197 8.25 26.61 30.40
CA ILE C 197 9.00 27.11 29.26
C ILE C 197 10.41 27.12 29.88
N ARG C 198 11.33 26.37 29.30
CA ARG C 198 12.67 26.24 29.85
C ARG C 198 13.49 27.53 29.79
N ARG C 199 13.41 28.23 28.66
CA ARG C 199 14.11 29.49 28.46
C ARG C 199 13.23 30.35 27.55
N GLU C 200 13.20 31.65 27.81
CA GLU C 200 12.39 32.54 26.97
C GLU C 200 13.18 33.02 25.75
N TRP C 201 13.23 32.18 24.73
CA TRP C 201 13.89 32.55 23.49
C TRP C 201 12.94 31.96 22.44
N TYR C 202 13.03 30.66 22.20
CA TYR C 202 12.03 30.01 21.36
C TYR C 202 11.11 29.58 22.50
N TYR C 203 9.97 28.97 22.18
CA TYR C 203 9.12 28.44 23.24
C TYR C 203 9.72 27.03 23.42
N GLU C 204 10.74 26.97 24.26
CA GLU C 204 11.48 25.75 24.52
C GLU C 204 10.87 24.94 25.63
N VAL C 205 10.76 23.65 25.39
CA VAL C 205 10.21 22.72 26.37
C VAL C 205 11.14 21.52 26.51
N ILE C 206 10.80 20.62 27.43
CA ILE C 206 11.60 19.41 27.62
C ILE C 206 10.76 18.13 27.50
N ILE C 207 11.18 17.25 26.59
CA ILE C 207 10.50 15.98 26.37
C ILE C 207 11.23 14.95 27.22
N VAL C 208 10.49 14.16 28.00
CA VAL C 208 11.12 13.18 28.89
C VAL C 208 10.95 11.71 28.51
N ARG C 209 10.10 11.44 27.53
CA ARG C 209 9.87 10.06 27.11
C ARG C 209 9.08 10.10 25.80
N VAL C 210 9.33 9.11 24.96
CA VAL C 210 8.64 9.00 23.69
C VAL C 210 8.21 7.54 23.52
N GLU C 211 6.94 7.32 23.17
CA GLU C 211 6.43 5.96 22.92
C GLU C 211 5.78 5.88 21.55
N ILE C 212 5.78 4.68 20.99
CA ILE C 212 5.15 4.39 19.70
C ILE C 212 4.21 3.24 20.06
N ASN C 213 2.90 3.50 20.06
CA ASN C 213 1.88 2.52 20.46
C ASN C 213 2.26 2.00 21.84
N GLY C 214 2.57 2.93 22.76
CA GLY C 214 2.93 2.55 24.12
C GLY C 214 4.33 1.94 24.30
N GLN C 215 5.02 1.61 23.21
CA GLN C 215 6.37 1.04 23.34
C GLN C 215 7.43 2.14 23.41
N ASP C 216 8.16 2.14 24.53
CA ASP C 216 9.20 3.11 24.84
C ASP C 216 10.33 3.08 23.82
N LEU C 217 10.67 4.24 23.27
CA LEU C 217 11.77 4.32 22.30
C LEU C 217 13.06 4.01 23.08
N LYS C 218 12.99 4.20 24.40
CA LYS C 218 14.11 3.89 25.30
C LYS C 218 15.47 4.52 25.00
N MET C 219 15.47 5.81 24.70
CA MET C 219 16.71 6.51 24.43
C MET C 219 17.03 7.36 25.64
N ASP C 220 18.28 7.81 25.76
CA ASP C 220 18.67 8.71 26.84
C ASP C 220 17.78 9.93 26.57
N CYS C 221 17.04 10.40 27.56
CA CYS C 221 16.14 11.52 27.32
C CYS C 221 16.78 12.82 26.79
N LYS C 222 18.09 12.96 26.96
CA LYS C 222 18.79 14.14 26.44
C LYS C 222 18.69 14.14 24.92
N GLU C 223 18.68 12.95 24.32
CA GLU C 223 18.60 12.83 22.86
C GLU C 223 17.32 13.45 22.31
N TYR C 224 16.23 13.38 23.07
CA TYR C 224 14.93 13.93 22.63
C TYR C 224 14.95 15.46 22.54
N ASN C 225 15.87 16.07 23.28
CA ASN C 225 15.99 17.53 23.32
C ASN C 225 17.37 17.93 22.87
N TYR C 226 18.00 17.06 22.08
CA TYR C 226 19.34 17.31 21.63
C TYR C 226 19.34 18.48 20.73
N ASP C 227 19.88 19.53 21.37
CA ASP C 227 20.04 20.85 20.90
C ASP C 227 18.96 21.56 21.71
N LYS C 228 17.72 21.30 21.33
CA LYS C 228 16.58 21.92 22.01
C LYS C 228 15.29 21.30 21.46
N SER C 229 14.18 21.58 22.14
CA SER C 229 12.87 21.13 21.67
C SER C 229 11.99 22.37 21.74
N ILE C 230 11.31 22.71 20.64
CA ILE C 230 10.47 23.90 20.65
C ILE C 230 9.09 23.63 20.04
N VAL C 231 8.15 24.51 20.34
CA VAL C 231 6.82 24.43 19.77
C VAL C 231 6.83 25.52 18.67
N ASP C 232 6.54 25.12 17.44
CA ASP C 232 6.58 26.05 16.31
C ASP C 232 5.43 25.90 15.33
N SER C 233 4.49 26.82 15.39
CA SER C 233 3.32 26.80 14.52
C SER C 233 3.71 27.08 13.05
N GLY C 234 4.90 27.66 12.85
CA GLY C 234 5.37 27.97 11.50
C GLY C 234 6.16 26.83 10.86
N THR C 235 6.13 25.66 11.49
CA THR C 235 6.82 24.49 10.94
C THR C 235 5.73 23.45 10.68
N THR C 236 5.72 22.86 9.49
CA THR C 236 4.69 21.88 9.15
C THR C 236 4.75 20.59 9.95
N ASN C 237 5.92 19.95 9.91
CA ASN C 237 6.14 18.65 10.53
C ASN C 237 6.52 18.56 12.00
N LEU C 238 6.52 17.31 12.48
CA LEU C 238 7.02 16.99 13.81
C LEU C 238 8.48 16.72 13.33
N ARG C 239 9.46 17.49 13.81
CA ARG C 239 10.82 17.23 13.39
C ARG C 239 11.59 16.72 14.59
N LEU C 240 12.39 15.71 14.35
CA LEU C 240 13.14 15.07 15.42
C LEU C 240 14.62 14.97 15.16
N PRO C 241 15.44 15.09 16.23
CA PRO C 241 16.89 14.97 16.05
C PRO C 241 17.19 13.65 15.32
N LYS C 242 18.24 13.64 14.50
CA LYS C 242 18.62 12.45 13.74
C LYS C 242 18.48 11.07 14.43
N LYS C 243 19.15 10.88 15.56
CA LYS C 243 19.06 9.59 16.28
C LYS C 243 17.62 9.20 16.64
N VAL C 244 16.87 10.15 17.16
CA VAL C 244 15.48 9.90 17.58
C VAL C 244 14.64 9.57 16.36
N PHE C 245 14.83 10.33 15.27
CA PHE C 245 14.09 10.12 14.05
C PHE C 245 14.32 8.70 13.52
N GLU C 246 15.58 8.25 13.50
CA GLU C 246 15.85 6.91 12.98
C GLU C 246 15.15 5.86 13.84
N ALA C 247 15.23 6.00 15.16
CA ALA C 247 14.58 5.05 16.05
C ALA C 247 13.06 5.12 15.93
N ALA C 248 12.52 6.33 15.81
CA ALA C 248 11.07 6.51 15.69
C ALA C 248 10.56 5.84 14.39
N VAL C 249 11.24 6.09 13.27
CA VAL C 249 10.80 5.49 12.01
C VAL C 249 10.91 3.97 12.01
N LYS C 250 11.97 3.44 12.64
CA LYS C 250 12.13 2.00 12.72
C LYS C 250 10.92 1.41 13.47
N SER C 251 10.57 2.04 14.57
CA SER C 251 9.43 1.56 15.34
C SER C 251 8.07 1.73 14.61
N ILE C 252 7.88 2.84 13.91
CA ILE C 252 6.63 3.08 13.20
C ILE C 252 6.52 2.09 12.04
N LYS C 253 7.64 1.79 11.37
CA LYS C 253 7.64 0.82 10.26
C LYS C 253 7.24 -0.56 10.80
N ALA C 254 7.83 -0.93 11.92
CA ALA C 254 7.55 -2.23 12.53
C ALA C 254 6.07 -2.36 12.89
N ALA C 255 5.49 -1.30 13.45
CA ALA C 255 4.06 -1.31 13.81
C ALA C 255 3.16 -1.35 12.58
N SER C 256 3.62 -0.83 11.46
CA SER C 256 2.76 -0.82 10.29
C SER C 256 3.18 -1.78 9.20
N SER C 257 3.97 -2.78 9.56
CA SER C 257 4.48 -3.72 8.56
C SER C 257 3.51 -4.63 7.81
N THR C 258 2.21 -4.62 8.14
CA THR C 258 1.29 -5.45 7.35
C THR C 258 1.16 -4.85 5.96
N GLU C 259 1.67 -3.63 5.80
CA GLU C 259 1.68 -2.95 4.50
C GLU C 259 3.09 -2.38 4.36
N LYS C 260 3.70 -2.55 3.20
CA LYS C 260 5.07 -2.05 3.02
C LYS C 260 5.06 -0.76 2.19
N PHE C 261 5.90 0.19 2.60
CA PHE C 261 5.97 1.46 1.90
C PHE C 261 7.38 1.77 1.45
N PRO C 262 7.51 2.41 0.28
CA PRO C 262 8.85 2.76 -0.22
C PRO C 262 9.65 3.62 0.76
N ASP C 263 10.98 3.50 0.71
CA ASP C 263 11.84 4.28 1.56
C ASP C 263 11.60 5.77 1.33
N GLY C 264 11.18 6.11 0.12
CA GLY C 264 10.93 7.50 -0.20
C GLY C 264 9.80 8.05 0.67
N PHE C 265 8.85 7.20 1.03
CA PHE C 265 7.72 7.62 1.86
C PHE C 265 8.22 8.04 3.23
N TRP C 266 8.97 7.15 3.88
CA TRP C 266 9.48 7.44 5.20
C TRP C 266 10.43 8.64 5.28
N LEU C 267 11.04 8.97 4.14
CA LEU C 267 11.95 10.09 4.11
C LEU C 267 11.24 11.36 3.65
N GLY C 268 9.93 11.26 3.45
CA GLY C 268 9.15 12.41 3.01
C GLY C 268 9.39 12.85 1.58
N GLU C 269 9.86 11.95 0.73
CA GLU C 269 10.15 12.32 -0.65
C GLU C 269 9.02 11.93 -1.59
N GLN C 270 8.11 11.07 -1.13
CA GLN C 270 6.99 10.67 -1.97
C GLN C 270 5.77 10.35 -1.13
N LEU C 271 4.61 10.37 -1.74
CA LEU C 271 3.40 10.07 -0.99
C LEU C 271 2.89 8.64 -1.17
N VAL C 272 1.95 8.28 -0.32
CA VAL C 272 1.33 6.98 -0.36
C VAL C 272 -0.16 7.29 -0.55
N CYS C 273 -0.81 6.50 -1.39
CA CYS C 273 -2.22 6.70 -1.69
C CYS C 273 -3.04 5.43 -1.53
N TRP C 274 -4.31 5.58 -1.17
CA TRP C 274 -5.22 4.46 -1.03
C TRP C 274 -6.53 4.89 -1.72
N GLN C 275 -7.32 3.93 -2.13
CA GLN C 275 -8.61 4.23 -2.73
C GLN C 275 -9.39 5.07 -1.73
N ALA C 276 -10.08 6.08 -2.23
CA ALA C 276 -10.83 6.98 -1.37
C ALA C 276 -11.59 6.25 -0.27
N GLY C 277 -11.46 6.75 0.95
CA GLY C 277 -12.16 6.17 2.09
C GLY C 277 -11.55 4.91 2.71
N THR C 278 -10.54 4.33 2.06
CA THR C 278 -9.94 3.11 2.58
C THR C 278 -8.61 3.25 3.34
N THR C 279 -8.19 4.47 3.68
CA THR C 279 -6.93 4.63 4.42
C THR C 279 -6.97 3.70 5.67
N PRO C 280 -5.96 2.82 5.86
CA PRO C 280 -5.91 1.90 7.01
C PRO C 280 -5.30 2.56 8.24
N TRP C 281 -6.01 3.55 8.76
CA TRP C 281 -5.52 4.27 9.91
C TRP C 281 -5.10 3.34 11.01
N ASN C 282 -5.91 2.30 11.25
CA ASN C 282 -5.62 1.37 12.36
C ASN C 282 -4.26 0.68 12.33
N ILE C 283 -3.62 0.56 11.18
CA ILE C 283 -2.32 -0.12 11.19
C ILE C 283 -1.18 0.78 11.65
N PHE C 284 -1.39 2.09 11.60
CA PHE C 284 -0.36 3.04 12.03
C PHE C 284 -0.50 3.28 13.54
N PRO C 285 0.63 3.39 14.23
CA PRO C 285 0.62 3.61 15.68
C PRO C 285 0.38 5.04 16.13
N VAL C 286 -0.06 5.17 17.37
CA VAL C 286 -0.23 6.50 17.92
C VAL C 286 1.19 6.82 18.43
N ILE C 287 1.47 8.11 18.65
CA ILE C 287 2.78 8.54 19.14
C ILE C 287 2.52 9.43 20.34
N SER C 288 3.21 9.12 21.43
CA SER C 288 3.08 9.86 22.66
C SER C 288 4.40 10.54 23.02
N LEU C 289 4.31 11.82 23.36
CA LEU C 289 5.49 12.55 23.78
C LEU C 289 5.19 12.92 25.22
N TYR C 290 6.10 12.60 26.16
CA TYR C 290 5.86 12.99 27.56
C TYR C 290 6.60 14.30 27.79
N LEU C 291 5.97 15.22 28.51
CA LEU C 291 6.58 16.52 28.78
C LEU C 291 6.70 16.75 30.27
N MET C 292 7.75 17.48 30.65
CA MET C 292 7.96 17.80 32.05
C MET C 292 6.73 18.55 32.54
N GLY C 293 6.29 18.23 33.75
CA GLY C 293 5.14 18.90 34.30
C GLY C 293 5.60 20.08 35.16
N GLU C 294 4.64 20.82 35.72
CA GLU C 294 4.96 21.94 36.58
C GLU C 294 5.29 21.46 37.99
N VAL C 295 4.85 20.25 38.32
CA VAL C 295 5.12 19.68 39.62
C VAL C 295 6.36 18.81 39.58
N THR C 296 7.20 18.92 40.61
CA THR C 296 8.43 18.15 40.67
C THR C 296 8.19 16.65 40.48
N ASN C 297 9.02 16.05 39.63
CA ASN C 297 8.94 14.61 39.35
C ASN C 297 7.63 14.16 38.74
N GLN C 298 7.00 15.08 38.05
CA GLN C 298 5.73 14.80 37.44
C GLN C 298 5.81 15.17 35.97
N SER C 299 5.17 14.36 35.14
CA SER C 299 5.12 14.64 33.72
C SER C 299 3.73 14.29 33.22
N PHE C 300 3.44 14.67 31.98
CA PHE C 300 2.16 14.32 31.40
C PHE C 300 2.48 13.96 29.96
N ARG C 301 1.54 13.38 29.23
CA ARG C 301 1.86 13.04 27.86
C ARG C 301 0.80 13.51 26.88
N ILE C 302 1.22 13.78 25.64
CA ILE C 302 0.27 14.15 24.61
C ILE C 302 0.42 13.03 23.60
N THR C 303 -0.69 12.58 23.05
CA THR C 303 -0.69 11.49 22.09
C THR C 303 -1.34 11.90 20.78
N ILE C 304 -0.67 11.67 19.65
CA ILE C 304 -1.24 12.03 18.35
C ILE C 304 -1.47 10.77 17.55
N LEU C 305 -2.37 10.89 16.58
CA LEU C 305 -2.74 9.76 15.72
C LEU C 305 -2.11 9.93 14.36
N PRO C 306 -2.18 8.88 13.53
CA PRO C 306 -1.63 8.99 12.19
C PRO C 306 -2.46 10.06 11.45
N GLN C 307 -3.71 10.32 11.89
CA GLN C 307 -4.48 11.39 11.25
C GLN C 307 -3.76 12.73 11.41
N GLN C 308 -2.84 12.81 12.38
CA GLN C 308 -2.04 14.04 12.54
C GLN C 308 -0.72 13.95 11.73
N TYR C 309 0.03 12.87 11.89
CA TYR C 309 1.33 12.77 11.20
C TYR C 309 1.35 12.30 9.75
N LEU C 310 0.19 11.94 9.20
CA LEU C 310 0.10 11.61 7.76
C LEU C 310 -0.68 12.81 7.22
N ARG C 311 0.02 13.65 6.46
CA ARG C 311 -0.56 14.89 5.93
C ARG C 311 -1.25 14.69 4.57
N PRO C 312 -2.53 15.09 4.45
CA PRO C 312 -3.27 14.93 3.20
C PRO C 312 -2.69 15.89 2.15
N VAL C 313 -2.58 15.40 0.92
CA VAL C 313 -2.11 16.18 -0.22
C VAL C 313 -3.08 15.81 -1.36
N GLU C 314 -3.50 16.80 -2.14
CA GLU C 314 -4.44 16.57 -3.24
C GLU C 314 -3.90 15.63 -4.31
N ASP C 315 -4.76 14.71 -4.74
CA ASP C 315 -4.43 13.70 -5.76
C ASP C 315 -4.29 14.35 -7.15
N VAL C 316 -3.46 13.74 -7.99
CA VAL C 316 -3.19 14.23 -9.34
C VAL C 316 -4.26 13.89 -10.39
N ALA C 317 -4.46 12.61 -10.71
CA ALA C 317 -5.50 12.26 -11.67
C ALA C 317 -6.82 12.49 -10.93
N THR C 318 -7.88 12.78 -11.67
CA THR C 318 -9.18 13.05 -11.06
C THR C 318 -9.73 11.88 -10.24
N SER C 319 -8.86 10.92 -9.95
CA SER C 319 -9.25 9.75 -9.17
C SER C 319 -9.67 10.19 -7.78
N GLN C 320 -10.43 9.33 -7.10
CA GLN C 320 -10.89 9.66 -5.76
C GLN C 320 -9.75 9.41 -4.74
N ASP C 321 -8.84 8.47 -5.05
CA ASP C 321 -7.70 8.13 -4.17
C ASP C 321 -7.32 9.21 -3.13
N ASP C 322 -7.12 8.79 -1.88
CA ASP C 322 -6.71 9.69 -0.78
C ASP C 322 -5.19 9.49 -0.63
N CYS C 323 -4.42 10.56 -0.76
CA CYS C 323 -2.97 10.50 -0.69
C CYS C 323 -2.43 11.29 0.49
N TYR C 324 -1.27 10.87 0.99
CA TYR C 324 -0.64 11.54 2.13
C TYR C 324 0.86 11.50 2.10
N LYS C 325 1.43 12.48 2.80
CA LYS C 325 2.86 12.59 2.95
C LYS C 325 3.13 12.29 4.43
N PHE C 326 4.24 11.63 4.72
CA PHE C 326 4.64 11.29 6.09
C PHE C 326 5.18 12.62 6.65
N ALA C 327 4.54 13.14 7.70
CA ALA C 327 4.94 14.44 8.22
C ALA C 327 5.83 14.47 9.46
N ILE C 328 6.73 13.49 9.55
CA ILE C 328 7.71 13.47 10.64
C ILE C 328 9.04 13.45 9.87
N SER C 329 9.96 14.34 10.22
CA SER C 329 11.22 14.34 9.49
C SER C 329 12.38 14.62 10.43
N GLN C 330 13.59 14.38 9.93
CA GLN C 330 14.78 14.59 10.74
C GLN C 330 15.13 16.06 10.86
N SER C 331 15.81 16.40 11.95
CA SER C 331 16.20 17.78 12.19
C SER C 331 17.66 17.75 12.63
N SER C 332 18.41 18.81 12.33
CA SER C 332 19.78 18.88 12.79
C SER C 332 19.79 19.98 13.84
N THR C 333 18.62 20.53 14.14
CA THR C 333 18.54 21.59 15.15
C THR C 333 17.56 21.29 16.29
N GLY C 334 17.43 20.03 16.65
CA GLY C 334 16.56 19.66 17.76
C GLY C 334 15.14 19.36 17.37
N THR C 335 14.33 19.09 18.37
CA THR C 335 12.94 18.76 18.10
C THR C 335 12.08 19.96 17.78
N VAL C 336 11.21 19.80 16.81
CA VAL C 336 10.28 20.86 16.50
C VAL C 336 8.88 20.26 16.51
N MET C 337 8.04 20.73 17.44
CA MET C 337 6.66 20.29 17.52
C MET C 337 5.90 21.29 16.65
N GLY C 338 5.76 20.95 15.37
CA GLY C 338 5.09 21.82 14.42
C GLY C 338 3.58 21.63 14.34
N ALA C 339 3.02 22.15 13.25
CA ALA C 339 1.58 22.09 12.97
C ALA C 339 1.01 20.68 13.10
N VAL C 340 1.77 19.67 12.71
CA VAL C 340 1.38 18.26 12.80
C VAL C 340 0.89 17.98 14.20
N ILE C 341 1.70 18.38 15.16
CA ILE C 341 1.40 18.19 16.55
C ILE C 341 0.32 19.17 17.02
N MET C 342 0.49 20.45 16.71
CA MET C 342 -0.48 21.44 17.18
C MET C 342 -1.91 21.23 16.69
N GLU C 343 -2.09 20.56 15.55
CA GLU C 343 -3.43 20.31 15.05
C GLU C 343 -4.18 19.32 15.93
N GLY C 344 -3.48 18.66 16.83
CA GLY C 344 -4.16 17.71 17.69
C GLY C 344 -4.58 18.34 19.01
N PHE C 345 -3.98 19.51 19.30
CA PHE C 345 -4.21 20.17 20.58
C PHE C 345 -4.50 21.66 20.58
N TYR C 346 -5.10 22.12 21.67
CA TYR C 346 -5.34 23.53 21.87
C TYR C 346 -4.07 23.84 22.68
N VAL C 347 -3.28 24.81 22.24
CA VAL C 347 -2.01 25.13 22.90
C VAL C 347 -2.03 26.53 23.48
N VAL C 348 -1.77 26.62 24.78
CA VAL C 348 -1.80 27.90 25.49
C VAL C 348 -0.39 28.36 25.78
N PHE C 349 -0.02 29.51 25.20
CA PHE C 349 1.32 30.08 25.41
C PHE C 349 1.18 31.08 26.58
N ASP C 350 1.25 30.55 27.78
CA ASP C 350 1.08 31.35 28.98
C ASP C 350 2.39 32.03 29.30
N ARG C 351 2.63 33.15 28.65
CA ARG C 351 3.88 33.90 28.86
C ARG C 351 3.97 34.45 30.29
N ALA C 352 2.85 34.91 30.82
CA ALA C 352 2.81 35.48 32.17
C ALA C 352 3.32 34.46 33.19
N ARG C 353 2.92 33.20 33.03
CA ARG C 353 3.35 32.18 33.98
C ARG C 353 4.46 31.27 33.48
N LYS C 354 5.08 31.67 32.36
CA LYS C 354 6.21 30.95 31.78
C LYS C 354 5.92 29.45 31.57
N ARG C 355 4.80 29.17 30.95
CA ARG C 355 4.43 27.78 30.73
C ARG C 355 3.57 27.62 29.48
N ILE C 356 3.55 26.40 28.95
CA ILE C 356 2.76 26.10 27.78
C ILE C 356 1.75 25.00 28.15
N GLY C 357 0.48 25.26 27.86
CA GLY C 357 -0.55 24.30 28.19
C GLY C 357 -1.04 23.55 26.97
N PHE C 358 -1.36 22.27 27.16
CA PHE C 358 -1.89 21.41 26.09
C PHE C 358 -3.23 20.79 26.52
N ALA C 359 -4.21 20.81 25.62
CA ALA C 359 -5.48 20.17 25.83
C ALA C 359 -5.90 19.55 24.47
N VAL C 360 -6.69 18.49 24.51
CA VAL C 360 -7.16 17.85 23.29
C VAL C 360 -8.00 18.88 22.54
N SER C 361 -7.69 19.08 21.27
CA SER C 361 -8.43 20.07 20.49
C SER C 361 -9.84 19.65 20.11
N ALA C 362 -10.78 20.59 20.15
CA ALA C 362 -12.14 20.28 19.79
C ALA C 362 -12.23 20.10 18.27
N CYS C 363 -11.19 20.45 17.53
CA CYS C 363 -11.25 20.28 16.10
C CYS C 363 -10.29 19.21 15.57
N HIS C 364 -9.64 18.43 16.43
CA HIS C 364 -8.69 17.45 15.90
C HIS C 364 -9.34 16.34 15.08
N VAL C 365 -8.59 15.82 14.11
CA VAL C 365 -9.06 14.76 13.24
C VAL C 365 -8.82 13.38 13.87
N HIS C 366 -9.83 12.54 13.84
CA HIS C 366 -9.70 11.21 14.41
C HIS C 366 -10.71 10.29 13.74
N ASP C 367 -10.81 9.05 14.20
CA ASP C 367 -11.77 8.13 13.63
C ASP C 367 -12.62 7.66 14.79
N GLU C 368 -13.48 6.67 14.57
CA GLU C 368 -14.32 6.24 15.66
C GLU C 368 -13.60 5.46 16.75
N PHE C 369 -12.42 4.93 16.43
CA PHE C 369 -11.75 4.08 17.41
C PHE C 369 -10.68 4.68 18.30
N ARG C 370 -10.11 5.82 17.90
CA ARG C 370 -9.03 6.46 18.66
C ARG C 370 -9.15 7.97 18.59
N THR C 371 -8.64 8.67 19.61
CA THR C 371 -8.64 10.13 19.56
C THR C 371 -7.30 10.57 20.11
N ALA C 372 -6.93 11.82 19.85
CA ALA C 372 -5.70 12.36 20.41
C ALA C 372 -5.98 12.45 21.90
N ALA C 373 -4.95 12.55 22.71
CA ALA C 373 -5.17 12.59 24.15
C ALA C 373 -4.11 13.39 24.87
N VAL C 374 -4.44 13.89 26.06
CA VAL C 374 -3.48 14.60 26.91
C VAL C 374 -3.77 13.99 28.27
N GLU C 375 -2.79 13.28 28.83
CA GLU C 375 -3.02 12.56 30.06
C GLU C 375 -1.91 12.67 31.07
N GLY C 376 -2.28 12.61 32.35
CA GLY C 376 -1.28 12.70 33.39
C GLY C 376 -1.89 12.46 34.76
N PRO C 377 -1.06 12.44 35.82
CA PRO C 377 0.38 12.65 35.76
C PRO C 377 1.15 11.34 35.79
N PHE C 378 2.44 11.41 35.50
CA PHE C 378 3.29 10.23 35.57
C PHE C 378 4.49 10.56 36.44
N VAL C 379 4.86 9.65 37.31
CA VAL C 379 6.02 9.89 38.14
C VAL C 379 7.25 9.63 37.27
N THR C 380 7.99 10.70 36.98
CA THR C 380 9.21 10.59 36.16
C THR C 380 10.30 11.29 36.95
N LEU C 381 11.48 10.68 36.99
CA LEU C 381 12.60 11.24 37.73
C LEU C 381 13.68 11.88 36.87
N ASP C 382 14.42 12.80 37.49
CA ASP C 382 15.54 13.50 36.86
C ASP C 382 15.25 14.08 35.47
N MET C 383 14.09 14.71 35.34
CA MET C 383 13.71 15.28 34.06
C MET C 383 14.62 16.45 33.65
N GLU C 384 15.15 17.18 34.64
CA GLU C 384 16.04 18.31 34.33
C GLU C 384 17.23 17.78 33.55
N ASP C 385 17.62 16.54 33.85
CA ASP C 385 18.74 15.91 33.15
C ASP C 385 18.41 15.70 31.68
N CYS C 386 17.14 15.84 31.31
CA CYS C 386 16.74 15.64 29.94
C CYS C 386 17.08 16.83 29.06
N GLY C 387 17.23 17.99 29.69
CA GLY C 387 17.56 19.20 28.96
C GLY C 387 19.00 19.24 28.50
N TYR C 388 19.22 19.64 27.26
CA TYR C 388 20.56 19.72 26.72
C TYR C 388 21.20 21.06 27.09
N ASN C 389 22.50 21.01 27.36
CA ASN C 389 23.29 22.19 27.72
C ASN C 389 24.53 22.19 26.85
N GLY D 1 -22.12 -19.19 -10.97
CA GLY D 1 -22.59 -20.49 -11.54
C GLY D 1 -23.41 -20.35 -12.81
N SER D 2 -23.77 -19.11 -13.16
CA SER D 2 -24.58 -18.87 -14.35
C SER D 2 -24.03 -17.70 -15.18
N PHE D 3 -23.58 -18.00 -16.41
CA PHE D 3 -23.03 -16.98 -17.31
C PHE D 3 -23.52 -17.20 -18.74
N VAL D 4 -24.85 -17.16 -18.88
CA VAL D 4 -25.52 -17.38 -20.15
C VAL D 4 -24.95 -16.63 -21.35
N GLU D 5 -24.43 -15.42 -21.10
CA GLU D 5 -23.89 -14.61 -22.19
C GLU D 5 -22.65 -15.20 -22.85
N MET D 6 -21.90 -16.00 -22.08
CA MET D 6 -20.65 -16.59 -22.59
C MET D 6 -20.73 -18.07 -23.01
N VAL D 7 -21.83 -18.72 -22.65
CA VAL D 7 -22.02 -20.12 -23.01
C VAL D 7 -22.11 -20.23 -24.53
N ASP D 8 -21.41 -21.22 -25.09
CA ASP D 8 -21.42 -21.42 -26.53
C ASP D 8 -20.78 -20.28 -27.34
N ASN D 9 -19.79 -19.60 -26.76
CA ASN D 9 -19.12 -18.51 -27.46
C ASN D 9 -17.88 -18.96 -28.26
N LEU D 10 -17.59 -20.25 -28.31
CA LEU D 10 -16.43 -20.73 -29.07
C LEU D 10 -16.83 -21.51 -30.33
N ARG D 11 -15.93 -21.52 -31.30
CA ARG D 11 -16.15 -22.29 -32.51
C ARG D 11 -14.81 -22.94 -32.84
N GLY D 12 -14.84 -24.00 -33.64
CA GLY D 12 -13.60 -24.64 -34.01
C GLY D 12 -13.65 -26.14 -33.76
N LYS D 13 -12.48 -26.76 -33.84
CA LYS D 13 -12.35 -28.18 -33.62
C LYS D 13 -10.89 -28.44 -33.20
N SER D 14 -10.62 -29.59 -32.61
CA SER D 14 -9.28 -29.84 -32.12
C SER D 14 -8.12 -29.74 -33.11
N GLY D 15 -8.36 -30.14 -34.36
CA GLY D 15 -7.29 -30.11 -35.34
C GLY D 15 -6.81 -28.75 -35.83
N GLN D 16 -7.68 -27.74 -35.72
CA GLN D 16 -7.36 -26.37 -36.16
C GLN D 16 -7.47 -25.31 -35.06
N GLY D 17 -7.91 -25.73 -33.87
CA GLY D 17 -8.04 -24.81 -32.75
C GLY D 17 -9.44 -24.29 -32.51
N TYR D 18 -9.69 -23.86 -31.27
CA TYR D 18 -10.98 -23.29 -30.88
C TYR D 18 -10.79 -21.80 -30.77
N TYR D 19 -11.73 -21.01 -31.26
CA TYR D 19 -11.56 -19.55 -31.22
C TYR D 19 -12.77 -18.78 -30.71
N VAL D 20 -12.52 -17.55 -30.26
CA VAL D 20 -13.58 -16.70 -29.73
C VAL D 20 -13.56 -15.38 -30.53
N GLU D 21 -14.72 -14.74 -30.66
CA GLU D 21 -14.78 -13.48 -31.38
C GLU D 21 -14.32 -12.36 -30.44
N MET D 22 -13.52 -11.45 -30.97
CA MET D 22 -13.05 -10.29 -30.20
C MET D 22 -13.08 -9.08 -31.11
N THR D 23 -12.99 -7.88 -30.55
CA THR D 23 -12.90 -6.71 -31.39
C THR D 23 -11.68 -5.95 -30.89
N VAL D 24 -10.94 -5.33 -31.82
CA VAL D 24 -9.79 -4.54 -31.44
C VAL D 24 -9.87 -3.19 -32.13
N GLY D 25 -9.46 -2.13 -31.43
CA GLY D 25 -9.46 -0.81 -32.04
C GLY D 25 -10.75 -0.04 -31.93
N SER D 26 -10.70 1.16 -32.50
CA SER D 26 -11.83 2.07 -32.50
C SER D 26 -11.91 2.75 -33.86
N PRO D 27 -13.00 2.53 -34.61
CA PRO D 27 -14.15 1.69 -34.24
C PRO D 27 -13.73 0.21 -34.20
N PRO D 28 -14.50 -0.63 -33.49
CA PRO D 28 -14.18 -2.04 -33.37
C PRO D 28 -13.94 -2.79 -34.65
N GLN D 29 -12.83 -3.51 -34.71
CA GLN D 29 -12.51 -4.37 -35.85
C GLN D 29 -12.70 -5.79 -35.32
N THR D 30 -13.66 -6.51 -35.91
CA THR D 30 -13.93 -7.88 -35.48
C THR D 30 -12.91 -8.89 -35.99
N LEU D 31 -12.39 -9.69 -35.07
CA LEU D 31 -11.42 -10.72 -35.41
C LEU D 31 -11.70 -11.99 -34.60
N ASN D 32 -11.44 -13.15 -35.20
CA ASN D 32 -11.60 -14.42 -34.53
C ASN D 32 -10.24 -14.75 -33.94
N ILE D 33 -10.23 -15.07 -32.65
CA ILE D 33 -8.98 -15.33 -31.96
C ILE D 33 -8.88 -16.70 -31.30
N LEU D 34 -7.85 -17.45 -31.67
CA LEU D 34 -7.59 -18.77 -31.10
C LEU D 34 -7.30 -18.68 -29.60
N VAL D 35 -7.97 -19.53 -28.82
CA VAL D 35 -7.77 -19.53 -27.39
C VAL D 35 -6.63 -20.51 -27.14
N ASP D 36 -5.50 -19.98 -26.64
CA ASP D 36 -4.27 -20.78 -26.41
C ASP D 36 -3.71 -20.68 -24.98
N THR D 37 -3.99 -21.67 -24.15
CA THR D 37 -3.46 -21.63 -22.80
C THR D 37 -1.98 -22.01 -22.76
N GLY D 38 -1.39 -22.40 -23.90
CA GLY D 38 0.03 -22.78 -23.90
C GLY D 38 1.02 -21.66 -24.22
N SER D 39 0.53 -20.43 -24.35
CA SER D 39 1.41 -19.29 -24.63
C SER D 39 0.86 -18.05 -23.91
N SER D 40 1.57 -16.93 -24.00
CA SER D 40 1.19 -15.71 -23.27
C SER D 40 1.18 -14.41 -24.07
N ASN D 41 1.19 -14.50 -25.39
CA ASN D 41 1.13 -13.31 -26.22
C ASN D 41 -0.19 -13.19 -26.96
N PHE D 42 -0.73 -11.97 -26.97
CA PHE D 42 -1.94 -11.67 -27.73
C PHE D 42 -1.37 -11.12 -29.07
N ALA D 43 -1.66 -11.78 -30.19
CA ALA D 43 -1.15 -11.37 -31.50
C ALA D 43 -2.23 -11.55 -32.56
N VAL D 44 -2.21 -10.66 -33.56
CA VAL D 44 -3.20 -10.74 -34.63
C VAL D 44 -2.60 -10.49 -36.01
N GLY D 45 -3.13 -11.16 -37.04
CA GLY D 45 -2.64 -10.90 -38.37
C GLY D 45 -2.88 -9.42 -38.64
N ALA D 46 -1.88 -8.73 -39.20
CA ALA D 46 -2.01 -7.28 -39.44
C ALA D 46 -1.64 -6.86 -40.86
N ALA D 47 -1.68 -7.81 -41.78
CA ALA D 47 -1.35 -7.56 -43.17
C ALA D 47 -1.98 -8.66 -43.98
N PRO D 48 -2.22 -8.42 -45.28
CA PRO D 48 -2.83 -9.51 -46.06
C PRO D 48 -2.01 -10.81 -46.03
N HIS D 49 -2.73 -11.92 -46.06
CA HIS D 49 -2.11 -13.24 -46.03
C HIS D 49 -3.09 -14.17 -46.70
N PRO D 50 -2.58 -15.14 -47.47
CA PRO D 50 -3.46 -16.09 -48.17
C PRO D 50 -4.53 -16.75 -47.29
N PHE D 51 -4.20 -17.06 -46.05
CA PHE D 51 -5.14 -17.74 -45.15
C PHE D 51 -6.01 -16.83 -44.29
N LEU D 52 -5.88 -15.52 -44.47
CA LEU D 52 -6.66 -14.58 -43.67
C LEU D 52 -7.77 -13.87 -44.42
N HIS D 53 -9.01 -13.99 -43.94
CA HIS D 53 -10.13 -13.31 -44.59
C HIS D 53 -10.10 -11.85 -44.17
N ARG D 54 -9.54 -11.60 -42.99
CA ARG D 54 -9.46 -10.23 -42.47
C ARG D 54 -8.27 -10.11 -41.54
N TYR D 55 -7.88 -8.87 -41.24
CA TYR D 55 -6.76 -8.62 -40.37
C TYR D 55 -6.83 -7.24 -39.74
N TYR D 56 -6.01 -7.05 -38.72
CA TYR D 56 -5.93 -5.81 -37.94
C TYR D 56 -5.32 -4.66 -38.73
N GLN D 57 -6.10 -3.61 -38.94
CA GLN D 57 -5.65 -2.41 -39.66
C GLN D 57 -5.41 -1.28 -38.64
N ARG D 58 -4.18 -1.20 -38.18
CA ARG D 58 -3.79 -0.22 -37.17
C ARG D 58 -4.04 1.22 -37.58
N GLN D 59 -3.85 1.53 -38.85
CA GLN D 59 -4.06 2.89 -39.35
C GLN D 59 -5.52 3.30 -39.25
N LEU D 60 -6.44 2.34 -39.12
CA LEU D 60 -7.85 2.73 -39.02
C LEU D 60 -8.36 2.83 -37.59
N SER D 61 -7.49 2.56 -36.62
CA SER D 61 -7.89 2.60 -35.22
C SER D 61 -7.41 3.86 -34.54
N SER D 62 -8.34 4.67 -34.04
CA SER D 62 -7.98 5.92 -33.37
C SER D 62 -7.31 5.70 -32.03
N THR D 63 -7.41 4.48 -31.50
CA THR D 63 -6.86 4.21 -30.19
C THR D 63 -5.55 3.42 -30.21
N TYR D 64 -5.07 3.12 -31.40
CA TYR D 64 -3.83 2.38 -31.54
C TYR D 64 -2.59 3.15 -31.03
N ARG D 65 -1.74 2.48 -30.26
CA ARG D 65 -0.50 3.08 -29.75
C ARG D 65 0.66 2.21 -30.23
N ASP D 66 1.63 2.81 -30.92
CA ASP D 66 2.78 2.09 -31.46
C ASP D 66 3.93 2.03 -30.43
N LEU D 67 4.24 0.85 -29.91
CA LEU D 67 5.33 0.74 -28.94
C LEU D 67 6.72 0.76 -29.62
N ARG D 68 6.74 0.84 -30.95
CA ARG D 68 7.99 0.89 -31.73
C ARG D 68 8.99 -0.17 -31.33
N LYS D 69 8.55 -1.43 -31.25
CA LYS D 69 9.45 -2.51 -30.85
C LYS D 69 8.97 -3.79 -31.48
N GLY D 70 9.91 -4.61 -31.94
CA GLY D 70 9.57 -5.86 -32.56
C GLY D 70 9.41 -6.99 -31.54
N VAL D 71 8.84 -8.09 -31.99
CA VAL D 71 8.63 -9.24 -31.14
C VAL D 71 8.58 -10.47 -32.03
N TYR D 72 9.13 -11.57 -31.52
CA TYR D 72 9.17 -12.82 -32.26
C TYR D 72 8.68 -13.90 -31.31
N VAL D 73 7.77 -14.75 -31.78
CA VAL D 73 7.27 -15.83 -30.93
C VAL D 73 7.29 -17.16 -31.66
N PRO D 74 8.17 -18.08 -31.21
CA PRO D 74 8.24 -19.41 -31.83
C PRO D 74 7.41 -20.39 -30.97
N TYR D 75 6.69 -21.31 -31.62
CA TYR D 75 5.88 -22.29 -30.87
C TYR D 75 6.42 -23.68 -31.23
N THR D 76 5.92 -24.71 -30.55
CA THR D 76 6.35 -26.08 -30.85
C THR D 76 6.29 -26.24 -32.36
N GLN D 77 5.24 -25.74 -32.97
CA GLN D 77 5.17 -25.76 -34.42
C GLN D 77 4.51 -24.46 -34.87
N GLY D 78 5.25 -23.70 -35.68
CA GLY D 78 4.79 -22.42 -36.18
C GLY D 78 5.51 -21.29 -35.45
N LYS D 79 5.56 -20.10 -36.07
CA LYS D 79 6.21 -18.96 -35.45
C LYS D 79 5.78 -17.71 -36.22
N TRP D 80 5.91 -16.54 -35.58
CA TRP D 80 5.56 -15.32 -36.25
C TRP D 80 6.41 -14.19 -35.71
N GLU D 81 6.50 -13.12 -36.50
CA GLU D 81 7.25 -11.92 -36.13
C GLU D 81 6.28 -10.77 -36.24
N GLY D 82 6.38 -9.82 -35.32
CA GLY D 82 5.45 -8.71 -35.37
C GLY D 82 5.97 -7.42 -34.77
N GLU D 83 5.07 -6.45 -34.67
CA GLU D 83 5.34 -5.12 -34.14
C GLU D 83 4.41 -4.89 -32.97
N LEU D 84 4.98 -4.56 -31.82
CA LEU D 84 4.21 -4.37 -30.61
C LEU D 84 3.47 -3.05 -30.56
N GLY D 85 2.34 -3.06 -29.85
CA GLY D 85 1.56 -1.85 -29.69
C GLY D 85 0.46 -2.16 -28.71
N THR D 86 -0.39 -1.17 -28.40
CA THR D 86 -1.51 -1.46 -27.52
C THR D 86 -2.75 -0.88 -28.18
N ASP D 87 -3.92 -1.34 -27.75
CA ASP D 87 -5.18 -0.88 -28.32
C ASP D 87 -6.31 -1.39 -27.42
N LEU D 88 -7.51 -0.87 -27.62
CA LEU D 88 -8.64 -1.30 -26.81
C LEU D 88 -9.17 -2.64 -27.38
N VAL D 89 -9.54 -3.55 -26.49
CA VAL D 89 -10.02 -4.85 -26.93
C VAL D 89 -11.30 -5.19 -26.19
N SER D 90 -12.24 -5.84 -26.88
CA SER D 90 -13.51 -6.26 -26.29
C SER D 90 -13.81 -7.70 -26.74
N ILE D 91 -14.68 -8.37 -26.01
CA ILE D 91 -15.08 -9.73 -26.35
C ILE D 91 -16.61 -9.62 -26.36
N PRO D 92 -17.22 -9.55 -27.55
CA PRO D 92 -18.68 -9.44 -27.71
C PRO D 92 -19.50 -10.40 -26.86
N HIS D 93 -19.08 -11.67 -26.81
CA HIS D 93 -19.78 -12.67 -26.00
C HIS D 93 -18.95 -13.01 -24.79
N GLY D 94 -18.53 -11.99 -24.06
CA GLY D 94 -17.73 -12.21 -22.87
C GLY D 94 -18.18 -11.17 -21.88
N PRO D 95 -17.33 -10.81 -20.91
CA PRO D 95 -17.83 -9.80 -19.98
C PRO D 95 -18.02 -8.47 -20.72
N ASN D 96 -18.87 -7.62 -20.19
CA ASN D 96 -19.12 -6.36 -20.83
C ASN D 96 -18.08 -5.35 -20.36
N VAL D 97 -16.88 -5.45 -20.92
CA VAL D 97 -15.79 -4.54 -20.55
C VAL D 97 -14.88 -4.28 -21.75
N THR D 98 -14.04 -3.26 -21.61
CA THR D 98 -13.08 -2.88 -22.65
C THR D 98 -11.78 -2.72 -21.91
N VAL D 99 -10.69 -3.28 -22.45
CA VAL D 99 -9.41 -3.17 -21.78
C VAL D 99 -8.30 -2.77 -22.76
N ARG D 100 -7.35 -1.97 -22.30
CA ARG D 100 -6.24 -1.63 -23.18
C ARG D 100 -5.22 -2.76 -22.99
N ALA D 101 -4.91 -3.46 -24.08
CA ALA D 101 -4.01 -4.58 -23.99
C ALA D 101 -2.85 -4.50 -24.97
N ASN D 102 -1.76 -5.18 -24.65
CA ASN D 102 -0.63 -5.28 -25.55
C ASN D 102 -1.11 -6.16 -26.69
N ILE D 103 -0.72 -5.81 -27.91
CA ILE D 103 -1.08 -6.57 -29.08
C ILE D 103 0.08 -6.61 -30.06
N ALA D 104 0.45 -7.80 -30.49
CA ALA D 104 1.52 -7.91 -31.46
C ALA D 104 0.85 -7.97 -32.85
N ALA D 105 1.23 -7.05 -33.73
CA ALA D 105 0.69 -7.04 -35.09
C ALA D 105 1.61 -7.92 -35.91
N ILE D 106 1.12 -9.08 -36.30
CA ILE D 106 1.92 -10.01 -37.05
C ILE D 106 2.15 -9.54 -38.49
N THR D 107 3.43 -9.35 -38.81
CA THR D 107 3.84 -8.90 -40.14
C THR D 107 4.44 -10.05 -40.95
N GLU D 108 4.99 -11.06 -40.28
CA GLU D 108 5.58 -12.22 -40.95
C GLU D 108 5.28 -13.51 -40.17
N SER D 109 5.00 -14.60 -40.87
CA SER D 109 4.71 -15.84 -40.18
C SER D 109 5.07 -17.07 -41.00
N ASP D 110 5.14 -18.20 -40.31
CA ASP D 110 5.49 -19.45 -40.95
C ASP D 110 4.83 -20.61 -40.21
N LYS D 111 3.99 -21.35 -40.93
CA LYS D 111 3.28 -22.51 -40.40
C LYS D 111 2.49 -22.12 -39.17
N PHE D 112 2.01 -20.89 -39.15
CA PHE D 112 1.24 -20.41 -38.02
C PHE D 112 -0.23 -20.37 -38.38
N PHE D 113 -0.60 -19.53 -39.35
CA PHE D 113 -2.00 -19.47 -39.74
C PHE D 113 -2.36 -20.75 -40.46
N ILE D 114 -3.61 -21.16 -40.34
CA ILE D 114 -4.08 -22.40 -40.94
C ILE D 114 -5.22 -22.09 -41.89
N ASN D 115 -5.09 -22.55 -43.12
CA ASN D 115 -6.11 -22.31 -44.13
C ASN D 115 -7.43 -22.95 -43.71
N GLY D 116 -8.49 -22.14 -43.66
CA GLY D 116 -9.80 -22.63 -43.31
C GLY D 116 -10.16 -22.69 -41.83
N SER D 117 -9.20 -22.37 -40.96
CA SER D 117 -9.44 -22.41 -39.51
C SER D 117 -10.39 -21.32 -39.00
N ASN D 118 -10.52 -20.28 -39.80
CA ASN D 118 -11.34 -19.11 -39.53
C ASN D 118 -10.88 -18.20 -38.37
N TRP D 119 -9.66 -18.38 -37.86
CA TRP D 119 -9.16 -17.45 -36.84
C TRP D 119 -8.00 -16.63 -37.43
N GLU D 120 -7.83 -15.42 -36.93
CA GLU D 120 -6.82 -14.50 -37.43
C GLU D 120 -5.83 -14.02 -36.39
N GLY D 121 -5.91 -14.55 -35.18
CA GLY D 121 -5.01 -14.13 -34.14
C GLY D 121 -4.97 -15.15 -33.03
N ILE D 122 -4.19 -14.89 -32.00
CA ILE D 122 -4.06 -15.85 -30.92
C ILE D 122 -4.12 -15.14 -29.58
N LEU D 123 -4.84 -15.72 -28.64
CA LEU D 123 -4.92 -15.16 -27.32
C LEU D 123 -4.16 -16.08 -26.38
N GLY D 124 -2.95 -15.67 -26.02
CA GLY D 124 -2.12 -16.48 -25.11
C GLY D 124 -2.61 -16.20 -23.70
N LEU D 125 -3.17 -17.23 -23.08
CA LEU D 125 -3.75 -17.12 -21.74
C LEU D 125 -2.85 -17.53 -20.59
N ALA D 126 -1.61 -17.89 -20.90
CA ALA D 126 -0.70 -18.31 -19.85
C ALA D 126 -0.03 -17.09 -19.19
N TYR D 127 0.98 -17.34 -18.37
CA TYR D 127 1.63 -16.27 -17.60
C TYR D 127 2.75 -15.51 -18.25
N ALA D 128 3.01 -14.33 -17.68
CA ALA D 128 4.03 -13.43 -18.21
C ALA D 128 5.42 -14.05 -18.31
N GLU D 129 5.74 -14.99 -17.41
CA GLU D 129 7.08 -15.59 -17.47
C GLU D 129 7.47 -16.10 -18.86
N ILE D 130 6.51 -16.56 -19.65
CA ILE D 130 6.86 -17.06 -21.00
C ILE D 130 6.49 -16.14 -22.17
N ALA D 131 6.12 -14.91 -21.84
CA ALA D 131 5.76 -13.93 -22.84
C ALA D 131 7.02 -13.44 -23.55
N ARG D 132 6.89 -13.10 -24.82
CA ARG D 132 8.01 -12.54 -25.57
C ARG D 132 7.65 -11.05 -25.71
N PRO D 133 8.66 -10.16 -25.77
CA PRO D 133 10.11 -10.34 -25.71
C PRO D 133 10.58 -10.78 -24.35
N ASP D 134 9.87 -10.40 -23.30
CA ASP D 134 10.25 -10.81 -21.97
C ASP D 134 9.03 -10.72 -21.09
N ASP D 135 9.19 -11.12 -19.83
CA ASP D 135 8.09 -11.14 -18.88
C ASP D 135 7.51 -9.80 -18.48
N SER D 136 8.01 -8.71 -19.06
CA SER D 136 7.43 -7.41 -18.70
C SER D 136 6.31 -7.04 -19.70
N LEU D 137 6.11 -7.85 -20.75
CA LEU D 137 5.03 -7.58 -21.68
C LEU D 137 3.80 -8.24 -21.05
N GLU D 138 2.99 -7.44 -20.38
CA GLU D 138 1.81 -7.93 -19.68
C GLU D 138 0.83 -8.69 -20.58
N PRO D 139 0.49 -9.93 -20.20
CA PRO D 139 -0.45 -10.72 -21.02
C PRO D 139 -1.86 -10.16 -20.93
N PHE D 140 -2.69 -10.52 -21.89
CA PHE D 140 -4.04 -10.02 -21.91
C PHE D 140 -4.88 -10.28 -20.66
N PHE D 141 -4.91 -11.51 -20.16
CA PHE D 141 -5.74 -11.78 -18.98
C PHE D 141 -5.32 -10.94 -17.79
N ASP D 142 -4.01 -10.72 -17.68
CA ASP D 142 -3.47 -9.91 -16.59
C ASP D 142 -3.99 -8.48 -16.74
N SER D 143 -3.97 -7.97 -17.96
CA SER D 143 -4.48 -6.62 -18.20
C SER D 143 -5.96 -6.59 -17.84
N LEU D 144 -6.70 -7.61 -18.28
CA LEU D 144 -8.13 -7.71 -18.01
C LEU D 144 -8.44 -7.61 -16.51
N VAL D 145 -7.75 -8.42 -15.73
CA VAL D 145 -7.93 -8.42 -14.29
C VAL D 145 -7.52 -7.08 -13.65
N LYS D 146 -6.42 -6.50 -14.09
CA LYS D 146 -5.99 -5.23 -13.53
C LYS D 146 -6.91 -4.07 -13.85
N GLN D 147 -7.51 -4.06 -15.03
CA GLN D 147 -8.34 -2.95 -15.44
C GLN D 147 -9.85 -3.08 -15.21
N THR D 148 -10.29 -4.24 -14.74
CA THR D 148 -11.73 -4.48 -14.55
C THR D 148 -11.92 -5.23 -13.26
N HIS D 149 -13.17 -5.50 -12.93
CA HIS D 149 -13.48 -6.24 -11.71
C HIS D 149 -13.71 -7.71 -12.01
N VAL D 150 -13.40 -8.11 -13.24
CA VAL D 150 -13.57 -9.52 -13.63
C VAL D 150 -12.68 -10.40 -12.73
N PRO D 151 -13.26 -11.45 -12.12
CA PRO D 151 -12.45 -12.31 -11.24
C PRO D 151 -11.28 -12.93 -12.02
N ASN D 152 -10.21 -13.26 -11.30
CA ASN D 152 -9.00 -13.81 -11.90
C ASN D 152 -9.14 -15.31 -12.15
N LEU D 153 -10.03 -15.67 -13.06
CA LEU D 153 -10.25 -17.07 -13.36
C LEU D 153 -11.03 -17.18 -14.64
N PHE D 154 -10.81 -18.27 -15.37
CA PHE D 154 -11.60 -18.48 -16.57
C PHE D 154 -11.74 -20.00 -16.71
N SER D 155 -12.75 -20.43 -17.45
CA SER D 155 -12.98 -21.85 -17.59
C SER D 155 -13.23 -22.17 -19.06
N LEU D 156 -12.87 -23.38 -19.47
CA LEU D 156 -13.04 -23.75 -20.87
C LEU D 156 -13.74 -25.09 -21.02
N GLN D 157 -14.69 -25.12 -21.94
CA GLN D 157 -15.41 -26.33 -22.30
C GLN D 157 -15.22 -26.39 -23.82
N LEU D 158 -14.28 -27.24 -24.26
CA LEU D 158 -14.03 -27.44 -25.68
C LEU D 158 -14.91 -28.61 -26.08
N CYS D 159 -15.69 -28.46 -27.15
CA CYS D 159 -16.59 -29.51 -27.56
C CYS D 159 -16.26 -30.17 -28.88
N GLY D 160 -15.80 -31.42 -28.78
CA GLY D 160 -15.50 -32.18 -29.99
C GLY D 160 -16.82 -32.72 -30.49
N ALA D 161 -16.97 -32.80 -31.79
CA ALA D 161 -18.22 -33.28 -32.36
C ALA D 161 -18.36 -34.79 -32.37
N GLY D 162 -17.25 -35.51 -32.46
CA GLY D 162 -17.34 -36.97 -32.51
C GLY D 162 -17.36 -37.41 -33.98
N PHE D 163 -17.46 -36.46 -34.90
CA PHE D 163 -17.44 -36.80 -36.33
C PHE D 163 -16.81 -35.66 -37.10
N PRO D 164 -16.38 -35.92 -38.35
CA PRO D 164 -15.76 -34.82 -39.11
C PRO D 164 -16.79 -33.72 -39.48
N LEU D 165 -16.36 -32.46 -39.39
CA LEU D 165 -17.25 -31.34 -39.69
C LEU D 165 -16.86 -30.66 -41.00
N ASN D 166 -17.82 -30.36 -41.86
CA ASN D 166 -17.46 -29.69 -43.11
C ASN D 166 -17.35 -28.20 -42.86
N GLN D 167 -16.64 -27.50 -43.75
CA GLN D 167 -16.42 -26.05 -43.64
C GLN D 167 -17.61 -25.25 -43.10
N SER D 168 -18.82 -25.62 -43.50
CA SER D 168 -20.01 -24.89 -43.06
C SER D 168 -20.57 -25.34 -41.72
N GLU D 169 -20.31 -26.58 -41.34
CA GLU D 169 -20.79 -27.10 -40.08
C GLU D 169 -19.92 -26.54 -38.96
N VAL D 170 -18.63 -26.39 -39.25
CA VAL D 170 -17.70 -25.87 -38.26
C VAL D 170 -18.04 -24.42 -37.98
N LEU D 171 -18.58 -23.74 -38.98
CA LEU D 171 -18.95 -22.33 -38.83
C LEU D 171 -20.26 -22.19 -38.10
N ALA D 172 -21.20 -23.05 -38.46
CA ALA D 172 -22.53 -23.01 -37.88
C ALA D 172 -22.68 -23.80 -36.60
N SER D 173 -21.63 -24.49 -36.17
CA SER D 173 -21.75 -25.26 -34.93
C SER D 173 -21.06 -24.57 -33.77
N VAL D 174 -21.50 -24.93 -32.56
CA VAL D 174 -20.93 -24.38 -31.34
C VAL D 174 -19.76 -25.25 -30.92
N GLY D 175 -18.57 -24.66 -30.86
CA GLY D 175 -17.40 -25.43 -30.49
C GLY D 175 -17.14 -25.49 -29.00
N GLY D 176 -17.90 -24.73 -28.22
CA GLY D 176 -17.68 -24.76 -26.78
C GLY D 176 -17.88 -23.42 -26.11
N SER D 177 -17.35 -23.30 -24.89
CA SER D 177 -17.51 -22.08 -24.12
C SER D 177 -16.26 -21.70 -23.38
N MET D 178 -16.02 -20.39 -23.36
CA MET D 178 -14.94 -19.86 -22.57
C MET D 178 -15.66 -18.91 -21.60
N ILE D 179 -15.74 -19.29 -20.33
CA ILE D 179 -16.42 -18.46 -19.34
C ILE D 179 -15.34 -17.62 -18.66
N ILE D 180 -15.41 -16.33 -18.89
CA ILE D 180 -14.41 -15.43 -18.35
C ILE D 180 -14.85 -14.87 -17.02
N GLY D 181 -14.06 -15.15 -15.99
CA GLY D 181 -14.36 -14.66 -14.66
C GLY D 181 -15.26 -15.55 -13.83
N GLY D 182 -15.58 -16.74 -14.32
CA GLY D 182 -16.45 -17.59 -13.54
C GLY D 182 -16.52 -19.05 -13.99
N ILE D 183 -17.46 -19.76 -13.39
CA ILE D 183 -17.72 -21.17 -13.64
C ILE D 183 -19.21 -21.36 -13.90
N ASP D 184 -19.57 -21.98 -15.02
CA ASP D 184 -20.98 -22.21 -15.32
C ASP D 184 -21.32 -23.67 -15.07
N HIS D 185 -22.24 -23.90 -14.15
CA HIS D 185 -22.64 -25.25 -13.78
C HIS D 185 -23.34 -26.10 -14.83
N SER D 186 -23.79 -25.48 -15.91
CA SER D 186 -24.45 -26.27 -16.95
C SER D 186 -23.45 -26.97 -17.87
N LEU D 187 -22.18 -26.63 -17.74
CA LEU D 187 -21.15 -27.18 -18.61
C LEU D 187 -20.49 -28.48 -18.14
N TYR D 188 -20.79 -28.92 -16.93
CA TYR D 188 -20.21 -30.15 -16.39
C TYR D 188 -21.19 -30.93 -15.50
N THR D 189 -20.84 -32.17 -15.21
CA THR D 189 -21.63 -33.01 -14.32
C THR D 189 -20.65 -33.55 -13.28
N GLY D 190 -21.15 -34.00 -12.14
CA GLY D 190 -20.28 -34.52 -11.12
C GLY D 190 -19.54 -33.41 -10.41
N SER D 191 -18.46 -33.76 -9.70
CA SER D 191 -17.69 -32.76 -8.96
C SER D 191 -16.49 -32.24 -9.74
N LEU D 192 -16.00 -31.09 -9.30
CA LEU D 192 -14.81 -30.48 -9.86
C LEU D 192 -13.68 -30.89 -8.94
N TRP D 193 -12.60 -31.42 -9.48
CA TRP D 193 -11.44 -31.82 -8.70
C TRP D 193 -10.30 -30.90 -9.14
N TYR D 194 -9.56 -30.38 -8.17
CA TYR D 194 -8.47 -29.46 -8.47
C TYR D 194 -7.07 -29.99 -8.23
N THR D 195 -6.17 -29.60 -9.12
CA THR D 195 -4.77 -29.96 -9.02
C THR D 195 -4.02 -28.62 -8.93
N PRO D 196 -2.91 -28.57 -8.20
CA PRO D 196 -2.17 -27.30 -8.09
C PRO D 196 -1.44 -26.89 -9.34
N ILE D 197 -1.36 -25.58 -9.60
CA ILE D 197 -0.54 -25.08 -10.70
C ILE D 197 0.84 -25.07 -10.02
N ARG D 198 1.78 -25.86 -10.54
CA ARG D 198 3.10 -25.97 -9.92
C ARG D 198 3.93 -24.68 -9.96
N ARG D 199 3.86 -23.99 -11.10
CA ARG D 199 4.60 -22.76 -11.29
C ARG D 199 3.82 -21.96 -12.30
N GLU D 200 3.75 -20.66 -12.07
CA GLU D 200 3.03 -19.80 -13.01
C GLU D 200 3.86 -19.38 -14.22
N TRP D 201 3.85 -20.22 -15.26
CA TRP D 201 4.53 -19.87 -16.50
C TRP D 201 3.58 -20.46 -17.54
N TYR D 202 3.67 -21.75 -17.82
CA TYR D 202 2.67 -22.44 -18.66
C TYR D 202 1.72 -22.83 -17.51
N TYR D 203 0.59 -23.49 -17.81
CA TYR D 203 -0.26 -23.99 -16.73
C TYR D 203 0.31 -25.39 -16.47
N GLU D 204 1.34 -25.42 -15.64
CA GLU D 204 2.04 -26.65 -15.32
C GLU D 204 1.39 -27.44 -14.19
N VAL D 205 1.27 -28.75 -14.38
CA VAL D 205 0.67 -29.61 -13.38
C VAL D 205 1.60 -30.80 -13.16
N ILE D 206 1.24 -31.66 -12.20
CA ILE D 206 2.04 -32.85 -11.94
C ILE D 206 1.16 -34.10 -12.04
N ILE D 207 1.54 -34.99 -12.96
CA ILE D 207 0.86 -36.26 -13.18
C ILE D 207 1.58 -37.28 -12.31
N VAL D 208 0.83 -38.04 -11.50
CA VAL D 208 1.46 -39.01 -10.60
C VAL D 208 1.30 -40.49 -10.92
N ARG D 209 0.45 -40.81 -11.88
CA ARG D 209 0.24 -42.21 -12.27
C ARG D 209 -0.55 -42.16 -13.58
N VAL D 210 -0.32 -43.18 -14.39
CA VAL D 210 -0.99 -43.28 -15.68
C VAL D 210 -1.47 -44.71 -15.80
N GLU D 211 -2.72 -44.90 -16.22
CA GLU D 211 -3.26 -46.25 -16.41
C GLU D 211 -3.86 -46.41 -17.80
N ILE D 212 -3.84 -47.63 -18.32
CA ILE D 212 -4.44 -47.96 -19.60
C ILE D 212 -5.40 -49.11 -19.23
N ASN D 213 -6.70 -48.83 -19.27
CA ASN D 213 -7.75 -49.77 -18.86
C ASN D 213 -7.43 -50.23 -17.41
N GLY D 214 -7.08 -49.28 -16.54
CA GLY D 214 -6.79 -49.61 -15.15
C GLY D 214 -5.41 -50.23 -14.88
N GLN D 215 -4.68 -50.59 -15.93
CA GLN D 215 -3.35 -51.16 -15.74
C GLN D 215 -2.29 -50.06 -15.69
N ASP D 216 -1.62 -49.99 -14.55
CA ASP D 216 -0.59 -48.98 -14.30
C ASP D 216 0.59 -49.14 -15.25
N LEU D 217 0.98 -48.05 -15.90
CA LEU D 217 2.10 -48.06 -16.84
C LEU D 217 3.37 -48.36 -16.06
N LYS D 218 3.31 -48.08 -14.76
CA LYS D 218 4.38 -48.36 -13.82
C LYS D 218 5.74 -47.73 -14.06
N MET D 219 5.77 -46.43 -14.31
CA MET D 219 7.05 -45.78 -14.53
C MET D 219 7.36 -44.87 -13.36
N ASP D 220 8.62 -44.47 -13.23
CA ASP D 220 8.99 -43.51 -12.19
C ASP D 220 8.11 -42.31 -12.56
N CYS D 221 7.35 -41.80 -11.60
CA CYS D 221 6.46 -40.72 -11.91
C CYS D 221 7.11 -39.44 -12.46
N LYS D 222 8.44 -39.31 -12.33
CA LYS D 222 9.09 -38.12 -12.90
C LYS D 222 9.08 -38.21 -14.43
N GLU D 223 9.06 -39.43 -14.96
CA GLU D 223 9.07 -39.62 -16.40
C GLU D 223 7.83 -39.00 -17.03
N TYR D 224 6.72 -39.04 -16.30
CA TYR D 224 5.44 -38.49 -16.77
C TYR D 224 5.47 -36.94 -16.89
N ASN D 225 6.38 -36.31 -16.16
CA ASN D 225 6.45 -34.85 -16.16
C ASN D 225 7.85 -34.43 -16.61
N TYR D 226 8.50 -35.35 -17.32
CA TYR D 226 9.86 -35.13 -17.74
C TYR D 226 9.92 -33.98 -18.68
N ASP D 227 10.44 -32.94 -18.03
CA ASP D 227 10.67 -31.61 -18.48
C ASP D 227 9.55 -30.90 -17.74
N LYS D 228 8.30 -31.10 -18.19
CA LYS D 228 7.13 -30.48 -17.56
C LYS D 228 5.85 -31.11 -18.11
N SER D 229 4.72 -30.80 -17.47
CA SER D 229 3.41 -31.27 -17.93
C SER D 229 2.50 -30.04 -17.92
N ILE D 230 1.90 -29.74 -19.07
CA ILE D 230 1.06 -28.56 -19.19
C ILE D 230 -0.31 -28.85 -19.80
N VAL D 231 -1.22 -27.91 -19.59
CA VAL D 231 -2.57 -27.99 -20.13
C VAL D 231 -2.55 -26.96 -21.26
N ASP D 232 -2.81 -27.39 -22.48
CA ASP D 232 -2.73 -26.48 -23.61
C ASP D 232 -3.83 -26.65 -24.61
N SER D 233 -4.77 -25.70 -24.58
CA SER D 233 -5.89 -25.72 -25.49
C SER D 233 -5.46 -25.54 -26.95
N GLY D 234 -4.24 -25.03 -27.17
CA GLY D 234 -3.76 -24.78 -28.53
C GLY D 234 -2.95 -25.91 -29.15
N THR D 235 -3.06 -27.09 -28.55
CA THR D 235 -2.36 -28.27 -29.03
C THR D 235 -3.44 -29.32 -29.29
N THR D 236 -3.40 -29.94 -30.45
CA THR D 236 -4.44 -30.89 -30.77
C THR D 236 -4.40 -32.17 -29.93
N ASN D 237 -3.25 -32.81 -29.93
CA ASN D 237 -3.09 -34.09 -29.26
C ASN D 237 -2.74 -34.12 -27.78
N LEU D 238 -2.80 -35.33 -27.22
CA LEU D 238 -2.30 -35.57 -25.87
C LEU D 238 -0.85 -35.90 -26.31
N ARG D 239 0.15 -35.14 -25.88
CA ARG D 239 1.50 -35.45 -26.26
C ARG D 239 2.23 -35.92 -25.03
N LEU D 240 3.01 -36.98 -25.19
CA LEU D 240 3.73 -37.59 -24.11
C LEU D 240 5.25 -37.68 -24.31
N PRO D 241 6.02 -37.54 -23.23
CA PRO D 241 7.49 -37.64 -23.36
C PRO D 241 7.78 -38.98 -24.03
N LYS D 242 8.80 -39.02 -24.88
CA LYS D 242 9.16 -40.24 -25.60
C LYS D 242 9.08 -41.56 -24.81
N LYS D 243 9.67 -41.63 -23.63
CA LYS D 243 9.62 -42.86 -22.85
C LYS D 243 8.19 -43.30 -22.51
N VAL D 244 7.40 -42.34 -22.04
CA VAL D 244 6.03 -42.63 -21.68
C VAL D 244 5.22 -42.98 -22.90
N PHE D 245 5.41 -42.24 -24.00
CA PHE D 245 4.68 -42.50 -25.23
C PHE D 245 4.89 -43.93 -25.72
N GLU D 246 6.14 -44.39 -25.73
CA GLU D 246 6.41 -45.75 -26.17
C GLU D 246 5.71 -46.76 -25.26
N ALA D 247 5.77 -46.56 -23.95
CA ALA D 247 5.14 -47.47 -23.00
C ALA D 247 3.62 -47.47 -23.17
N ALA D 248 3.04 -46.29 -23.36
CA ALA D 248 1.60 -46.17 -23.55
C ALA D 248 1.14 -46.88 -24.83
N VAL D 249 1.81 -46.61 -25.94
CA VAL D 249 1.44 -47.23 -27.21
C VAL D 249 1.48 -48.75 -27.14
N LYS D 250 2.51 -49.27 -26.48
CA LYS D 250 2.64 -50.71 -26.36
C LYS D 250 1.43 -51.25 -25.59
N SER D 251 1.05 -50.55 -24.54
CA SER D 251 -0.09 -50.99 -23.73
C SER D 251 -1.39 -50.84 -24.52
N ILE D 252 -1.56 -49.72 -25.23
CA ILE D 252 -2.78 -49.53 -26.03
C ILE D 252 -2.83 -50.55 -27.18
N LYS D 253 -1.71 -50.84 -27.82
CA LYS D 253 -1.68 -51.86 -28.87
C LYS D 253 -2.10 -53.21 -28.30
N ALA D 254 -1.58 -53.53 -27.12
CA ALA D 254 -1.92 -54.80 -26.47
C ALA D 254 -3.42 -54.90 -26.16
N ALA D 255 -4.01 -53.82 -25.67
CA ALA D 255 -5.43 -53.82 -25.34
C ALA D 255 -6.33 -53.93 -26.56
N SER D 256 -5.85 -53.49 -27.72
CA SER D 256 -6.65 -53.52 -28.92
C SER D 256 -6.14 -54.55 -29.95
N SER D 257 -5.37 -55.53 -29.51
CA SER D 257 -4.81 -56.49 -30.44
C SER D 257 -5.77 -57.33 -31.27
N THR D 258 -7.07 -57.35 -30.95
CA THR D 258 -8.00 -58.14 -31.76
C THR D 258 -8.12 -57.60 -33.17
N GLU D 259 -7.58 -56.39 -33.38
CA GLU D 259 -7.56 -55.77 -34.71
C GLU D 259 -6.18 -55.20 -34.90
N LYS D 260 -5.61 -55.39 -36.10
CA LYS D 260 -4.26 -54.88 -36.36
C LYS D 260 -4.25 -53.62 -37.20
N PHE D 261 -3.39 -52.68 -36.84
CA PHE D 261 -3.29 -51.43 -37.57
C PHE D 261 -1.87 -51.15 -38.05
N PRO D 262 -1.75 -50.49 -39.20
CA PRO D 262 -0.44 -50.16 -39.77
C PRO D 262 0.38 -49.29 -38.81
N ASP D 263 1.71 -49.44 -38.84
CA ASP D 263 2.58 -48.66 -37.97
C ASP D 263 2.35 -47.16 -38.13
N GLY D 264 1.98 -46.74 -39.34
CA GLY D 264 1.72 -45.33 -39.58
C GLY D 264 0.58 -44.83 -38.72
N PHE D 265 -0.37 -45.70 -38.40
CA PHE D 265 -1.49 -45.27 -37.56
C PHE D 265 -1.01 -44.84 -36.19
N TRP D 266 -0.20 -45.70 -35.55
CA TRP D 266 0.28 -45.39 -34.21
C TRP D 266 1.20 -44.19 -34.17
N LEU D 267 1.79 -43.85 -35.32
CA LEU D 267 2.69 -42.71 -35.40
C LEU D 267 1.88 -41.45 -35.63
N GLY D 268 0.55 -41.59 -35.65
CA GLY D 268 -0.31 -40.44 -35.85
C GLY D 268 -0.18 -39.87 -37.24
N GLU D 269 0.25 -40.71 -38.18
CA GLU D 269 0.42 -40.28 -39.55
C GLU D 269 -0.71 -40.69 -40.47
N GLN D 270 -1.16 -41.94 -40.37
CA GLN D 270 -2.26 -42.38 -41.22
C GLN D 270 -3.55 -42.69 -40.48
N LEU D 271 -4.64 -42.72 -41.23
CA LEU D 271 -5.95 -42.98 -40.68
C LEU D 271 -6.27 -44.45 -40.69
N VAL D 272 -7.30 -44.79 -39.92
CA VAL D 272 -7.83 -46.12 -39.88
C VAL D 272 -9.30 -45.83 -40.09
N CYS D 273 -9.94 -46.67 -40.88
CA CYS D 273 -11.33 -46.47 -41.20
C CYS D 273 -12.14 -47.74 -41.02
N TRP D 274 -13.42 -47.57 -40.72
CA TRP D 274 -14.35 -48.68 -40.55
C TRP D 274 -15.65 -48.30 -41.24
N GLN D 275 -16.41 -49.31 -41.67
CA GLN D 275 -17.70 -49.08 -42.28
C GLN D 275 -18.45 -48.13 -41.34
N ALA D 276 -19.16 -47.17 -41.92
CA ALA D 276 -19.93 -46.20 -41.17
C ALA D 276 -20.74 -46.79 -40.02
N GLY D 277 -20.53 -46.27 -38.82
CA GLY D 277 -21.26 -46.77 -37.66
C GLY D 277 -20.67 -47.98 -36.96
N THR D 278 -19.70 -48.66 -37.59
CA THR D 278 -19.10 -49.85 -36.98
C THR D 278 -17.78 -49.68 -36.19
N THR D 279 -17.36 -48.46 -35.92
CA THR D 279 -16.13 -48.25 -35.16
C THR D 279 -16.22 -49.13 -33.91
N PRO D 280 -15.22 -50.00 -33.69
CA PRO D 280 -15.26 -50.89 -32.52
C PRO D 280 -14.66 -50.23 -31.28
N TRP D 281 -15.35 -49.21 -30.79
CA TRP D 281 -14.87 -48.46 -29.64
C TRP D 281 -14.47 -49.37 -28.48
N ASN D 282 -15.30 -50.37 -28.21
CA ASN D 282 -15.05 -51.27 -27.07
C ASN D 282 -13.68 -51.95 -27.05
N ILE D 283 -13.04 -52.11 -28.21
CA ILE D 283 -11.74 -52.79 -28.15
C ILE D 283 -10.61 -51.87 -27.70
N PHE D 284 -10.85 -50.56 -27.72
CA PHE D 284 -9.84 -49.59 -27.31
C PHE D 284 -10.01 -49.29 -25.81
N PRO D 285 -8.88 -49.16 -25.08
CA PRO D 285 -8.92 -48.89 -23.65
C PRO D 285 -9.13 -47.44 -23.27
N VAL D 286 -9.57 -47.23 -22.03
CA VAL D 286 -9.70 -45.87 -21.55
C VAL D 286 -8.32 -45.52 -21.01
N ILE D 287 -8.02 -44.23 -20.88
CA ILE D 287 -6.71 -43.84 -20.38
C ILE D 287 -6.94 -42.92 -19.21
N SER D 288 -6.28 -43.19 -18.09
CA SER D 288 -6.45 -42.38 -16.90
C SER D 288 -5.15 -41.72 -16.53
N LEU D 289 -5.24 -40.44 -16.20
CA LEU D 289 -4.10 -39.67 -15.76
C LEU D 289 -4.44 -39.24 -14.33
N TYR D 290 -3.55 -39.57 -13.39
CA TYR D 290 -3.79 -39.17 -12.00
C TYR D 290 -3.05 -37.86 -11.76
N LEU D 291 -3.72 -36.89 -11.14
CA LEU D 291 -3.12 -35.60 -10.86
C LEU D 291 -3.00 -35.37 -9.35
N MET D 292 -2.00 -34.58 -8.98
CA MET D 292 -1.80 -34.25 -7.57
C MET D 292 -3.01 -33.48 -7.08
N GLY D 293 -3.48 -33.81 -5.88
CA GLY D 293 -4.64 -33.08 -5.38
C GLY D 293 -4.21 -31.89 -4.52
N GLU D 294 -5.17 -31.15 -4.00
CA GLU D 294 -4.84 -29.99 -3.15
C GLU D 294 -4.56 -30.45 -1.72
N VAL D 295 -5.06 -31.63 -1.39
CA VAL D 295 -4.84 -32.16 -0.05
C VAL D 295 -3.59 -33.01 -0.06
N THR D 296 -2.82 -32.89 1.03
CA THR D 296 -1.57 -33.64 1.16
C THR D 296 -1.78 -35.14 0.96
N ASN D 297 -0.92 -35.75 0.14
CA ASN D 297 -0.96 -37.19 -0.12
C ASN D 297 -2.26 -37.66 -0.75
N GLN D 298 -2.93 -36.78 -1.47
CA GLN D 298 -4.18 -37.13 -2.12
C GLN D 298 -4.03 -36.79 -3.59
N SER D 299 -4.62 -37.63 -4.44
CA SER D 299 -4.59 -37.40 -5.88
C SER D 299 -5.98 -37.76 -6.41
N PHE D 300 -6.24 -37.41 -7.66
CA PHE D 300 -7.51 -37.75 -8.28
C PHE D 300 -7.18 -38.14 -9.69
N ARG D 301 -8.13 -38.68 -10.42
CA ARG D 301 -7.82 -39.07 -11.78
C ARG D 301 -8.84 -38.60 -12.79
N ILE D 302 -8.38 -38.39 -14.02
CA ILE D 302 -9.26 -38.03 -15.10
C ILE D 302 -9.11 -39.21 -16.06
N THR D 303 -10.23 -39.63 -16.64
CA THR D 303 -10.25 -40.78 -17.52
C THR D 303 -10.90 -40.42 -18.85
N ILE D 304 -10.17 -40.63 -19.96
CA ILE D 304 -10.76 -40.39 -21.28
C ILE D 304 -10.99 -41.70 -22.00
N LEU D 305 -11.81 -41.63 -23.04
CA LEU D 305 -12.18 -42.75 -23.86
C LEU D 305 -11.52 -42.63 -25.22
N PRO D 306 -11.57 -43.70 -26.01
CA PRO D 306 -10.97 -43.61 -27.35
C PRO D 306 -11.75 -42.55 -28.16
N GLN D 307 -13.01 -42.27 -27.78
CA GLN D 307 -13.77 -41.25 -28.52
C GLN D 307 -13.05 -39.91 -28.40
N GLN D 308 -12.18 -39.78 -27.40
CA GLN D 308 -11.37 -38.56 -27.23
C GLN D 308 -10.02 -38.70 -27.97
N TYR D 309 -9.32 -39.82 -27.77
CA TYR D 309 -8.01 -39.92 -28.43
C TYR D 309 -7.96 -40.42 -29.88
N LEU D 310 -9.12 -40.74 -30.47
CA LEU D 310 -9.20 -41.13 -31.89
C LEU D 310 -9.93 -39.91 -32.46
N ARG D 311 -9.19 -39.10 -33.19
CA ARG D 311 -9.73 -37.87 -33.77
C ARG D 311 -10.41 -38.15 -35.11
N PRO D 312 -11.67 -37.76 -35.23
CA PRO D 312 -12.43 -37.97 -36.47
C PRO D 312 -11.85 -37.14 -37.61
N VAL D 313 -11.69 -37.75 -38.78
CA VAL D 313 -11.17 -37.04 -39.95
C VAL D 313 -11.95 -37.52 -41.18
N GLU D 314 -12.05 -36.65 -42.17
CA GLU D 314 -12.79 -36.96 -43.38
C GLU D 314 -12.13 -38.01 -44.26
N ASP D 315 -12.95 -38.94 -44.75
CA ASP D 315 -12.48 -40.01 -45.64
C ASP D 315 -12.69 -39.51 -47.08
N VAL D 316 -11.64 -39.52 -47.90
CA VAL D 316 -11.75 -39.07 -49.29
C VAL D 316 -12.85 -39.79 -50.08
N ALA D 317 -13.06 -41.08 -49.81
CA ALA D 317 -14.06 -41.89 -50.50
C ALA D 317 -15.53 -41.46 -50.27
N THR D 318 -16.37 -41.66 -51.28
CA THR D 318 -17.79 -41.30 -51.20
C THR D 318 -18.46 -42.10 -50.09
N SER D 319 -17.79 -43.19 -49.71
CA SER D 319 -18.26 -44.06 -48.64
C SER D 319 -18.41 -43.22 -47.39
N GLN D 320 -19.47 -43.49 -46.63
CA GLN D 320 -19.73 -42.76 -45.39
C GLN D 320 -18.73 -43.21 -44.33
N ASP D 321 -17.79 -44.07 -44.73
CA ASP D 321 -16.77 -44.61 -43.82
C ASP D 321 -16.32 -43.66 -42.72
N ASP D 322 -16.23 -44.20 -41.51
CA ASP D 322 -15.81 -43.43 -40.36
C ASP D 322 -14.31 -43.62 -40.18
N CYS D 323 -13.57 -42.54 -40.33
CA CYS D 323 -12.11 -42.58 -40.21
C CYS D 323 -11.56 -41.75 -39.06
N TYR D 324 -10.42 -42.19 -38.54
CA TYR D 324 -9.79 -41.49 -37.42
C TYR D 324 -8.30 -41.51 -37.50
N LYS D 325 -7.72 -40.56 -36.80
CA LYS D 325 -6.29 -40.42 -36.65
C LYS D 325 -6.02 -40.66 -35.14
N PHE D 326 -4.92 -41.33 -34.81
CA PHE D 326 -4.53 -41.57 -33.41
C PHE D 326 -4.03 -40.21 -32.89
N ALA D 327 -4.69 -39.64 -31.89
CA ALA D 327 -4.28 -38.32 -31.41
C ALA D 327 -3.43 -38.28 -30.15
N ILE D 328 -2.49 -39.21 -30.06
CA ILE D 328 -1.53 -39.28 -28.96
C ILE D 328 -0.19 -39.36 -29.71
N SER D 329 0.75 -38.50 -29.36
CA SER D 329 2.02 -38.50 -30.08
C SER D 329 3.17 -38.16 -29.14
N GLN D 330 4.40 -38.42 -29.56
CA GLN D 330 5.50 -38.13 -28.68
C GLN D 330 5.82 -36.66 -28.59
N SER D 331 6.55 -36.32 -27.54
CA SER D 331 6.97 -34.97 -27.27
C SER D 331 8.39 -34.99 -26.75
N SER D 332 9.16 -33.98 -27.10
CA SER D 332 10.52 -33.89 -26.58
C SER D 332 10.52 -32.75 -25.58
N THR D 333 9.34 -32.18 -25.34
CA THR D 333 9.23 -31.09 -24.39
C THR D 333 8.20 -31.27 -23.28
N GLY D 334 8.02 -32.50 -22.84
CA GLY D 334 7.12 -32.73 -21.73
C GLY D 334 5.74 -33.14 -22.17
N THR D 335 4.89 -33.41 -21.19
CA THR D 335 3.53 -33.80 -21.50
C THR D 335 2.71 -32.58 -21.87
N VAL D 336 1.82 -32.77 -22.83
CA VAL D 336 0.91 -31.70 -23.21
C VAL D 336 -0.49 -32.27 -23.22
N MET D 337 -1.33 -31.78 -22.32
CA MET D 337 -2.71 -32.22 -22.26
C MET D 337 -3.41 -31.25 -23.21
N GLY D 338 -3.57 -31.70 -24.45
CA GLY D 338 -4.18 -30.88 -25.48
C GLY D 338 -5.69 -30.99 -25.58
N ALA D 339 -6.23 -30.54 -26.71
CA ALA D 339 -7.66 -30.56 -26.94
C ALA D 339 -8.23 -31.97 -26.81
N VAL D 340 -7.43 -32.98 -27.15
CA VAL D 340 -7.84 -34.37 -27.02
C VAL D 340 -8.34 -34.61 -25.61
N ILE D 341 -7.57 -34.14 -24.64
CA ILE D 341 -7.89 -34.30 -23.24
C ILE D 341 -9.01 -33.33 -22.85
N MET D 342 -8.80 -32.04 -23.13
CA MET D 342 -9.78 -31.02 -22.79
C MET D 342 -11.20 -31.23 -23.33
N GLU D 343 -11.37 -31.91 -24.46
CA GLU D 343 -12.71 -32.18 -24.98
C GLU D 343 -13.47 -33.15 -24.06
N GLY D 344 -12.76 -33.80 -23.15
CA GLY D 344 -13.49 -34.71 -22.26
C GLY D 344 -13.96 -34.00 -21.00
N PHE D 345 -13.37 -32.84 -20.72
CA PHE D 345 -13.66 -32.15 -19.47
C PHE D 345 -13.92 -30.65 -19.49
N TYR D 346 -14.54 -30.18 -18.40
CA TYR D 346 -14.77 -28.76 -18.18
C TYR D 346 -13.51 -28.43 -17.37
N VAL D 347 -12.70 -27.50 -17.86
CA VAL D 347 -11.45 -27.18 -17.18
C VAL D 347 -11.47 -25.75 -16.66
N VAL D 348 -11.23 -25.64 -15.37
CA VAL D 348 -11.25 -24.36 -14.68
C VAL D 348 -9.83 -23.89 -14.39
N PHE D 349 -9.43 -22.78 -15.00
CA PHE D 349 -8.10 -22.22 -14.77
C PHE D 349 -8.25 -21.18 -13.65
N ASP D 350 -8.19 -21.65 -12.41
CA ASP D 350 -8.38 -20.81 -11.24
C ASP D 350 -7.06 -20.13 -10.86
N ARG D 351 -6.73 -19.07 -11.59
CA ARG D 351 -5.49 -18.35 -11.36
C ARG D 351 -5.40 -17.74 -9.96
N ALA D 352 -6.54 -17.28 -9.44
CA ALA D 352 -6.59 -16.65 -8.12
C ALA D 352 -6.16 -17.60 -6.99
N ARG D 353 -6.52 -18.88 -7.11
CA ARG D 353 -6.13 -19.87 -6.10
C ARG D 353 -5.02 -20.81 -6.63
N LYS D 354 -4.40 -20.41 -7.73
CA LYS D 354 -3.29 -21.16 -8.31
C LYS D 354 -3.63 -22.65 -8.42
N ARG D 355 -4.72 -22.95 -9.10
CA ARG D 355 -5.12 -24.35 -9.27
C ARG D 355 -5.93 -24.52 -10.54
N ILE D 356 -6.03 -25.76 -11.00
CA ILE D 356 -6.78 -26.07 -12.23
C ILE D 356 -7.79 -27.13 -11.88
N GLY D 357 -9.06 -26.85 -12.17
CA GLY D 357 -10.12 -27.79 -11.86
C GLY D 357 -10.58 -28.60 -13.09
N PHE D 358 -10.95 -29.85 -12.83
CA PHE D 358 -11.44 -30.76 -13.88
C PHE D 358 -12.78 -31.38 -13.47
N ALA D 359 -13.74 -31.38 -14.39
CA ALA D 359 -15.01 -32.04 -14.16
C ALA D 359 -15.41 -32.66 -15.48
N VAL D 360 -16.22 -33.73 -15.43
CA VAL D 360 -16.67 -34.34 -16.68
C VAL D 360 -17.48 -33.34 -17.50
N SER D 361 -17.11 -33.17 -18.76
CA SER D 361 -17.83 -32.25 -19.62
C SER D 361 -19.23 -32.70 -20.05
N ALA D 362 -20.16 -31.75 -20.09
CA ALA D 362 -21.53 -32.06 -20.50
C ALA D 362 -21.60 -32.28 -22.01
N CYS D 363 -20.51 -32.00 -22.73
CA CYS D 363 -20.52 -32.22 -24.18
C CYS D 363 -19.54 -33.30 -24.64
N HIS D 364 -18.97 -34.08 -23.72
CA HIS D 364 -17.99 -35.05 -24.20
C HIS D 364 -18.66 -36.19 -24.96
N VAL D 365 -17.94 -36.69 -25.96
CA VAL D 365 -18.43 -37.77 -26.82
C VAL D 365 -18.21 -39.11 -26.15
N HIS D 366 -19.22 -39.95 -26.12
CA HIS D 366 -19.07 -41.25 -25.50
C HIS D 366 -20.03 -42.25 -26.16
N ASP D 367 -20.25 -43.40 -25.54
CA ASP D 367 -21.18 -44.38 -26.12
C ASP D 367 -22.03 -44.80 -24.94
N GLU D 368 -22.91 -45.79 -25.12
CA GLU D 368 -23.79 -46.23 -24.06
C GLU D 368 -23.13 -47.05 -22.96
N PHE D 369 -21.92 -47.52 -23.20
CA PHE D 369 -21.27 -48.37 -22.21
C PHE D 369 -20.22 -47.68 -21.32
N ARG D 370 -19.64 -46.57 -21.77
CA ARG D 370 -18.63 -45.89 -20.96
C ARG D 370 -18.70 -44.38 -21.15
N THR D 371 -18.24 -43.65 -20.14
CA THR D 371 -18.18 -42.21 -20.25
C THR D 371 -16.85 -41.75 -19.65
N ALA D 372 -16.45 -40.53 -19.97
CA ALA D 372 -15.22 -39.97 -19.39
C ALA D 372 -15.50 -39.83 -17.88
N ALA D 373 -14.46 -39.69 -17.07
CA ALA D 373 -14.67 -39.58 -15.64
C ALA D 373 -13.61 -38.76 -14.91
N VAL D 374 -14.01 -38.19 -13.78
CA VAL D 374 -13.09 -37.48 -12.90
C VAL D 374 -13.44 -38.10 -11.53
N GLU D 375 -12.50 -38.78 -10.90
CA GLU D 375 -12.78 -39.46 -9.64
C GLU D 375 -11.67 -39.30 -8.62
N GLY D 376 -12.03 -39.46 -7.36
CA GLY D 376 -11.04 -39.33 -6.29
C GLY D 376 -11.73 -39.40 -4.95
N PRO D 377 -10.99 -39.36 -3.85
CA PRO D 377 -9.53 -39.23 -3.84
C PRO D 377 -8.80 -40.56 -3.74
N PHE D 378 -7.48 -40.54 -3.98
CA PHE D 378 -6.67 -41.73 -3.85
C PHE D 378 -5.49 -41.35 -2.94
N VAL D 379 -5.18 -42.22 -2.00
CA VAL D 379 -4.07 -41.95 -1.11
C VAL D 379 -2.77 -42.15 -1.87
N THR D 380 -2.10 -41.04 -2.15
CA THR D 380 -0.85 -41.04 -2.91
C THR D 380 0.25 -40.32 -2.12
N LEU D 381 1.44 -40.91 -2.07
CA LEU D 381 2.55 -40.30 -1.33
C LEU D 381 3.67 -39.74 -2.21
N ASP D 382 4.47 -38.86 -1.60
CA ASP D 382 5.61 -38.19 -2.25
C ASP D 382 5.35 -37.79 -3.70
N MET D 383 4.21 -37.16 -3.91
CA MET D 383 3.85 -36.73 -5.24
C MET D 383 4.77 -35.58 -5.68
N GLU D 384 5.28 -34.85 -4.69
CA GLU D 384 6.19 -33.73 -4.97
C GLU D 384 7.41 -34.27 -5.75
N ASP D 385 7.77 -35.52 -5.49
CA ASP D 385 8.90 -36.14 -6.18
C ASP D 385 8.62 -36.44 -7.65
N CYS D 386 7.37 -36.33 -8.08
CA CYS D 386 7.03 -36.58 -9.46
C CYS D 386 7.43 -35.41 -10.34
N GLY D 387 7.58 -34.24 -9.72
CA GLY D 387 7.95 -33.06 -10.48
C GLY D 387 9.40 -33.08 -10.92
N TYR D 388 9.63 -32.64 -12.16
CA TYR D 388 10.97 -32.59 -12.70
C TYR D 388 11.63 -31.27 -12.34
N ASN D 389 12.95 -31.31 -12.13
CA ASN D 389 13.73 -30.12 -11.79
C ASN D 389 14.86 -29.99 -12.80
N TRP E 3 0.64 12.83 -10.89
CA TRP E 3 1.86 11.97 -10.79
C TRP E 3 2.93 12.55 -11.71
N TRP E 4 2.47 13.34 -12.69
CA TRP E 4 3.37 13.91 -13.67
C TRP E 4 4.59 14.68 -13.20
N SER E 5 5.74 14.07 -13.46
CA SER E 5 7.03 14.63 -13.13
C SER E 5 7.34 15.67 -14.20
N GLU E 6 8.40 16.43 -13.99
CA GLU E 6 8.84 17.44 -14.93
C GLU E 6 10.27 17.78 -14.59
N VAL E 7 11.17 17.77 -15.59
CA VAL E 7 12.56 18.13 -15.29
C VAL E 7 12.84 19.53 -15.77
N ASN E 8 13.68 20.25 -15.04
CA ASN E 8 14.04 21.61 -15.40
C ASN E 8 15.48 21.72 -14.98
C1 1OL E 9 17.77 17.25 -14.41
C2 1OL E 9 17.93 19.18 -12.81
C3 1OL E 9 17.50 18.75 -14.23
C4 1OL E 9 18.27 19.55 -15.29
N 1OL E 9 16.36 21.02 -15.71
CA 1OL E 9 17.78 21.01 -15.39
C6 1OL E 9 18.59 21.81 -16.40
O1 1OL E 9 18.51 21.21 -17.71
C7 1OL E 9 18.06 23.23 -16.47
C8 1OL E 9 19.11 24.25 -16.91
C9 1OL E 9 18.41 25.44 -17.58
C 1OL E 9 19.88 24.72 -15.68
O 1OL E 9 19.30 25.02 -14.65
N ALA E 10 21.21 24.75 -15.78
CA ALA E 10 22.01 25.23 -14.65
C ALA E 10 21.78 26.72 -14.44
N GLU E 11 21.76 27.14 -13.17
CA GLU E 11 21.60 28.56 -12.86
C GLU E 11 23.00 29.16 -13.00
N PHE E 12 23.09 30.37 -13.55
CA PHE E 12 24.39 31.02 -13.75
C PHE E 12 24.34 32.55 -13.58
N TRP F 3 6.15 -26.69 37.83
CA TRP F 3 5.03 -26.70 38.82
C TRP F 3 4.01 -25.60 38.51
N TRP F 4 3.49 -25.62 37.28
CA TRP F 4 2.47 -24.67 36.84
C TRP F 4 1.39 -25.46 36.09
N SER F 5 0.12 -25.10 36.30
CA SER F 5 -0.98 -25.80 35.66
C SER F 5 -2.06 -24.82 35.21
N GLU F 6 -3.09 -25.35 34.58
CA GLU F 6 -4.22 -24.54 34.13
C GLU F 6 -5.50 -25.30 34.34
N VAL F 7 -6.58 -24.56 34.56
CA VAL F 7 -7.88 -25.16 34.72
C VAL F 7 -8.64 -24.92 33.41
N ASN F 8 -9.41 -25.91 32.98
CA ASN F 8 -10.19 -25.80 31.78
C ASN F 8 -11.53 -26.46 32.05
C1 1OL F 9 -12.29 -26.99 36.96
C2 1OL F 9 -12.59 -28.69 35.12
C3 1OL F 9 -12.44 -27.20 35.45
C4 1OL F 9 -13.65 -26.43 34.89
N 1OL F 9 -12.31 -25.84 32.94
CA 1OL F 9 -13.60 -26.38 33.35
C6 1OL F 9 -14.80 -25.56 32.77
O1 1OL F 9 -14.79 -24.23 33.27
C7 1OL F 9 -14.71 -25.50 31.24
C8 1OL F 9 -16.07 -25.37 30.55
C9 1OL F 9 -15.88 -24.72 29.18
C 1OL F 9 -16.68 -26.77 30.39
O 1OL F 9 -15.97 -27.71 30.00
N ALA F 10 -17.96 -26.92 30.72
CA ALA F 10 -18.60 -28.22 30.53
C ALA F 10 -18.67 -28.52 29.04
N GLU F 11 -18.55 -29.81 28.68
CA GLU F 11 -18.69 -30.21 27.29
C GLU F 11 -20.20 -30.33 27.08
N PHE F 12 -20.67 -30.00 25.88
CA PHE F 12 -22.09 -30.12 25.58
C PHE F 12 -22.20 -30.49 24.11
N TRP G 3 2.53 17.26 -6.31
CA TRP G 3 2.96 18.56 -5.72
C TRP G 3 2.63 18.64 -4.23
N TRP G 4 3.31 19.55 -3.53
CA TRP G 4 3.09 19.77 -2.10
C TRP G 4 4.10 20.74 -1.50
N SER G 5 3.66 21.49 -0.50
CA SER G 5 4.47 22.49 0.18
C SER G 5 4.78 22.16 1.64
N GLU G 6 5.73 22.88 2.22
CA GLU G 6 6.08 22.70 3.60
C GLU G 6 6.69 24.00 4.16
N VAL G 7 6.30 24.41 5.37
CA VAL G 7 6.91 25.59 5.95
C VAL G 7 7.87 25.15 7.04
N ASN G 8 8.98 25.87 7.16
CA ASN G 8 9.98 25.55 8.17
C ASN G 8 10.52 26.89 8.63
C1 1OL G 9 7.44 30.74 7.28
C2 1OL G 9 9.95 30.60 7.05
C3 1OL G 9 8.70 29.96 7.70
C4 1OL G 9 8.89 29.96 9.23
N 1OL G 9 9.65 27.65 9.29
CA 1OL G 9 10.00 29.01 9.72
C6 1OL G 9 10.19 29.10 11.25
O1 1OL G 9 8.94 28.89 11.93
C7 1OL G 9 11.22 28.07 11.73
C8 1OL G 9 11.98 28.47 13.00
C9 1OL G 9 12.56 27.21 13.71
C 1OL G 9 13.13 29.40 12.62
O 1OL G 9 13.85 29.15 11.66
N ALA G 10 13.30 30.47 13.39
CA ALA G 10 14.40 31.38 13.11
C ALA G 10 15.71 30.68 13.42
N GLU G 11 16.77 31.04 12.71
CA GLU G 11 18.11 30.47 13.01
C GLU G 11 18.69 31.37 14.10
N PHE G 12 19.50 30.81 14.99
CA PHE G 12 20.10 31.64 16.06
C PHE G 12 21.50 31.13 16.34
N TRP H 3 -5.18 -30.52 -45.50
CA TRP H 3 -4.90 -31.95 -45.20
C TRP H 3 -6.03 -32.45 -44.30
N TRP H 4 -5.95 -32.07 -43.03
CA TRP H 4 -6.97 -32.38 -42.04
C TRP H 4 -6.71 -31.65 -40.74
N SER H 5 -5.43 -31.32 -40.46
CA SER H 5 -5.13 -30.57 -39.23
C SER H 5 -3.82 -30.70 -38.49
N GLU H 6 -3.99 -30.32 -37.23
CA GLU H 6 -3.08 -30.29 -36.11
C GLU H 6 -2.40 -28.98 -35.75
N VAL H 7 -2.72 -28.49 -34.56
CA VAL H 7 -2.13 -27.28 -34.04
C VAL H 7 -1.22 -27.68 -32.89
N ASN H 8 -0.09 -26.99 -32.77
CA ASN H 8 0.86 -27.24 -31.70
C ASN H 8 1.42 -25.90 -31.27
C1 1OL H 9 -1.55 -21.94 -32.82
C2 1OL H 9 0.89 -22.26 -32.98
C3 1OL H 9 -0.36 -22.81 -32.35
C4 1OL H 9 -0.19 -22.80 -30.81
N 1OL H 9 0.56 -25.11 -30.65
CA 1OL H 9 0.90 -23.76 -30.24
C6 1OL H 9 1.03 -23.61 -28.70
O1 1OL H 9 -0.23 -23.81 -28.06
C7 1OL H 9 2.03 -24.65 -28.17
C8 1OL H 9 2.81 -24.27 -26.92
C9 1OL H 9 3.42 -25.51 -26.27
C 1OL H 9 3.91 -23.32 -27.31
O 1OL H 9 4.63 -23.57 -28.29
N ALA H 10 4.06 -22.23 -26.56
CA ALA H 10 5.18 -21.32 -26.82
C ALA H 10 6.48 -22.04 -26.46
N GLU H 11 7.57 -21.74 -27.17
CA GLU H 11 8.86 -22.33 -26.85
C GLU H 11 9.40 -21.44 -25.73
N PHE H 12 10.21 -21.97 -24.84
CA PHE H 12 10.75 -21.14 -23.78
C PHE H 12 12.20 -21.55 -23.59
#